data_1QKK
# 
_entry.id   1QKK 
# 
_audit_conform.dict_name       mmcif_pdbx.dic 
_audit_conform.dict_version    5.391 
_audit_conform.dict_location   http://mmcif.pdb.org/dictionaries/ascii/mmcif_pdbx.dic 
# 
loop_
_database_2.database_id 
_database_2.database_code 
_database_2.pdbx_database_accession 
_database_2.pdbx_DOI 
PDB   1QKK         pdb_00001qkk 10.2210/pdb1qkk/pdb 
PDBE  EBI-2821     ?            ?                   
WWPDB D_1290002821 ?            ?                   
# 
loop_
_pdbx_audit_revision_history.ordinal 
_pdbx_audit_revision_history.data_content_type 
_pdbx_audit_revision_history.major_revision 
_pdbx_audit_revision_history.minor_revision 
_pdbx_audit_revision_history.revision_date 
1 'Structure model' 1 0 2000-07-30 
2 'Structure model' 1 1 2011-05-08 
3 'Structure model' 1 2 2011-07-13 
4 'Structure model' 1 3 2019-10-09 
5 'Structure model' 1 4 2024-05-08 
# 
_pdbx_audit_revision_details.ordinal             1 
_pdbx_audit_revision_details.revision_ordinal    1 
_pdbx_audit_revision_details.data_content_type   'Structure model' 
_pdbx_audit_revision_details.provider            repository 
_pdbx_audit_revision_details.type                'Initial release' 
_pdbx_audit_revision_details.description         ? 
_pdbx_audit_revision_details.details             ? 
# 
loop_
_pdbx_audit_revision_group.ordinal 
_pdbx_audit_revision_group.revision_ordinal 
_pdbx_audit_revision_group.data_content_type 
_pdbx_audit_revision_group.group 
1 2 'Structure model' 'Version format compliance' 
2 3 'Structure model' 'Version format compliance' 
3 4 'Structure model' 'Data collection'           
4 4 'Structure model' 'Database references'       
5 5 'Structure model' 'Data collection'           
6 5 'Structure model' 'Database references'       
# 
loop_
_pdbx_audit_revision_category.ordinal 
_pdbx_audit_revision_category.revision_ordinal 
_pdbx_audit_revision_category.data_content_type 
_pdbx_audit_revision_category.category 
1 4 'Structure model' citation        
2 4 'Structure model' citation_author 
3 5 'Structure model' chem_comp_atom  
4 5 'Structure model' chem_comp_bond  
5 5 'Structure model' database_2      
# 
loop_
_pdbx_audit_revision_item.ordinal 
_pdbx_audit_revision_item.revision_ordinal 
_pdbx_audit_revision_item.data_content_type 
_pdbx_audit_revision_item.item 
1 4 'Structure model' '_citation.page_last'                 
2 4 'Structure model' '_citation.pdbx_database_id_DOI'      
3 4 'Structure model' '_citation.title'                     
4 5 'Structure model' '_database_2.pdbx_DOI'                
5 5 'Structure model' '_database_2.pdbx_database_accession' 
# 
_pdbx_database_status.status_code                     REL 
_pdbx_database_status.entry_id                        1QKK 
_pdbx_database_status.deposit_site                    PDBE 
_pdbx_database_status.process_site                    PDBE 
_pdbx_database_status.SG_entry                        . 
_pdbx_database_status.recvd_initial_deposition_date   1999-07-23 
_pdbx_database_status.pdb_format_compatible           Y 
_pdbx_database_status.status_code_sf                  ? 
_pdbx_database_status.status_code_mr                  ? 
_pdbx_database_status.status_code_cs                  ? 
_pdbx_database_status.methods_development_category    ? 
_pdbx_database_status.status_code_nmr_data            ? 
# 
loop_
_audit_author.name 
_audit_author.pdbx_ordinal 
'Meyer, M.G.'   1  
'Park, S.'      2  
'Zeringue, L.'  3  
'Staley, M.'    4  
'Mckinstry, M.' 5  
'Kaufman, R.I.' 6  
'Zhang, H.'     7  
'Yan, D.'       8  
'Yennawar, N.'  9  
'Farber, G.K.'  10 
'Nixon, B.T.'   11 
# 
loop_
_citation.id 
_citation.title 
_citation.journal_abbrev 
_citation.journal_volume 
_citation.page_first 
_citation.page_last 
_citation.year 
_citation.journal_id_ASTM 
_citation.country 
_citation.journal_id_ISSN 
_citation.journal_id_CSD 
_citation.book_publisher 
_citation.pdbx_database_id_PubMed 
_citation.pdbx_database_id_DOI 
primary 'A dimeric two-component receiver domain inhibits the sigma54-dependent ATPase in DctD.' 'Faseb J.' 15  1326 1328 2001 
FAJOEC US 0892-6638 2074 ? 11344129 10.1096/fj.00-0516fje        
1       'Crystallographic R Factor Refinement by Molecular Dynamics'                             Science    235 458  ?    1987 
SCIEAS US 0036-8075 0038 ? 17810339 10.1126/SCIENCE.235.4787.458 
# 
loop_
_citation_author.citation_id 
_citation_author.name 
_citation_author.ordinal 
_citation_author.identifier_ORCID 
primary 'Meyer, M.G.'   1  ? 
primary 'Park, S.'      2  ? 
primary 'Zeringue, L.'  3  ? 
primary 'Staley, M.'    4  ? 
primary 'McKinstry, M.' 5  ? 
primary 'Kaufman, R.I.' 6  ? 
primary 'Zhang, H.'     7  ? 
primary 'Yan, D.'       8  ? 
primary 'Yennawar, N.'  9  ? 
primary 'Yennawar, H.'  10 ? 
primary 'Farber, G.K.'  11 ? 
primary 'Nixon, B.T.'   12 ? 
1       'Brunger, A.T.' 13 ? 
1       'Kuriyan, J.'   14 ? 
1       'Karplus, M.'   15 ? 
# 
loop_
_entity.id 
_entity.type 
_entity.src_method 
_entity.pdbx_description 
_entity.formula_weight 
_entity.pdbx_number_of_molecules 
_entity.pdbx_ec 
_entity.pdbx_mutation 
_entity.pdbx_fragment 
_entity.details 
1 polymer man 'C4-DICARBOXYLATE TRANSPORT TRANSCRIPTIONAL REGULATORY PROTEIN' 16821.260 1   ? ? 
'RESIDUES 2 TO 143, RECEIVER DOMAIN' 
;THE PROTEIN WAS EXPRESSED WITH THE C-TERMINAL HIS-TAG, KLAAALEHHHHHH. COORDINATES ARE SUBMITTED ONLY FOR THE MONOMER, WHICH COMPRISES THE COMPLETE ASYMMETRIC UNIT.
;
2 water   nat water                                                           18.015    204 ? ? ? ? 
# 
_entity_name_com.entity_id   1 
_entity_name_com.name        DCTD 
# 
_entity_poly.entity_id                      1 
_entity_poly.type                           'polypeptide(L)' 
_entity_poly.nstd_linkage                   no 
_entity_poly.nstd_monomer                   no 
_entity_poly.pdbx_seq_one_letter_code       
;SAAPSVFLIDDDRDLRKAMQQTLELAGFTVSSFASATEALAGLSADFAGIVISDIRMPGMDGLALFRKILALDPDLPMIL
VTGHGDIPMAVQAIQDGAYDFIAKPFAADRLVQSARRAEEKRRLVMENRSLRRAAEAASEGLKLAAALEHHHHHH
;
_entity_poly.pdbx_seq_one_letter_code_can   
;SAAPSVFLIDDDRDLRKAMQQTLELAGFTVSSFASATEALAGLSADFAGIVISDIRMPGMDGLALFRKILALDPDLPMIL
VTGHGDIPMAVQAIQDGAYDFIAKPFAADRLVQSARRAEEKRRLVMENRSLRRAAEAASEGLKLAAALEHHHHHH
;
_entity_poly.pdbx_strand_id                 A 
_entity_poly.pdbx_target_identifier         ? 
# 
_pdbx_entity_nonpoly.entity_id   2 
_pdbx_entity_nonpoly.name        water 
_pdbx_entity_nonpoly.comp_id     HOH 
# 
loop_
_entity_poly_seq.entity_id 
_entity_poly_seq.num 
_entity_poly_seq.mon_id 
_entity_poly_seq.hetero 
1 1   SER n 
1 2   ALA n 
1 3   ALA n 
1 4   PRO n 
1 5   SER n 
1 6   VAL n 
1 7   PHE n 
1 8   LEU n 
1 9   ILE n 
1 10  ASP n 
1 11  ASP n 
1 12  ASP n 
1 13  ARG n 
1 14  ASP n 
1 15  LEU n 
1 16  ARG n 
1 17  LYS n 
1 18  ALA n 
1 19  MET n 
1 20  GLN n 
1 21  GLN n 
1 22  THR n 
1 23  LEU n 
1 24  GLU n 
1 25  LEU n 
1 26  ALA n 
1 27  GLY n 
1 28  PHE n 
1 29  THR n 
1 30  VAL n 
1 31  SER n 
1 32  SER n 
1 33  PHE n 
1 34  ALA n 
1 35  SER n 
1 36  ALA n 
1 37  THR n 
1 38  GLU n 
1 39  ALA n 
1 40  LEU n 
1 41  ALA n 
1 42  GLY n 
1 43  LEU n 
1 44  SER n 
1 45  ALA n 
1 46  ASP n 
1 47  PHE n 
1 48  ALA n 
1 49  GLY n 
1 50  ILE n 
1 51  VAL n 
1 52  ILE n 
1 53  SER n 
1 54  ASP n 
1 55  ILE n 
1 56  ARG n 
1 57  MET n 
1 58  PRO n 
1 59  GLY n 
1 60  MET n 
1 61  ASP n 
1 62  GLY n 
1 63  LEU n 
1 64  ALA n 
1 65  LEU n 
1 66  PHE n 
1 67  ARG n 
1 68  LYS n 
1 69  ILE n 
1 70  LEU n 
1 71  ALA n 
1 72  LEU n 
1 73  ASP n 
1 74  PRO n 
1 75  ASP n 
1 76  LEU n 
1 77  PRO n 
1 78  MET n 
1 79  ILE n 
1 80  LEU n 
1 81  VAL n 
1 82  THR n 
1 83  GLY n 
1 84  HIS n 
1 85  GLY n 
1 86  ASP n 
1 87  ILE n 
1 88  PRO n 
1 89  MET n 
1 90  ALA n 
1 91  VAL n 
1 92  GLN n 
1 93  ALA n 
1 94  ILE n 
1 95  GLN n 
1 96  ASP n 
1 97  GLY n 
1 98  ALA n 
1 99  TYR n 
1 100 ASP n 
1 101 PHE n 
1 102 ILE n 
1 103 ALA n 
1 104 LYS n 
1 105 PRO n 
1 106 PHE n 
1 107 ALA n 
1 108 ALA n 
1 109 ASP n 
1 110 ARG n 
1 111 LEU n 
1 112 VAL n 
1 113 GLN n 
1 114 SER n 
1 115 ALA n 
1 116 ARG n 
1 117 ARG n 
1 118 ALA n 
1 119 GLU n 
1 120 GLU n 
1 121 LYS n 
1 122 ARG n 
1 123 ARG n 
1 124 LEU n 
1 125 VAL n 
1 126 MET n 
1 127 GLU n 
1 128 ASN n 
1 129 ARG n 
1 130 SER n 
1 131 LEU n 
1 132 ARG n 
1 133 ARG n 
1 134 ALA n 
1 135 ALA n 
1 136 GLU n 
1 137 ALA n 
1 138 ALA n 
1 139 SER n 
1 140 GLU n 
1 141 GLY n 
1 142 LEU n 
1 143 LYS n 
1 144 LEU n 
1 145 ALA n 
1 146 ALA n 
1 147 ALA n 
1 148 LEU n 
1 149 GLU n 
1 150 HIS n 
1 151 HIS n 
1 152 HIS n 
1 153 HIS n 
1 154 HIS n 
1 155 HIS n 
# 
_entity_src_gen.entity_id                          1 
_entity_src_gen.pdbx_src_id                        1 
_entity_src_gen.pdbx_alt_source_flag               sample 
_entity_src_gen.pdbx_seq_type                      ? 
_entity_src_gen.pdbx_beg_seq_num                   ? 
_entity_src_gen.pdbx_end_seq_num                   ? 
_entity_src_gen.gene_src_common_name               ? 
_entity_src_gen.gene_src_genus                     ? 
_entity_src_gen.pdbx_gene_src_gene                 ? 
_entity_src_gen.gene_src_species                   ? 
_entity_src_gen.gene_src_strain                    'N.A. 1021' 
_entity_src_gen.gene_src_tissue                    ? 
_entity_src_gen.gene_src_tissue_fraction           ? 
_entity_src_gen.gene_src_details                   ? 
_entity_src_gen.pdbx_gene_src_fragment             ? 
_entity_src_gen.pdbx_gene_src_scientific_name      'SINORHIZOBIUM MELILOTI' 
_entity_src_gen.pdbx_gene_src_ncbi_taxonomy_id     382 
_entity_src_gen.pdbx_gene_src_variant              ? 
_entity_src_gen.pdbx_gene_src_cell_line            ? 
_entity_src_gen.pdbx_gene_src_atcc                 ? 
_entity_src_gen.pdbx_gene_src_organ                ? 
_entity_src_gen.pdbx_gene_src_organelle            ? 
_entity_src_gen.pdbx_gene_src_cell                 ? 
_entity_src_gen.pdbx_gene_src_cellular_location    ? 
_entity_src_gen.host_org_common_name               ? 
_entity_src_gen.pdbx_host_org_scientific_name      'ESCHERICHIA COLI' 
_entity_src_gen.pdbx_host_org_ncbi_taxonomy_id     562 
_entity_src_gen.host_org_genus                     ? 
_entity_src_gen.pdbx_host_org_gene                 ? 
_entity_src_gen.pdbx_host_org_organ                ? 
_entity_src_gen.host_org_species                   ? 
_entity_src_gen.pdbx_host_org_tissue               ? 
_entity_src_gen.pdbx_host_org_tissue_fraction      ? 
_entity_src_gen.pdbx_host_org_strain               B834 
_entity_src_gen.pdbx_host_org_variant              'B834 PLYSS' 
_entity_src_gen.pdbx_host_org_cell_line            ? 
_entity_src_gen.pdbx_host_org_atcc                 ? 
_entity_src_gen.pdbx_host_org_culture_collection   ? 
_entity_src_gen.pdbx_host_org_cell                 ? 
_entity_src_gen.pdbx_host_org_organelle            ? 
_entity_src_gen.pdbx_host_org_cellular_location    ? 
_entity_src_gen.pdbx_host_org_vector_type          PLASMID 
_entity_src_gen.pdbx_host_org_vector               ? 
_entity_src_gen.host_org_details                   ? 
_entity_src_gen.expression_system_id               ? 
_entity_src_gen.plasmid_name                       PET21A 
_entity_src_gen.plasmid_details                    ? 
_entity_src_gen.pdbx_description                   ? 
# 
loop_
_chem_comp.id 
_chem_comp.type 
_chem_comp.mon_nstd_flag 
_chem_comp.name 
_chem_comp.pdbx_synonyms 
_chem_comp.formula 
_chem_comp.formula_weight 
ALA 'L-peptide linking' y ALANINE         ? 'C3 H7 N O2'     89.093  
ARG 'L-peptide linking' y ARGININE        ? 'C6 H15 N4 O2 1' 175.209 
ASN 'L-peptide linking' y ASPARAGINE      ? 'C4 H8 N2 O3'    132.118 
ASP 'L-peptide linking' y 'ASPARTIC ACID' ? 'C4 H7 N O4'     133.103 
GLN 'L-peptide linking' y GLUTAMINE       ? 'C5 H10 N2 O3'   146.144 
GLU 'L-peptide linking' y 'GLUTAMIC ACID' ? 'C5 H9 N O4'     147.129 
GLY 'peptide linking'   y GLYCINE         ? 'C2 H5 N O2'     75.067  
HIS 'L-peptide linking' y HISTIDINE       ? 'C6 H10 N3 O2 1' 156.162 
HOH non-polymer         . WATER           ? 'H2 O'           18.015  
ILE 'L-peptide linking' y ISOLEUCINE      ? 'C6 H13 N O2'    131.173 
LEU 'L-peptide linking' y LEUCINE         ? 'C6 H13 N O2'    131.173 
LYS 'L-peptide linking' y LYSINE          ? 'C6 H15 N2 O2 1' 147.195 
MET 'L-peptide linking' y METHIONINE      ? 'C5 H11 N O2 S'  149.211 
PHE 'L-peptide linking' y PHENYLALANINE   ? 'C9 H11 N O2'    165.189 
PRO 'L-peptide linking' y PROLINE         ? 'C5 H9 N O2'     115.130 
SER 'L-peptide linking' y SERINE          ? 'C3 H7 N O3'     105.093 
THR 'L-peptide linking' y THREONINE       ? 'C4 H9 N O3'     119.119 
TYR 'L-peptide linking' y TYROSINE        ? 'C9 H11 N O3'    181.189 
VAL 'L-peptide linking' y VALINE          ? 'C5 H11 N O2'    117.146 
# 
loop_
_pdbx_poly_seq_scheme.asym_id 
_pdbx_poly_seq_scheme.entity_id 
_pdbx_poly_seq_scheme.seq_id 
_pdbx_poly_seq_scheme.mon_id 
_pdbx_poly_seq_scheme.ndb_seq_num 
_pdbx_poly_seq_scheme.pdb_seq_num 
_pdbx_poly_seq_scheme.auth_seq_num 
_pdbx_poly_seq_scheme.pdb_mon_id 
_pdbx_poly_seq_scheme.auth_mon_id 
_pdbx_poly_seq_scheme.pdb_strand_id 
_pdbx_poly_seq_scheme.pdb_ins_code 
_pdbx_poly_seq_scheme.hetero 
A 1 1   SER 1   2   ?   ?   ?   A . n 
A 1 2   ALA 2   3   ?   ?   ?   A . n 
A 1 3   ALA 3   4   ?   ?   ?   A . n 
A 1 4   PRO 4   5   5   PRO PRO A . n 
A 1 5   SER 5   6   6   SER SER A . n 
A 1 6   VAL 6   7   7   VAL VAL A . n 
A 1 7   PHE 7   8   8   PHE PHE A . n 
A 1 8   LEU 8   9   9   LEU LEU A . n 
A 1 9   ILE 9   10  10  ILE ILE A . n 
A 1 10  ASP 10  11  11  ASP ASP A . n 
A 1 11  ASP 11  12  12  ASP ASP A . n 
A 1 12  ASP 12  13  13  ASP ASP A . n 
A 1 13  ARG 13  14  14  ARG ARG A . n 
A 1 14  ASP 14  15  15  ASP ASP A . n 
A 1 15  LEU 15  16  16  LEU LEU A . n 
A 1 16  ARG 16  17  17  ARG ARG A . n 
A 1 17  LYS 17  18  18  LYS LYS A . n 
A 1 18  ALA 18  19  19  ALA ALA A . n 
A 1 19  MET 19  20  20  MET MET A . n 
A 1 20  GLN 20  21  21  GLN GLN A . n 
A 1 21  GLN 21  22  22  GLN GLN A . n 
A 1 22  THR 22  23  23  THR THR A . n 
A 1 23  LEU 23  24  24  LEU LEU A . n 
A 1 24  GLU 24  25  25  GLU GLU A . n 
A 1 25  LEU 25  26  26  LEU LEU A . n 
A 1 26  ALA 26  27  27  ALA ALA A . n 
A 1 27  GLY 27  28  28  GLY GLY A . n 
A 1 28  PHE 28  29  29  PHE PHE A . n 
A 1 29  THR 29  30  30  THR THR A . n 
A 1 30  VAL 30  31  31  VAL VAL A . n 
A 1 31  SER 31  32  32  SER SER A . n 
A 1 32  SER 32  33  33  SER SER A . n 
A 1 33  PHE 33  34  34  PHE PHE A . n 
A 1 34  ALA 34  35  35  ALA ALA A . n 
A 1 35  SER 35  36  36  SER SER A . n 
A 1 36  ALA 36  37  37  ALA ALA A . n 
A 1 37  THR 37  38  38  THR THR A . n 
A 1 38  GLU 38  39  39  GLU GLU A . n 
A 1 39  ALA 39  40  40  ALA ALA A . n 
A 1 40  LEU 40  41  41  LEU LEU A . n 
A 1 41  ALA 41  42  42  ALA ALA A . n 
A 1 42  GLY 42  43  43  GLY GLY A . n 
A 1 43  LEU 43  44  44  LEU LEU A . n 
A 1 44  SER 44  45  45  SER SER A . n 
A 1 45  ALA 45  46  46  ALA ALA A . n 
A 1 46  ASP 46  47  47  ASP ASP A . n 
A 1 47  PHE 47  48  48  PHE PHE A . n 
A 1 48  ALA 48  49  49  ALA ALA A . n 
A 1 49  GLY 49  50  50  GLY GLY A . n 
A 1 50  ILE 50  51  51  ILE ILE A . n 
A 1 51  VAL 51  52  52  VAL VAL A . n 
A 1 52  ILE 52  53  53  ILE ILE A . n 
A 1 53  SER 53  54  54  SER SER A . n 
A 1 54  ASP 54  55  55  ASP ASP A . n 
A 1 55  ILE 55  56  56  ILE ILE A . n 
A 1 56  ARG 56  57  57  ARG ARG A . n 
A 1 57  MET 57  58  58  MET MET A . n 
A 1 58  PRO 58  59  59  PRO PRO A . n 
A 1 59  GLY 59  60  60  GLY GLY A . n 
A 1 60  MET 60  61  61  MET MET A . n 
A 1 61  ASP 61  62  62  ASP ASP A . n 
A 1 62  GLY 62  63  63  GLY GLY A . n 
A 1 63  LEU 63  64  64  LEU LEU A . n 
A 1 64  ALA 64  65  65  ALA ALA A . n 
A 1 65  LEU 65  66  66  LEU LEU A . n 
A 1 66  PHE 66  67  67  PHE PHE A . n 
A 1 67  ARG 67  68  68  ARG ARG A . n 
A 1 68  LYS 68  69  69  LYS LYS A . n 
A 1 69  ILE 69  70  70  ILE ILE A . n 
A 1 70  LEU 70  71  71  LEU LEU A . n 
A 1 71  ALA 71  72  72  ALA ALA A . n 
A 1 72  LEU 72  73  73  LEU LEU A . n 
A 1 73  ASP 73  74  74  ASP ASP A . n 
A 1 74  PRO 74  75  75  PRO PRO A . n 
A 1 75  ASP 75  76  76  ASP ASP A . n 
A 1 76  LEU 76  77  77  LEU LEU A . n 
A 1 77  PRO 77  78  78  PRO PRO A . n 
A 1 78  MET 78  79  79  MET MET A . n 
A 1 79  ILE 79  80  80  ILE ILE A . n 
A 1 80  LEU 80  81  81  LEU LEU A . n 
A 1 81  VAL 81  82  82  VAL VAL A . n 
A 1 82  THR 82  83  83  THR THR A . n 
A 1 83  GLY 83  84  84  GLY GLY A . n 
A 1 84  HIS 84  85  85  HIS HIS A . n 
A 1 85  GLY 85  86  86  GLY GLY A . n 
A 1 86  ASP 86  87  87  ASP ASP A . n 
A 1 87  ILE 87  88  88  ILE ILE A . n 
A 1 88  PRO 88  89  89  PRO PRO A . n 
A 1 89  MET 89  90  90  MET MET A . n 
A 1 90  ALA 90  91  91  ALA ALA A . n 
A 1 91  VAL 91  92  92  VAL VAL A . n 
A 1 92  GLN 92  93  93  GLN GLN A . n 
A 1 93  ALA 93  94  94  ALA ALA A . n 
A 1 94  ILE 94  95  95  ILE ILE A . n 
A 1 95  GLN 95  96  96  GLN GLN A . n 
A 1 96  ASP 96  97  97  ASP ASP A . n 
A 1 97  GLY 97  98  98  GLY GLY A . n 
A 1 98  ALA 98  99  99  ALA ALA A . n 
A 1 99  TYR 99  100 100 TYR TYR A . n 
A 1 100 ASP 100 101 101 ASP ASP A . n 
A 1 101 PHE 101 102 102 PHE PHE A . n 
A 1 102 ILE 102 103 103 ILE ILE A . n 
A 1 103 ALA 103 104 104 ALA ALA A . n 
A 1 104 LYS 104 105 105 LYS LYS A . n 
A 1 105 PRO 105 106 106 PRO PRO A . n 
A 1 106 PHE 106 107 107 PHE PHE A . n 
A 1 107 ALA 107 108 108 ALA ALA A . n 
A 1 108 ALA 108 109 109 ALA ALA A . n 
A 1 109 ASP 109 110 110 ASP ASP A . n 
A 1 110 ARG 110 111 111 ARG ARG A . n 
A 1 111 LEU 111 112 112 LEU LEU A . n 
A 1 112 VAL 112 113 113 VAL VAL A . n 
A 1 113 GLN 113 114 114 GLN GLN A . n 
A 1 114 SER 114 115 115 SER SER A . n 
A 1 115 ALA 115 116 116 ALA ALA A . n 
A 1 116 ARG 116 117 117 ARG ARG A . n 
A 1 117 ARG 117 118 118 ARG ARG A . n 
A 1 118 ALA 118 119 119 ALA ALA A . n 
A 1 119 GLU 119 120 120 GLU GLU A . n 
A 1 120 GLU 120 121 121 GLU GLU A . n 
A 1 121 LYS 121 122 122 LYS LYS A . n 
A 1 122 ARG 122 123 123 ARG ARG A . n 
A 1 123 ARG 123 124 124 ARG ARG A . n 
A 1 124 LEU 124 125 125 LEU LEU A . n 
A 1 125 VAL 125 126 126 VAL VAL A . n 
A 1 126 MET 126 127 127 MET MET A . n 
A 1 127 GLU 127 128 128 GLU GLU A . n 
A 1 128 ASN 128 129 129 ASN ASN A . n 
A 1 129 ARG 129 130 130 ARG ARG A . n 
A 1 130 SER 130 131 131 SER SER A . n 
A 1 131 LEU 131 132 132 LEU LEU A . n 
A 1 132 ARG 132 133 133 ARG ARG A . n 
A 1 133 ARG 133 134 134 ARG ARG A . n 
A 1 134 ALA 134 135 135 ALA ALA A . n 
A 1 135 ALA 135 136 136 ALA ALA A . n 
A 1 136 GLU 136 137 137 GLU GLU A . n 
A 1 137 ALA 137 138 138 ALA ALA A . n 
A 1 138 ALA 138 139 139 ALA ALA A . n 
A 1 139 SER 139 140 140 SER SER A . n 
A 1 140 GLU 140 141 141 GLU GLU A . n 
A 1 141 GLY 141 142 142 GLY GLY A . n 
A 1 142 LEU 142 143 143 LEU LEU A . n 
A 1 143 LYS 143 144 144 LYS LYS A . n 
A 1 144 LEU 144 145 ?   ?   ?   A . n 
A 1 145 ALA 145 146 ?   ?   ?   A . n 
A 1 146 ALA 146 147 ?   ?   ?   A . n 
A 1 147 ALA 147 148 ?   ?   ?   A . n 
A 1 148 LEU 148 149 ?   ?   ?   A . n 
A 1 149 GLU 149 150 ?   ?   ?   A . n 
A 1 150 HIS 150 151 ?   ?   ?   A . n 
A 1 151 HIS 151 152 ?   ?   ?   A . n 
A 1 152 HIS 152 153 ?   ?   ?   A . n 
A 1 153 HIS 153 154 ?   ?   ?   A . n 
A 1 154 HIS 154 155 ?   ?   ?   A . n 
A 1 155 HIS 155 156 ?   ?   ?   A . n 
# 
loop_
_pdbx_nonpoly_scheme.asym_id 
_pdbx_nonpoly_scheme.entity_id 
_pdbx_nonpoly_scheme.mon_id 
_pdbx_nonpoly_scheme.ndb_seq_num 
_pdbx_nonpoly_scheme.pdb_seq_num 
_pdbx_nonpoly_scheme.auth_seq_num 
_pdbx_nonpoly_scheme.pdb_mon_id 
_pdbx_nonpoly_scheme.auth_mon_id 
_pdbx_nonpoly_scheme.pdb_strand_id 
_pdbx_nonpoly_scheme.pdb_ins_code 
B 2 HOH 1   2001 2001 HOH HOH A . 
B 2 HOH 2   2002 2002 HOH HOH A . 
B 2 HOH 3   2003 2003 HOH HOH A . 
B 2 HOH 4   2004 2004 HOH HOH A . 
B 2 HOH 5   2005 2005 HOH HOH A . 
B 2 HOH 6   2006 2006 HOH HOH A . 
B 2 HOH 7   2007 2007 HOH HOH A . 
B 2 HOH 8   2008 2008 HOH HOH A . 
B 2 HOH 9   2009 2009 HOH HOH A . 
B 2 HOH 10  2010 2010 HOH HOH A . 
B 2 HOH 11  2011 2011 HOH HOH A . 
B 2 HOH 12  2012 2012 HOH HOH A . 
B 2 HOH 13  2013 2013 HOH HOH A . 
B 2 HOH 14  2014 2014 HOH HOH A . 
B 2 HOH 15  2015 2015 HOH HOH A . 
B 2 HOH 16  2016 2016 HOH HOH A . 
B 2 HOH 17  2017 2017 HOH HOH A . 
B 2 HOH 18  2018 2018 HOH HOH A . 
B 2 HOH 19  2019 2019 HOH HOH A . 
B 2 HOH 20  2020 2020 HOH HOH A . 
B 2 HOH 21  2021 2021 HOH HOH A . 
B 2 HOH 22  2022 2022 HOH HOH A . 
B 2 HOH 23  2023 2023 HOH HOH A . 
B 2 HOH 24  2024 2024 HOH HOH A . 
B 2 HOH 25  2025 2025 HOH HOH A . 
B 2 HOH 26  2026 2026 HOH HOH A . 
B 2 HOH 27  2027 2027 HOH HOH A . 
B 2 HOH 28  2028 2028 HOH HOH A . 
B 2 HOH 29  2029 2029 HOH HOH A . 
B 2 HOH 30  2030 2030 HOH HOH A . 
B 2 HOH 31  2031 2031 HOH HOH A . 
B 2 HOH 32  2032 2032 HOH HOH A . 
B 2 HOH 33  2033 2033 HOH HOH A . 
B 2 HOH 34  2034 2034 HOH HOH A . 
B 2 HOH 35  2035 2035 HOH HOH A . 
B 2 HOH 36  2036 2036 HOH HOH A . 
B 2 HOH 37  2037 2037 HOH HOH A . 
B 2 HOH 38  2038 2038 HOH HOH A . 
B 2 HOH 39  2039 2039 HOH HOH A . 
B 2 HOH 40  2040 2040 HOH HOH A . 
B 2 HOH 41  2041 2041 HOH HOH A . 
B 2 HOH 42  2042 2042 HOH HOH A . 
B 2 HOH 43  2043 2043 HOH HOH A . 
B 2 HOH 44  2044 2044 HOH HOH A . 
B 2 HOH 45  2045 2045 HOH HOH A . 
B 2 HOH 46  2046 2046 HOH HOH A . 
B 2 HOH 47  2047 2047 HOH HOH A . 
B 2 HOH 48  2048 2048 HOH HOH A . 
B 2 HOH 49  2049 2049 HOH HOH A . 
B 2 HOH 50  2050 2050 HOH HOH A . 
B 2 HOH 51  2051 2051 HOH HOH A . 
B 2 HOH 52  2052 2052 HOH HOH A . 
B 2 HOH 53  2053 2053 HOH HOH A . 
B 2 HOH 54  2054 2054 HOH HOH A . 
B 2 HOH 55  2055 2055 HOH HOH A . 
B 2 HOH 56  2056 2056 HOH HOH A . 
B 2 HOH 57  2057 2057 HOH HOH A . 
B 2 HOH 58  2058 2058 HOH HOH A . 
B 2 HOH 59  2059 2059 HOH HOH A . 
B 2 HOH 60  2060 2060 HOH HOH A . 
B 2 HOH 61  2061 2061 HOH HOH A . 
B 2 HOH 62  2062 2062 HOH HOH A . 
B 2 HOH 63  2063 2063 HOH HOH A . 
B 2 HOH 64  2064 2064 HOH HOH A . 
B 2 HOH 65  2065 2065 HOH HOH A . 
B 2 HOH 66  2066 2066 HOH HOH A . 
B 2 HOH 67  2067 2067 HOH HOH A . 
B 2 HOH 68  2068 2068 HOH HOH A . 
B 2 HOH 69  2069 2069 HOH HOH A . 
B 2 HOH 70  2070 2070 HOH HOH A . 
B 2 HOH 71  2071 2071 HOH HOH A . 
B 2 HOH 72  2072 2072 HOH HOH A . 
B 2 HOH 73  2073 2073 HOH HOH A . 
B 2 HOH 74  2074 2074 HOH HOH A . 
B 2 HOH 75  2075 2075 HOH HOH A . 
B 2 HOH 76  2076 2076 HOH HOH A . 
B 2 HOH 77  2077 2077 HOH HOH A . 
B 2 HOH 78  2078 2078 HOH HOH A . 
B 2 HOH 79  2079 2079 HOH HOH A . 
B 2 HOH 80  2080 2080 HOH HOH A . 
B 2 HOH 81  2081 2081 HOH HOH A . 
B 2 HOH 82  2082 2082 HOH HOH A . 
B 2 HOH 83  2083 2083 HOH HOH A . 
B 2 HOH 84  2084 2084 HOH HOH A . 
B 2 HOH 85  2085 2085 HOH HOH A . 
B 2 HOH 86  2086 2086 HOH HOH A . 
B 2 HOH 87  2087 2087 HOH HOH A . 
B 2 HOH 88  2088 2088 HOH HOH A . 
B 2 HOH 89  2089 2089 HOH HOH A . 
B 2 HOH 90  2090 2090 HOH HOH A . 
B 2 HOH 91  2091 2091 HOH HOH A . 
B 2 HOH 92  2092 2092 HOH HOH A . 
B 2 HOH 93  2093 2093 HOH HOH A . 
B 2 HOH 94  2094 2094 HOH HOH A . 
B 2 HOH 95  2095 2095 HOH HOH A . 
B 2 HOH 96  2096 2096 HOH HOH A . 
B 2 HOH 97  2097 2097 HOH HOH A . 
B 2 HOH 98  2098 2098 HOH HOH A . 
B 2 HOH 99  2099 2099 HOH HOH A . 
B 2 HOH 100 2100 2100 HOH HOH A . 
B 2 HOH 101 2101 2101 HOH HOH A . 
B 2 HOH 102 2102 2102 HOH HOH A . 
B 2 HOH 103 2103 2103 HOH HOH A . 
B 2 HOH 104 2104 2104 HOH HOH A . 
B 2 HOH 105 2105 2105 HOH HOH A . 
B 2 HOH 106 2106 2106 HOH HOH A . 
B 2 HOH 107 2107 2107 HOH HOH A . 
B 2 HOH 108 2108 2108 HOH HOH A . 
B 2 HOH 109 2109 2109 HOH HOH A . 
B 2 HOH 110 2110 2110 HOH HOH A . 
B 2 HOH 111 2111 2111 HOH HOH A . 
B 2 HOH 112 2112 2112 HOH HOH A . 
B 2 HOH 113 2113 2113 HOH HOH A . 
B 2 HOH 114 2114 2114 HOH HOH A . 
B 2 HOH 115 2115 2115 HOH HOH A . 
B 2 HOH 116 2116 2116 HOH HOH A . 
B 2 HOH 117 2117 2117 HOH HOH A . 
B 2 HOH 118 2118 2118 HOH HOH A . 
B 2 HOH 119 2119 2119 HOH HOH A . 
B 2 HOH 120 2120 2120 HOH HOH A . 
B 2 HOH 121 2121 2121 HOH HOH A . 
B 2 HOH 122 2122 2122 HOH HOH A . 
B 2 HOH 123 2123 2123 HOH HOH A . 
B 2 HOH 124 2124 2124 HOH HOH A . 
B 2 HOH 125 2125 2125 HOH HOH A . 
B 2 HOH 126 2126 2126 HOH HOH A . 
B 2 HOH 127 2127 2127 HOH HOH A . 
B 2 HOH 128 2128 2128 HOH HOH A . 
B 2 HOH 129 2129 2129 HOH HOH A . 
B 2 HOH 130 2130 2130 HOH HOH A . 
B 2 HOH 131 2131 2131 HOH HOH A . 
B 2 HOH 132 2132 2132 HOH HOH A . 
B 2 HOH 133 2133 2133 HOH HOH A . 
B 2 HOH 134 2134 2134 HOH HOH A . 
B 2 HOH 135 2135 2135 HOH HOH A . 
B 2 HOH 136 2136 2136 HOH HOH A . 
B 2 HOH 137 2137 2137 HOH HOH A . 
B 2 HOH 138 2138 2138 HOH HOH A . 
B 2 HOH 139 2139 2139 HOH HOH A . 
B 2 HOH 140 2140 2140 HOH HOH A . 
B 2 HOH 141 2141 2141 HOH HOH A . 
B 2 HOH 142 2142 2142 HOH HOH A . 
B 2 HOH 143 2143 2143 HOH HOH A . 
B 2 HOH 144 2144 2144 HOH HOH A . 
B 2 HOH 145 2145 2145 HOH HOH A . 
B 2 HOH 146 2146 2146 HOH HOH A . 
B 2 HOH 147 2147 2147 HOH HOH A . 
B 2 HOH 148 2148 2148 HOH HOH A . 
B 2 HOH 149 2149 2149 HOH HOH A . 
B 2 HOH 150 2150 2150 HOH HOH A . 
B 2 HOH 151 2151 2151 HOH HOH A . 
B 2 HOH 152 2152 2152 HOH HOH A . 
B 2 HOH 153 2153 2153 HOH HOH A . 
B 2 HOH 154 2154 2154 HOH HOH A . 
B 2 HOH 155 2155 2155 HOH HOH A . 
B 2 HOH 156 2156 2156 HOH HOH A . 
B 2 HOH 157 2157 2157 HOH HOH A . 
B 2 HOH 158 2158 2158 HOH HOH A . 
B 2 HOH 159 2159 2159 HOH HOH A . 
B 2 HOH 160 2160 2160 HOH HOH A . 
B 2 HOH 161 2161 2161 HOH HOH A . 
B 2 HOH 162 2162 2162 HOH HOH A . 
B 2 HOH 163 2163 2163 HOH HOH A . 
B 2 HOH 164 2164 2164 HOH HOH A . 
B 2 HOH 165 2165 2165 HOH HOH A . 
B 2 HOH 166 2166 2166 HOH HOH A . 
B 2 HOH 167 2167 2167 HOH HOH A . 
B 2 HOH 168 2168 2168 HOH HOH A . 
B 2 HOH 169 2169 2169 HOH HOH A . 
B 2 HOH 170 2170 2170 HOH HOH A . 
B 2 HOH 171 2171 2171 HOH HOH A . 
B 2 HOH 172 2172 2172 HOH HOH A . 
B 2 HOH 173 2173 2173 HOH HOH A . 
B 2 HOH 174 2174 2174 HOH HOH A . 
B 2 HOH 175 2175 2175 HOH HOH A . 
B 2 HOH 176 2176 2176 HOH HOH A . 
B 2 HOH 177 2177 2177 HOH HOH A . 
B 2 HOH 178 2178 2178 HOH HOH A . 
B 2 HOH 179 2179 2179 HOH HOH A . 
B 2 HOH 180 2180 2180 HOH HOH A . 
B 2 HOH 181 2181 2181 HOH HOH A . 
B 2 HOH 182 2182 2182 HOH HOH A . 
B 2 HOH 183 2183 2183 HOH HOH A . 
B 2 HOH 184 2184 2184 HOH HOH A . 
B 2 HOH 185 2185 2185 HOH HOH A . 
B 2 HOH 186 2186 2186 HOH HOH A . 
B 2 HOH 187 2187 2187 HOH HOH A . 
B 2 HOH 188 2188 2188 HOH HOH A . 
B 2 HOH 189 2189 2189 HOH HOH A . 
B 2 HOH 190 2190 2190 HOH HOH A . 
B 2 HOH 191 2191 2191 HOH HOH A . 
B 2 HOH 192 2192 2192 HOH HOH A . 
B 2 HOH 193 2193 2193 HOH HOH A . 
B 2 HOH 194 2194 2194 HOH HOH A . 
B 2 HOH 195 2195 2195 HOH HOH A . 
B 2 HOH 196 2196 2196 HOH HOH A . 
B 2 HOH 197 2197 2197 HOH HOH A . 
B 2 HOH 198 2198 2198 HOH HOH A . 
B 2 HOH 199 2199 2199 HOH HOH A . 
B 2 HOH 200 2200 2200 HOH HOH A . 
B 2 HOH 201 2201 2201 HOH HOH A . 
B 2 HOH 202 2202 2202 HOH HOH A . 
B 2 HOH 203 2203 2203 HOH HOH A . 
B 2 HOH 204 2204 2204 HOH HOH A . 
# 
loop_
_pdbx_unobs_or_zero_occ_atoms.id 
_pdbx_unobs_or_zero_occ_atoms.PDB_model_num 
_pdbx_unobs_or_zero_occ_atoms.polymer_flag 
_pdbx_unobs_or_zero_occ_atoms.occupancy_flag 
_pdbx_unobs_or_zero_occ_atoms.auth_asym_id 
_pdbx_unobs_or_zero_occ_atoms.auth_comp_id 
_pdbx_unobs_or_zero_occ_atoms.auth_seq_id 
_pdbx_unobs_or_zero_occ_atoms.PDB_ins_code 
_pdbx_unobs_or_zero_occ_atoms.auth_atom_id 
_pdbx_unobs_or_zero_occ_atoms.label_alt_id 
_pdbx_unobs_or_zero_occ_atoms.label_asym_id 
_pdbx_unobs_or_zero_occ_atoms.label_comp_id 
_pdbx_unobs_or_zero_occ_atoms.label_seq_id 
_pdbx_unobs_or_zero_occ_atoms.label_atom_id 
1 1 Y 1 A LYS 144 ? CA ? A LYS 143 CA 
2 1 Y 1 A LYS 144 ? C  ? A LYS 143 C  
3 1 Y 1 A LYS 144 ? O  ? A LYS 143 O  
4 1 Y 1 A LYS 144 ? CB ? A LYS 143 CB 
5 1 Y 1 A LYS 144 ? CG ? A LYS 143 CG 
6 1 Y 1 A LYS 144 ? CD ? A LYS 143 CD 
7 1 Y 1 A LYS 144 ? CE ? A LYS 143 CE 
8 1 Y 1 A LYS 144 ? NZ ? A LYS 143 NZ 
# 
loop_
_software.name 
_software.classification 
_software.version 
_software.citation_id 
_software.pdbx_ordinal 
CNS       refinement       0.9       ? 1 
HKL-2000  'data reduction' '(DENZO)' ? 2 
SCALEPACK 'data scaling'   .         ? 3 
SOLVE     phasing          .         ? 4 
# 
_cell.entry_id           1QKK 
_cell.length_a           58.651 
_cell.length_b           58.769 
_cell.length_c           167.888 
_cell.angle_alpha        90.00 
_cell.angle_beta         90.00 
_cell.angle_gamma        90.00 
_cell.Z_PDB              8 
_cell.pdbx_unique_axis   ? 
# 
_symmetry.entry_id                         1QKK 
_symmetry.space_group_name_H-M             'I 2 2 2' 
_symmetry.pdbx_full_space_group_name_H-M   ? 
_symmetry.cell_setting                     ? 
_symmetry.Int_Tables_number                23 
# 
_exptl.entry_id          1QKK 
_exptl.method            'X-RAY DIFFRACTION' 
_exptl.crystals_number   2 
# 
_exptl_crystal.id                    1 
_exptl_crystal.density_meas          ? 
_exptl_crystal.density_Matthews      4.3 
_exptl_crystal.density_percent_sol   71 
_exptl_crystal.description           
;DATA WERE COLLECTED AT BEAMLINE 17-ID (OR 17-BM) IN THE FACILITIES OF THEINDUSTRIAL MACROMOLECULAR CRYSTALLOGRAPHY ASSOCIATION COLLABORATIVE ACCESS TEAM (IMCA-CAT) AT THE ADVANCED PHOTON SOURCE.THESE FACILITIES ARE SUPPORTED BY THE COMPANIES OF THE INDUSTRIAL MACROMOLECULAR CRYSTALLOGRAPHY ASSOCIATION THROUGH A CONTRACT WITH ILLINOIS INSTITUTE OF TECHNOLOGY (IIT), EXECUTED THROUGH THE IIT'S CENTER FOR SYNCHROTRON RADIATION RESEARCH AND INSTRUMENTATION.
;
# 
_exptl_crystal_grow.crystal_id      1 
_exptl_crystal_grow.method          ? 
_exptl_crystal_grow.temp            ? 
_exptl_crystal_grow.temp_details    ? 
_exptl_crystal_grow.pH              5.60 
_exptl_crystal_grow.pdbx_pH_range   ? 
_exptl_crystal_grow.pdbx_details    '50 MM NA SUCCINATE PH 5.6, 70 MM AMMONIUM PHOSPHATE MONOBASIC, 1 MM DTT' 
# 
_diffrn.id                     1 
_diffrn.ambient_temp           100.0 
_diffrn.ambient_temp_details   ? 
_diffrn.crystal_id             1 
# 
_diffrn_detector.diffrn_id              1 
_diffrn_detector.detector               CCD 
_diffrn_detector.type                   MARRESEARCH 
_diffrn_detector.pdbx_collection_date   1998-11-27 
_diffrn_detector.details                'NO FOCUSSING MIRROR' 
# 
_diffrn_radiation.diffrn_id                        1 
_diffrn_radiation.wavelength_id                    1 
_diffrn_radiation.pdbx_monochromatic_or_laue_m_l   M 
_diffrn_radiation.monochromator                    'CRYOGENICALLY COOLED SI (111) MONOCHROMATOR' 
_diffrn_radiation.pdbx_diffrn_protocol             MAD 
_diffrn_radiation.pdbx_scattering_type             x-ray 
# 
loop_
_diffrn_radiation_wavelength.id 
_diffrn_radiation_wavelength.wavelength 
_diffrn_radiation_wavelength.wt 
1 0.98333 1.0 
2 0.98100 1.0 
3 0.98076 1.0 
# 
_diffrn_source.diffrn_id                   1 
_diffrn_source.source                      SYNCHROTRON 
_diffrn_source.type                        'APS BEAMLINE 17-ID' 
_diffrn_source.pdbx_synchrotron_site       APS 
_diffrn_source.pdbx_synchrotron_beamline   17-ID 
_diffrn_source.pdbx_wavelength             ? 
_diffrn_source.pdbx_wavelength_list        '0.98333, 0.98100, 0.98076' 
# 
_reflns.pdbx_diffrn_id               1 
_reflns.pdbx_ordinal                 1 
_reflns.entry_id                     1QKK 
_reflns.observed_criterion_sigma_I   2.000 
_reflns.observed_criterion_sigma_F   ? 
_reflns.d_resolution_low             20.000 
_reflns.d_resolution_high            1.700 
_reflns.number_obs                   61207 
_reflns.number_all                   ? 
_reflns.percent_possible_obs         99.6 
_reflns.pdbx_Rmerge_I_obs            ? 
_reflns.pdbx_Rsym_value              0.06200 
_reflns.pdbx_netI_over_sigmaI        34.0000 
_reflns.B_iso_Wilson_estimate        20.0 
_reflns.pdbx_redundancy              8.000 
# 
_reflns_shell.pdbx_diffrn_id         1 
_reflns_shell.pdbx_ordinal           1 
_reflns_shell.d_res_high             1.70 
_reflns_shell.d_res_low              1.76 
_reflns_shell.percent_possible_all   100.0 
_reflns_shell.Rmerge_I_obs           ? 
_reflns_shell.pdbx_Rsym_value        0.32400 
_reflns_shell.meanI_over_sigI_obs    2.200 
_reflns_shell.pdbx_redundancy        6.50 
# 
_refine.pdbx_refine_id                           'X-RAY DIFFRACTION' 
_refine.entry_id                                 1QKK 
_refine.pdbx_diffrn_id                           1 
_refine.pdbx_TLS_residual_ADP_flag               ? 
_refine.ls_number_reflns_obs                     27943 
_refine.ls_number_reflns_all                     ? 
_refine.pdbx_ls_sigma_I                          ? 
_refine.pdbx_ls_sigma_F                          0.0 
_refine.pdbx_data_cutoff_high_absF               1822253.53 
_refine.pdbx_data_cutoff_low_absF                0.000000 
_refine.pdbx_data_cutoff_high_rms_absF           ? 
_refine.ls_d_res_low                             19.42 
_refine.ls_d_res_high                            1.70 
_refine.ls_percent_reflns_obs                    86.1 
_refine.ls_R_factor_obs                          0.218 
_refine.ls_R_factor_all                          ? 
_refine.ls_R_factor_R_work                       0.218 
_refine.ls_R_factor_R_free                       0.241 
_refine.ls_R_factor_R_free_error                 0.005 
_refine.ls_R_factor_R_free_error_details         ? 
_refine.ls_percent_reflns_R_free                 9.9 
_refine.ls_number_reflns_R_free                  2778 
_refine.ls_number_parameters                     ? 
_refine.ls_number_restraints                     ? 
_refine.occupancy_min                            ? 
_refine.occupancy_max                            ? 
_refine.correlation_coeff_Fo_to_Fc               ? 
_refine.correlation_coeff_Fo_to_Fc_free          ? 
_refine.B_iso_mean                               27.0 
_refine.aniso_B[1][1]                            -3.27 
_refine.aniso_B[2][2]                            0.87 
_refine.aniso_B[3][3]                            2.39 
_refine.aniso_B[1][2]                            0.00 
_refine.aniso_B[1][3]                            0.00 
_refine.aniso_B[2][3]                            0.00 
_refine.solvent_model_details                    'FLAT MODEL' 
_refine.solvent_model_param_ksol                 0.415432 
_refine.solvent_model_param_bsol                 64.1063 
_refine.pdbx_solvent_vdw_probe_radii             ? 
_refine.pdbx_solvent_ion_probe_radii             ? 
_refine.pdbx_solvent_shrinkage_radii             ? 
_refine.pdbx_ls_cross_valid_method               THROUGHOUT 
_refine.details                                  ? 
_refine.pdbx_starting_model                      ? 
_refine.pdbx_method_to_determine_struct          MAD 
_refine.pdbx_isotropic_thermal_model             RESTRAINED 
_refine.pdbx_stereochemistry_target_values       ? 
_refine.pdbx_stereochem_target_val_spec_case     ? 
_refine.pdbx_R_Free_selection_details            RANDOM 
_refine.pdbx_overall_ESU_R                       ? 
_refine.pdbx_overall_ESU_R_Free                  ? 
_refine.overall_SU_ML                            ? 
_refine.pdbx_overall_phase_error                 ? 
_refine.overall_SU_B                             ? 
_refine.overall_SU_R_Cruickshank_DPI             ? 
_refine.pdbx_overall_SU_R_free_Cruickshank_DPI   ? 
_refine.pdbx_overall_SU_R_Blow_DPI               ? 
_refine.pdbx_overall_SU_R_free_Blow_DPI          ? 
# 
_refine_analyze.pdbx_refine_id                  'X-RAY DIFFRACTION' 
_refine_analyze.entry_id                        1QKK 
_refine_analyze.Luzzati_coordinate_error_obs    0.20 
_refine_analyze.Luzzati_sigma_a_obs             0.02 
_refine_analyze.Luzzati_d_res_low_obs           20.00 
_refine_analyze.Luzzati_coordinate_error_free   0.23 
_refine_analyze.Luzzati_sigma_a_free            0.01 
_refine_analyze.Luzzati_d_res_low_free          ? 
_refine_analyze.number_disordered_residues      ? 
_refine_analyze.occupancy_sum_hydrogen          ? 
_refine_analyze.occupancy_sum_non_hydrogen      ? 
# 
_refine_hist.pdbx_refine_id                   'X-RAY DIFFRACTION' 
_refine_hist.cycle_id                         LAST 
_refine_hist.pdbx_number_atoms_protein        1055 
_refine_hist.pdbx_number_atoms_nucleic_acid   0 
_refine_hist.pdbx_number_atoms_ligand         0 
_refine_hist.number_atoms_solvent             204 
_refine_hist.number_atoms_total               1259 
_refine_hist.d_res_high                       1.70 
_refine_hist.d_res_low                        19.42 
# 
loop_
_refine_ls_restr.type 
_refine_ls_restr.dev_ideal 
_refine_ls_restr.dev_ideal_target 
_refine_ls_restr.weight 
_refine_ls_restr.number 
_refine_ls_restr.pdbx_refine_id 
_refine_ls_restr.pdbx_restraint_function 
c_bond_d                0.005 ?    ? ? 'X-RAY DIFFRACTION' ? 
c_bond_d_na             ?     ?    ? ? 'X-RAY DIFFRACTION' ? 
c_bond_d_prot           ?     ?    ? ? 'X-RAY DIFFRACTION' ? 
c_angle_d               ?     ?    ? ? 'X-RAY DIFFRACTION' ? 
c_angle_d_na            ?     ?    ? ? 'X-RAY DIFFRACTION' ? 
c_angle_d_prot          ?     ?    ? ? 'X-RAY DIFFRACTION' ? 
c_angle_deg             1.3   ?    ? ? 'X-RAY DIFFRACTION' ? 
c_angle_deg_na          ?     ?    ? ? 'X-RAY DIFFRACTION' ? 
c_angle_deg_prot        ?     ?    ? ? 'X-RAY DIFFRACTION' ? 
c_dihedral_angle_d      21.1  ?    ? ? 'X-RAY DIFFRACTION' ? 
c_dihedral_angle_d_na   ?     ?    ? ? 'X-RAY DIFFRACTION' ? 
c_dihedral_angle_d_prot ?     ?    ? ? 'X-RAY DIFFRACTION' ? 
c_improper_angle_d      0.72  ?    ? ? 'X-RAY DIFFRACTION' ? 
c_improper_angle_d_na   ?     ?    ? ? 'X-RAY DIFFRACTION' ? 
c_improper_angle_d_prot ?     ?    ? ? 'X-RAY DIFFRACTION' ? 
c_mcbond_it             0.94  1.50 ? ? 'X-RAY DIFFRACTION' ? 
c_mcangle_it            1.49  2.00 ? ? 'X-RAY DIFFRACTION' ? 
c_scbond_it             1.83  2.00 ? ? 'X-RAY DIFFRACTION' ? 
c_scangle_it            2.75  2.50 ? ? 'X-RAY DIFFRACTION' ? 
# 
_refine_ls_shell.pdbx_refine_id                   'X-RAY DIFFRACTION' 
_refine_ls_shell.pdbx_total_number_of_bins_used   6 
_refine_ls_shell.d_res_high                       1.70 
_refine_ls_shell.d_res_low                        1.81 
_refine_ls_shell.number_reflns_R_work             2908 
_refine_ls_shell.R_factor_R_work                  0.213 
_refine_ls_shell.percent_reflns_obs               60.6 
_refine_ls_shell.R_factor_R_free                  0.226 
_refine_ls_shell.R_factor_R_free_error            0.013 
_refine_ls_shell.percent_reflns_R_free            10.0 
_refine_ls_shell.number_reflns_R_free             324 
_refine_ls_shell.number_reflns_all                ? 
_refine_ls_shell.R_factor_all                     ? 
# 
loop_
_pdbx_xplor_file.pdbx_refine_id 
_pdbx_xplor_file.serial_no 
_pdbx_xplor_file.param_file 
_pdbx_xplor_file.topol_file 
'X-RAY DIFFRACTION' 1 PROTEIN_REP.PARAM PROTEIN.TOP 
'X-RAY DIFFRACTION' 2 WATER_REP.PARAM   WATER.TOP   
# 
_struct.entry_id                  1QKK 
_struct.title                     'Crystal structure of the receiver domain and linker region of DctD from Sinorhizobium meliloti' 
_struct.pdbx_model_details        ? 
_struct.pdbx_CASP_flag            ? 
_struct.pdbx_model_type_details   ? 
# 
_struct_keywords.entry_id        1QKK 
_struct_keywords.pdbx_keywords   'TRANSCRIPTIONAL REGULATORY PROTEIN' 
_struct_keywords.text            
;TRANSCRIPTIONAL REGULATORY PROTEIN, RECEIVER DOMAIN, 2-COMPONENT SIGNAL TRANSDUCTION, SIGMA-54 DEPENDENT TRANSCRIPTIONAL ACTIVATOR, BACTERIAL ENHANCER BINDING PROTEIN, HIGH SOLVENT CONTENT CRYSTAL
;
# 
loop_
_struct_asym.id 
_struct_asym.pdbx_blank_PDB_chainid_flag 
_struct_asym.pdbx_modified 
_struct_asym.entity_id 
_struct_asym.details 
A N N 1 ? 
B N N 2 ? 
# 
loop_
_struct_ref.id 
_struct_ref.db_name 
_struct_ref.db_code 
_struct_ref.entity_id 
_struct_ref.pdbx_seq_one_letter_code 
_struct_ref.pdbx_align_begin 
_struct_ref.pdbx_db_accession 
_struct_ref.pdbx_db_isoform 
1 UNP DCTD_RHIME 1 ? ? P13632 ? 
2 PDB 1QKK       1 ? ? 1QKK   ? 
# 
loop_
_struct_ref_seq.align_id 
_struct_ref_seq.ref_id 
_struct_ref_seq.pdbx_PDB_id_code 
_struct_ref_seq.pdbx_strand_id 
_struct_ref_seq.seq_align_beg 
_struct_ref_seq.pdbx_seq_align_beg_ins_code 
_struct_ref_seq.seq_align_end 
_struct_ref_seq.pdbx_seq_align_end_ins_code 
_struct_ref_seq.pdbx_db_accession 
_struct_ref_seq.db_align_beg 
_struct_ref_seq.pdbx_db_align_beg_ins_code 
_struct_ref_seq.db_align_end 
_struct_ref_seq.pdbx_db_align_end_ins_code 
_struct_ref_seq.pdbx_auth_seq_align_beg 
_struct_ref_seq.pdbx_auth_seq_align_end 
1 1 1QKK A 1   ? 142 ? P13632 2   ? 143 ? 2   143 
2 2 1QKK A 143 ? 155 ? 1QKK   144 ? 156 ? 144 156 
# 
loop_
_struct_ref_seq_dif.align_id 
_struct_ref_seq_dif.pdbx_pdb_id_code 
_struct_ref_seq_dif.mon_id 
_struct_ref_seq_dif.pdbx_pdb_strand_id 
_struct_ref_seq_dif.seq_num 
_struct_ref_seq_dif.pdbx_pdb_ins_code 
_struct_ref_seq_dif.pdbx_seq_db_name 
_struct_ref_seq_dif.pdbx_seq_db_accession_code 
_struct_ref_seq_dif.db_mon_id 
_struct_ref_seq_dif.pdbx_seq_db_seq_num 
_struct_ref_seq_dif.details 
_struct_ref_seq_dif.pdbx_auth_seq_num 
_struct_ref_seq_dif.pdbx_ordinal 
1 1QKK GLY A 42 ? UNP P13632 GLU 43 variant 43 1 
1 1QKK ARG A 67 ? UNP P13632 GLY 68 variant 68 2 
1 1QKK ILE A 69 ? UNP P13632 VAL 70 variant 70 3 
# 
_pdbx_struct_assembly.id                   1 
_pdbx_struct_assembly.details              author_and_software_defined_assembly 
_pdbx_struct_assembly.method_details       PQS 
_pdbx_struct_assembly.oligomeric_details   dimeric 
_pdbx_struct_assembly.oligomeric_count     2 
# 
_pdbx_struct_assembly_gen.assembly_id       1 
_pdbx_struct_assembly_gen.oper_expression   1,2 
_pdbx_struct_assembly_gen.asym_id_list      A,B 
# 
loop_
_pdbx_struct_oper_list.id 
_pdbx_struct_oper_list.type 
_pdbx_struct_oper_list.name 
_pdbx_struct_oper_list.symmetry_operation 
_pdbx_struct_oper_list.matrix[1][1] 
_pdbx_struct_oper_list.matrix[1][2] 
_pdbx_struct_oper_list.matrix[1][3] 
_pdbx_struct_oper_list.vector[1] 
_pdbx_struct_oper_list.matrix[2][1] 
_pdbx_struct_oper_list.matrix[2][2] 
_pdbx_struct_oper_list.matrix[2][3] 
_pdbx_struct_oper_list.vector[2] 
_pdbx_struct_oper_list.matrix[3][1] 
_pdbx_struct_oper_list.matrix[3][2] 
_pdbx_struct_oper_list.matrix[3][3] 
_pdbx_struct_oper_list.vector[3] 
1 'identity operation'         1_555 x,y,z     1.0000000000  0.0000000000 0.0000000000  0.0000000000   0.0000000000 1.0000000000  0.0000000000  0.0000000000  0.0000000000  0.0000000000  1.0000000000 0.0000000000   
2 'crystal symmetry operation' 2_655 -x+1,-y,z -0.6284834214 0.1755876242 -0.7577450595 -18.5453359298 0.1755876242 -0.9170130876 -0.3581284454 -9.8108157588 -0.7577450595 -0.3581284454 0.5454965090 -11.3660359450 
# 
_struct_biol.id        1 
_struct_biol.details   
;THE MOLECULE EXISTS AS A DIMER IN SOLUTION                   
 . THE DIMER ISCOMPRISED OF MONOMERS FROM DIFFERENT                   
  UNIT CELLS.DIMERIZATION SURFACES OCCUR AT THE                       
 FACES OF THE UNIT CELL"BOX".
;
# 
loop_
_struct_conf.conf_type_id 
_struct_conf.id 
_struct_conf.pdbx_PDB_helix_id 
_struct_conf.beg_label_comp_id 
_struct_conf.beg_label_asym_id 
_struct_conf.beg_label_seq_id 
_struct_conf.pdbx_beg_PDB_ins_code 
_struct_conf.end_label_comp_id 
_struct_conf.end_label_asym_id 
_struct_conf.end_label_seq_id 
_struct_conf.pdbx_end_PDB_ins_code 
_struct_conf.beg_auth_comp_id 
_struct_conf.beg_auth_asym_id 
_struct_conf.beg_auth_seq_id 
_struct_conf.end_auth_comp_id 
_struct_conf.end_auth_asym_id 
_struct_conf.end_auth_seq_id 
_struct_conf.pdbx_PDB_helix_class 
_struct_conf.details 
_struct_conf.pdbx_PDB_helix_length 
HELX_P HELX_P1 1 ASP A 12  ? ALA A 26  ? ASP A 13  ALA A 27  1 ? 15 
HELX_P HELX_P2 2 SER A 35  ? GLY A 42  ? SER A 36  GLY A 43  1 ? 8  
HELX_P HELX_P3 3 ASP A 61  ? ASP A 73  ? ASP A 62  ASP A 74  1 ? 13 
HELX_P HELX_P4 4 GLY A 83  ? GLY A 85  ? GLY A 84  GLY A 86  5 ? 3  
HELX_P HELX_P5 5 ASP A 86  ? ASP A 96  ? ASP A 87  ASP A 97  1 ? 11 
HELX_P HELX_P6 6 ALA A 107 ? LEU A 142 ? ALA A 108 LEU A 143 1 ? 36 
# 
_struct_conf_type.id          HELX_P 
_struct_conf_type.criteria    ? 
_struct_conf_type.reference   ? 
# 
_struct_mon_prot_cis.pdbx_id                1 
_struct_mon_prot_cis.label_comp_id          LYS 
_struct_mon_prot_cis.label_seq_id           104 
_struct_mon_prot_cis.label_asym_id          A 
_struct_mon_prot_cis.label_alt_id           . 
_struct_mon_prot_cis.pdbx_PDB_ins_code      ? 
_struct_mon_prot_cis.auth_comp_id           LYS 
_struct_mon_prot_cis.auth_seq_id            105 
_struct_mon_prot_cis.auth_asym_id           A 
_struct_mon_prot_cis.pdbx_label_comp_id_2   PRO 
_struct_mon_prot_cis.pdbx_label_seq_id_2    105 
_struct_mon_prot_cis.pdbx_label_asym_id_2   A 
_struct_mon_prot_cis.pdbx_PDB_ins_code_2    ? 
_struct_mon_prot_cis.pdbx_auth_comp_id_2    PRO 
_struct_mon_prot_cis.pdbx_auth_seq_id_2     106 
_struct_mon_prot_cis.pdbx_auth_asym_id_2    A 
_struct_mon_prot_cis.pdbx_PDB_model_num     1 
_struct_mon_prot_cis.pdbx_omega_angle       -0.22 
# 
_struct_sheet.id               A 
_struct_sheet.type             ? 
_struct_sheet.number_strands   5 
_struct_sheet.details          ? 
# 
loop_
_struct_sheet_order.sheet_id 
_struct_sheet_order.range_id_1 
_struct_sheet_order.range_id_2 
_struct_sheet_order.offset 
_struct_sheet_order.sense 
A 1 2 ? parallel 
A 2 3 ? parallel 
A 3 4 ? parallel 
A 4 5 ? parallel 
# 
loop_
_struct_sheet_range.sheet_id 
_struct_sheet_range.id 
_struct_sheet_range.beg_label_comp_id 
_struct_sheet_range.beg_label_asym_id 
_struct_sheet_range.beg_label_seq_id 
_struct_sheet_range.pdbx_beg_PDB_ins_code 
_struct_sheet_range.end_label_comp_id 
_struct_sheet_range.end_label_asym_id 
_struct_sheet_range.end_label_seq_id 
_struct_sheet_range.pdbx_end_PDB_ins_code 
_struct_sheet_range.beg_auth_comp_id 
_struct_sheet_range.beg_auth_asym_id 
_struct_sheet_range.beg_auth_seq_id 
_struct_sheet_range.end_auth_comp_id 
_struct_sheet_range.end_auth_asym_id 
_struct_sheet_range.end_auth_seq_id 
A 1 THR A 29  ? PHE A 33  ? THR A 30  PHE A 34  
A 2 SER A 5   ? ILE A 9   ? SER A 6   ILE A 10  
A 3 ILE A 50  ? ASP A 54  ? ILE A 51  ASP A 55  
A 4 MET A 78  ? THR A 82  ? MET A 79  THR A 83  
A 5 ASP A 100 ? ALA A 103 ? ASP A 101 ALA A 104 
# 
loop_
_pdbx_struct_sheet_hbond.sheet_id 
_pdbx_struct_sheet_hbond.range_id_1 
_pdbx_struct_sheet_hbond.range_id_2 
_pdbx_struct_sheet_hbond.range_1_label_atom_id 
_pdbx_struct_sheet_hbond.range_1_label_comp_id 
_pdbx_struct_sheet_hbond.range_1_label_asym_id 
_pdbx_struct_sheet_hbond.range_1_label_seq_id 
_pdbx_struct_sheet_hbond.range_1_PDB_ins_code 
_pdbx_struct_sheet_hbond.range_1_auth_atom_id 
_pdbx_struct_sheet_hbond.range_1_auth_comp_id 
_pdbx_struct_sheet_hbond.range_1_auth_asym_id 
_pdbx_struct_sheet_hbond.range_1_auth_seq_id 
_pdbx_struct_sheet_hbond.range_2_label_atom_id 
_pdbx_struct_sheet_hbond.range_2_label_comp_id 
_pdbx_struct_sheet_hbond.range_2_label_asym_id 
_pdbx_struct_sheet_hbond.range_2_label_seq_id 
_pdbx_struct_sheet_hbond.range_2_PDB_ins_code 
_pdbx_struct_sheet_hbond.range_2_auth_atom_id 
_pdbx_struct_sheet_hbond.range_2_auth_comp_id 
_pdbx_struct_sheet_hbond.range_2_auth_asym_id 
_pdbx_struct_sheet_hbond.range_2_auth_seq_id 
A 1 2 O THR A 29 ? O THR A 30 N VAL A 6   ? N VAL A 7   
A 2 3 O PHE A 7  ? O PHE A 8  N ILE A 50  ? N ILE A 51  
A 3 4 O VAL A 51 ? O VAL A 52 N ILE A 79  ? N ILE A 80  
A 4 5 O LEU A 80 ? O LEU A 81 N ASP A 100 ? N ASP A 101 
# 
_pdbx_validate_symm_contact.id                1 
_pdbx_validate_symm_contact.PDB_model_num     1 
_pdbx_validate_symm_contact.auth_atom_id_1    O 
_pdbx_validate_symm_contact.auth_asym_id_1    A 
_pdbx_validate_symm_contact.auth_comp_id_1    HOH 
_pdbx_validate_symm_contact.auth_seq_id_1     2192 
_pdbx_validate_symm_contact.PDB_ins_code_1    ? 
_pdbx_validate_symm_contact.label_alt_id_1    ? 
_pdbx_validate_symm_contact.site_symmetry_1   1_555 
_pdbx_validate_symm_contact.auth_atom_id_2    O 
_pdbx_validate_symm_contact.auth_asym_id_2    A 
_pdbx_validate_symm_contact.auth_comp_id_2    HOH 
_pdbx_validate_symm_contact.auth_seq_id_2     2192 
_pdbx_validate_symm_contact.PDB_ins_code_2    ? 
_pdbx_validate_symm_contact.label_alt_id_2    ? 
_pdbx_validate_symm_contact.site_symmetry_2   2_655 
_pdbx_validate_symm_contact.dist              1.17 
# 
_pdbx_validate_torsion.id              1 
_pdbx_validate_torsion.PDB_model_num   1 
_pdbx_validate_torsion.auth_comp_id    ASP 
_pdbx_validate_torsion.auth_asym_id    A 
_pdbx_validate_torsion.auth_seq_id     74 
_pdbx_validate_torsion.PDB_ins_code    ? 
_pdbx_validate_torsion.label_alt_id    ? 
_pdbx_validate_torsion.phi             -168.11 
_pdbx_validate_torsion.psi             105.55 
# 
_pdbx_entry_details.entry_id                 1QKK 
_pdbx_entry_details.compound_details         'CHAIN A: RESIDUES 144 TO 156 ARE A HIS TAG' 
_pdbx_entry_details.source_details           
;THE PROTEIN IS FROM N.A. STRAIN=1021
 REFERENCE: JIANG J., GU B., ALBRIGHT L.M., NIXON B.T.,
 CONSERVATION BETWEEN CODING AND REGULATORY ELEMENTS OF
 RHIZOBIUM MELILOTI AND RHIZOBIUM LEGUMINOSARUM DCT GENES,
 J. BACTERIOL. 171:5244-5253(1989).

 THE SWISSPROT ENTRY,  P13632/DCTD_RHIME DESCRIBES THE
 SEQUENCE FROM N.A. STRAIN=JJ1C10
 REFERENCE: WATSON R.J.,
 ANALYSIS OF THE C4-DICARBOXYLATE TRANSPORT GENES OF RHIZOBIUM
 MELILOTI: NUCLEOTIDE SEQUENCE AND DEDUCED PRODUCTS OF DCTA,
 DCTB, AND DCTD,
 MOL. PLANT MICROBE INTERACT. 3:174-181(1990).

 THE TWO VARIANTS DIFFER AT THE FOLLOWING RESIDUES
          N.A. 1021 (THIS WORK)      N.A. JJ1C10 (P13632)
 SEQ:  43      GLY                        GLU
 SEQ:  68      ARG                        GLY
 SEQ:  70      ILE                        VAL

 THE N-TERMINAL MET RESIDUE IS CLEAVED IN VIVO.
;
_pdbx_entry_details.nonpolymer_details       ? 
_pdbx_entry_details.sequence_details         ? 
_pdbx_entry_details.has_ligand_of_interest   ? 
# 
loop_
_pdbx_distant_solvent_atoms.id 
_pdbx_distant_solvent_atoms.PDB_model_num 
_pdbx_distant_solvent_atoms.auth_atom_id 
_pdbx_distant_solvent_atoms.label_alt_id 
_pdbx_distant_solvent_atoms.auth_asym_id 
_pdbx_distant_solvent_atoms.auth_comp_id 
_pdbx_distant_solvent_atoms.auth_seq_id 
_pdbx_distant_solvent_atoms.PDB_ins_code 
_pdbx_distant_solvent_atoms.neighbor_macromolecule_distance 
_pdbx_distant_solvent_atoms.neighbor_ligand_distance 
1 1 O ? A HOH 2012 ? 6.56 . 
2 1 O ? A HOH 2024 ? 7.67 . 
3 1 O ? A HOH 2031 ? 7.41 . 
4 1 O ? A HOH 2040 ? 6.10 . 
5 1 O ? A HOH 2049 ? 7.46 . 
6 1 O ? A HOH 2082 ? 6.35 . 
7 1 O ? A HOH 2083 ? 7.35 . 
# 
loop_
_pdbx_unobs_or_zero_occ_residues.id 
_pdbx_unobs_or_zero_occ_residues.PDB_model_num 
_pdbx_unobs_or_zero_occ_residues.polymer_flag 
_pdbx_unobs_or_zero_occ_residues.occupancy_flag 
_pdbx_unobs_or_zero_occ_residues.auth_asym_id 
_pdbx_unobs_or_zero_occ_residues.auth_comp_id 
_pdbx_unobs_or_zero_occ_residues.auth_seq_id 
_pdbx_unobs_or_zero_occ_residues.PDB_ins_code 
_pdbx_unobs_or_zero_occ_residues.label_asym_id 
_pdbx_unobs_or_zero_occ_residues.label_comp_id 
_pdbx_unobs_or_zero_occ_residues.label_seq_id 
1  1 Y 1 A SER 2   ? A SER 1   
2  1 Y 1 A ALA 3   ? A ALA 2   
3  1 Y 1 A ALA 4   ? A ALA 3   
4  1 Y 1 A LEU 145 ? A LEU 144 
5  1 Y 1 A ALA 146 ? A ALA 145 
6  1 Y 1 A ALA 147 ? A ALA 146 
7  1 Y 1 A ALA 148 ? A ALA 147 
8  1 Y 1 A LEU 149 ? A LEU 148 
9  1 Y 1 A GLU 150 ? A GLU 149 
10 1 Y 1 A HIS 151 ? A HIS 150 
11 1 Y 1 A HIS 152 ? A HIS 151 
12 1 Y 1 A HIS 153 ? A HIS 152 
13 1 Y 1 A HIS 154 ? A HIS 153 
14 1 Y 1 A HIS 155 ? A HIS 154 
15 1 Y 1 A HIS 156 ? A HIS 155 
# 
loop_
_chem_comp_atom.comp_id 
_chem_comp_atom.atom_id 
_chem_comp_atom.type_symbol 
_chem_comp_atom.pdbx_aromatic_flag 
_chem_comp_atom.pdbx_stereo_config 
_chem_comp_atom.pdbx_ordinal 
ALA N    N N N 1   
ALA CA   C N S 2   
ALA C    C N N 3   
ALA O    O N N 4   
ALA CB   C N N 5   
ALA OXT  O N N 6   
ALA H    H N N 7   
ALA H2   H N N 8   
ALA HA   H N N 9   
ALA HB1  H N N 10  
ALA HB2  H N N 11  
ALA HB3  H N N 12  
ALA HXT  H N N 13  
ARG N    N N N 14  
ARG CA   C N S 15  
ARG C    C N N 16  
ARG O    O N N 17  
ARG CB   C N N 18  
ARG CG   C N N 19  
ARG CD   C N N 20  
ARG NE   N N N 21  
ARG CZ   C N N 22  
ARG NH1  N N N 23  
ARG NH2  N N N 24  
ARG OXT  O N N 25  
ARG H    H N N 26  
ARG H2   H N N 27  
ARG HA   H N N 28  
ARG HB2  H N N 29  
ARG HB3  H N N 30  
ARG HG2  H N N 31  
ARG HG3  H N N 32  
ARG HD2  H N N 33  
ARG HD3  H N N 34  
ARG HE   H N N 35  
ARG HH11 H N N 36  
ARG HH12 H N N 37  
ARG HH21 H N N 38  
ARG HH22 H N N 39  
ARG HXT  H N N 40  
ASN N    N N N 41  
ASN CA   C N S 42  
ASN C    C N N 43  
ASN O    O N N 44  
ASN CB   C N N 45  
ASN CG   C N N 46  
ASN OD1  O N N 47  
ASN ND2  N N N 48  
ASN OXT  O N N 49  
ASN H    H N N 50  
ASN H2   H N N 51  
ASN HA   H N N 52  
ASN HB2  H N N 53  
ASN HB3  H N N 54  
ASN HD21 H N N 55  
ASN HD22 H N N 56  
ASN HXT  H N N 57  
ASP N    N N N 58  
ASP CA   C N S 59  
ASP C    C N N 60  
ASP O    O N N 61  
ASP CB   C N N 62  
ASP CG   C N N 63  
ASP OD1  O N N 64  
ASP OD2  O N N 65  
ASP OXT  O N N 66  
ASP H    H N N 67  
ASP H2   H N N 68  
ASP HA   H N N 69  
ASP HB2  H N N 70  
ASP HB3  H N N 71  
ASP HD2  H N N 72  
ASP HXT  H N N 73  
GLN N    N N N 74  
GLN CA   C N S 75  
GLN C    C N N 76  
GLN O    O N N 77  
GLN CB   C N N 78  
GLN CG   C N N 79  
GLN CD   C N N 80  
GLN OE1  O N N 81  
GLN NE2  N N N 82  
GLN OXT  O N N 83  
GLN H    H N N 84  
GLN H2   H N N 85  
GLN HA   H N N 86  
GLN HB2  H N N 87  
GLN HB3  H N N 88  
GLN HG2  H N N 89  
GLN HG3  H N N 90  
GLN HE21 H N N 91  
GLN HE22 H N N 92  
GLN HXT  H N N 93  
GLU N    N N N 94  
GLU CA   C N S 95  
GLU C    C N N 96  
GLU O    O N N 97  
GLU CB   C N N 98  
GLU CG   C N N 99  
GLU CD   C N N 100 
GLU OE1  O N N 101 
GLU OE2  O N N 102 
GLU OXT  O N N 103 
GLU H    H N N 104 
GLU H2   H N N 105 
GLU HA   H N N 106 
GLU HB2  H N N 107 
GLU HB3  H N N 108 
GLU HG2  H N N 109 
GLU HG3  H N N 110 
GLU HE2  H N N 111 
GLU HXT  H N N 112 
GLY N    N N N 113 
GLY CA   C N N 114 
GLY C    C N N 115 
GLY O    O N N 116 
GLY OXT  O N N 117 
GLY H    H N N 118 
GLY H2   H N N 119 
GLY HA2  H N N 120 
GLY HA3  H N N 121 
GLY HXT  H N N 122 
HIS N    N N N 123 
HIS CA   C N S 124 
HIS C    C N N 125 
HIS O    O N N 126 
HIS CB   C N N 127 
HIS CG   C Y N 128 
HIS ND1  N Y N 129 
HIS CD2  C Y N 130 
HIS CE1  C Y N 131 
HIS NE2  N Y N 132 
HIS OXT  O N N 133 
HIS H    H N N 134 
HIS H2   H N N 135 
HIS HA   H N N 136 
HIS HB2  H N N 137 
HIS HB3  H N N 138 
HIS HD1  H N N 139 
HIS HD2  H N N 140 
HIS HE1  H N N 141 
HIS HE2  H N N 142 
HIS HXT  H N N 143 
HOH O    O N N 144 
HOH H1   H N N 145 
HOH H2   H N N 146 
ILE N    N N N 147 
ILE CA   C N S 148 
ILE C    C N N 149 
ILE O    O N N 150 
ILE CB   C N S 151 
ILE CG1  C N N 152 
ILE CG2  C N N 153 
ILE CD1  C N N 154 
ILE OXT  O N N 155 
ILE H    H N N 156 
ILE H2   H N N 157 
ILE HA   H N N 158 
ILE HB   H N N 159 
ILE HG12 H N N 160 
ILE HG13 H N N 161 
ILE HG21 H N N 162 
ILE HG22 H N N 163 
ILE HG23 H N N 164 
ILE HD11 H N N 165 
ILE HD12 H N N 166 
ILE HD13 H N N 167 
ILE HXT  H N N 168 
LEU N    N N N 169 
LEU CA   C N S 170 
LEU C    C N N 171 
LEU O    O N N 172 
LEU CB   C N N 173 
LEU CG   C N N 174 
LEU CD1  C N N 175 
LEU CD2  C N N 176 
LEU OXT  O N N 177 
LEU H    H N N 178 
LEU H2   H N N 179 
LEU HA   H N N 180 
LEU HB2  H N N 181 
LEU HB3  H N N 182 
LEU HG   H N N 183 
LEU HD11 H N N 184 
LEU HD12 H N N 185 
LEU HD13 H N N 186 
LEU HD21 H N N 187 
LEU HD22 H N N 188 
LEU HD23 H N N 189 
LEU HXT  H N N 190 
LYS N    N N N 191 
LYS CA   C N S 192 
LYS C    C N N 193 
LYS O    O N N 194 
LYS CB   C N N 195 
LYS CG   C N N 196 
LYS CD   C N N 197 
LYS CE   C N N 198 
LYS NZ   N N N 199 
LYS OXT  O N N 200 
LYS H    H N N 201 
LYS H2   H N N 202 
LYS HA   H N N 203 
LYS HB2  H N N 204 
LYS HB3  H N N 205 
LYS HG2  H N N 206 
LYS HG3  H N N 207 
LYS HD2  H N N 208 
LYS HD3  H N N 209 
LYS HE2  H N N 210 
LYS HE3  H N N 211 
LYS HZ1  H N N 212 
LYS HZ2  H N N 213 
LYS HZ3  H N N 214 
LYS HXT  H N N 215 
MET N    N N N 216 
MET CA   C N S 217 
MET C    C N N 218 
MET O    O N N 219 
MET CB   C N N 220 
MET CG   C N N 221 
MET SD   S N N 222 
MET CE   C N N 223 
MET OXT  O N N 224 
MET H    H N N 225 
MET H2   H N N 226 
MET HA   H N N 227 
MET HB2  H N N 228 
MET HB3  H N N 229 
MET HG2  H N N 230 
MET HG3  H N N 231 
MET HE1  H N N 232 
MET HE2  H N N 233 
MET HE3  H N N 234 
MET HXT  H N N 235 
PHE N    N N N 236 
PHE CA   C N S 237 
PHE C    C N N 238 
PHE O    O N N 239 
PHE CB   C N N 240 
PHE CG   C Y N 241 
PHE CD1  C Y N 242 
PHE CD2  C Y N 243 
PHE CE1  C Y N 244 
PHE CE2  C Y N 245 
PHE CZ   C Y N 246 
PHE OXT  O N N 247 
PHE H    H N N 248 
PHE H2   H N N 249 
PHE HA   H N N 250 
PHE HB2  H N N 251 
PHE HB3  H N N 252 
PHE HD1  H N N 253 
PHE HD2  H N N 254 
PHE HE1  H N N 255 
PHE HE2  H N N 256 
PHE HZ   H N N 257 
PHE HXT  H N N 258 
PRO N    N N N 259 
PRO CA   C N S 260 
PRO C    C N N 261 
PRO O    O N N 262 
PRO CB   C N N 263 
PRO CG   C N N 264 
PRO CD   C N N 265 
PRO OXT  O N N 266 
PRO H    H N N 267 
PRO HA   H N N 268 
PRO HB2  H N N 269 
PRO HB3  H N N 270 
PRO HG2  H N N 271 
PRO HG3  H N N 272 
PRO HD2  H N N 273 
PRO HD3  H N N 274 
PRO HXT  H N N 275 
SER N    N N N 276 
SER CA   C N S 277 
SER C    C N N 278 
SER O    O N N 279 
SER CB   C N N 280 
SER OG   O N N 281 
SER OXT  O N N 282 
SER H    H N N 283 
SER H2   H N N 284 
SER HA   H N N 285 
SER HB2  H N N 286 
SER HB3  H N N 287 
SER HG   H N N 288 
SER HXT  H N N 289 
THR N    N N N 290 
THR CA   C N S 291 
THR C    C N N 292 
THR O    O N N 293 
THR CB   C N R 294 
THR OG1  O N N 295 
THR CG2  C N N 296 
THR OXT  O N N 297 
THR H    H N N 298 
THR H2   H N N 299 
THR HA   H N N 300 
THR HB   H N N 301 
THR HG1  H N N 302 
THR HG21 H N N 303 
THR HG22 H N N 304 
THR HG23 H N N 305 
THR HXT  H N N 306 
TYR N    N N N 307 
TYR CA   C N S 308 
TYR C    C N N 309 
TYR O    O N N 310 
TYR CB   C N N 311 
TYR CG   C Y N 312 
TYR CD1  C Y N 313 
TYR CD2  C Y N 314 
TYR CE1  C Y N 315 
TYR CE2  C Y N 316 
TYR CZ   C Y N 317 
TYR OH   O N N 318 
TYR OXT  O N N 319 
TYR H    H N N 320 
TYR H2   H N N 321 
TYR HA   H N N 322 
TYR HB2  H N N 323 
TYR HB3  H N N 324 
TYR HD1  H N N 325 
TYR HD2  H N N 326 
TYR HE1  H N N 327 
TYR HE2  H N N 328 
TYR HH   H N N 329 
TYR HXT  H N N 330 
VAL N    N N N 331 
VAL CA   C N S 332 
VAL C    C N N 333 
VAL O    O N N 334 
VAL CB   C N N 335 
VAL CG1  C N N 336 
VAL CG2  C N N 337 
VAL OXT  O N N 338 
VAL H    H N N 339 
VAL H2   H N N 340 
VAL HA   H N N 341 
VAL HB   H N N 342 
VAL HG11 H N N 343 
VAL HG12 H N N 344 
VAL HG13 H N N 345 
VAL HG21 H N N 346 
VAL HG22 H N N 347 
VAL HG23 H N N 348 
VAL HXT  H N N 349 
# 
loop_
_chem_comp_bond.comp_id 
_chem_comp_bond.atom_id_1 
_chem_comp_bond.atom_id_2 
_chem_comp_bond.value_order 
_chem_comp_bond.pdbx_aromatic_flag 
_chem_comp_bond.pdbx_stereo_config 
_chem_comp_bond.pdbx_ordinal 
ALA N   CA   sing N N 1   
ALA N   H    sing N N 2   
ALA N   H2   sing N N 3   
ALA CA  C    sing N N 4   
ALA CA  CB   sing N N 5   
ALA CA  HA   sing N N 6   
ALA C   O    doub N N 7   
ALA C   OXT  sing N N 8   
ALA CB  HB1  sing N N 9   
ALA CB  HB2  sing N N 10  
ALA CB  HB3  sing N N 11  
ALA OXT HXT  sing N N 12  
ARG N   CA   sing N N 13  
ARG N   H    sing N N 14  
ARG N   H2   sing N N 15  
ARG CA  C    sing N N 16  
ARG CA  CB   sing N N 17  
ARG CA  HA   sing N N 18  
ARG C   O    doub N N 19  
ARG C   OXT  sing N N 20  
ARG CB  CG   sing N N 21  
ARG CB  HB2  sing N N 22  
ARG CB  HB3  sing N N 23  
ARG CG  CD   sing N N 24  
ARG CG  HG2  sing N N 25  
ARG CG  HG3  sing N N 26  
ARG CD  NE   sing N N 27  
ARG CD  HD2  sing N N 28  
ARG CD  HD3  sing N N 29  
ARG NE  CZ   sing N N 30  
ARG NE  HE   sing N N 31  
ARG CZ  NH1  sing N N 32  
ARG CZ  NH2  doub N N 33  
ARG NH1 HH11 sing N N 34  
ARG NH1 HH12 sing N N 35  
ARG NH2 HH21 sing N N 36  
ARG NH2 HH22 sing N N 37  
ARG OXT HXT  sing N N 38  
ASN N   CA   sing N N 39  
ASN N   H    sing N N 40  
ASN N   H2   sing N N 41  
ASN CA  C    sing N N 42  
ASN CA  CB   sing N N 43  
ASN CA  HA   sing N N 44  
ASN C   O    doub N N 45  
ASN C   OXT  sing N N 46  
ASN CB  CG   sing N N 47  
ASN CB  HB2  sing N N 48  
ASN CB  HB3  sing N N 49  
ASN CG  OD1  doub N N 50  
ASN CG  ND2  sing N N 51  
ASN ND2 HD21 sing N N 52  
ASN ND2 HD22 sing N N 53  
ASN OXT HXT  sing N N 54  
ASP N   CA   sing N N 55  
ASP N   H    sing N N 56  
ASP N   H2   sing N N 57  
ASP CA  C    sing N N 58  
ASP CA  CB   sing N N 59  
ASP CA  HA   sing N N 60  
ASP C   O    doub N N 61  
ASP C   OXT  sing N N 62  
ASP CB  CG   sing N N 63  
ASP CB  HB2  sing N N 64  
ASP CB  HB3  sing N N 65  
ASP CG  OD1  doub N N 66  
ASP CG  OD2  sing N N 67  
ASP OD2 HD2  sing N N 68  
ASP OXT HXT  sing N N 69  
GLN N   CA   sing N N 70  
GLN N   H    sing N N 71  
GLN N   H2   sing N N 72  
GLN CA  C    sing N N 73  
GLN CA  CB   sing N N 74  
GLN CA  HA   sing N N 75  
GLN C   O    doub N N 76  
GLN C   OXT  sing N N 77  
GLN CB  CG   sing N N 78  
GLN CB  HB2  sing N N 79  
GLN CB  HB3  sing N N 80  
GLN CG  CD   sing N N 81  
GLN CG  HG2  sing N N 82  
GLN CG  HG3  sing N N 83  
GLN CD  OE1  doub N N 84  
GLN CD  NE2  sing N N 85  
GLN NE2 HE21 sing N N 86  
GLN NE2 HE22 sing N N 87  
GLN OXT HXT  sing N N 88  
GLU N   CA   sing N N 89  
GLU N   H    sing N N 90  
GLU N   H2   sing N N 91  
GLU CA  C    sing N N 92  
GLU CA  CB   sing N N 93  
GLU CA  HA   sing N N 94  
GLU C   O    doub N N 95  
GLU C   OXT  sing N N 96  
GLU CB  CG   sing N N 97  
GLU CB  HB2  sing N N 98  
GLU CB  HB3  sing N N 99  
GLU CG  CD   sing N N 100 
GLU CG  HG2  sing N N 101 
GLU CG  HG3  sing N N 102 
GLU CD  OE1  doub N N 103 
GLU CD  OE2  sing N N 104 
GLU OE2 HE2  sing N N 105 
GLU OXT HXT  sing N N 106 
GLY N   CA   sing N N 107 
GLY N   H    sing N N 108 
GLY N   H2   sing N N 109 
GLY CA  C    sing N N 110 
GLY CA  HA2  sing N N 111 
GLY CA  HA3  sing N N 112 
GLY C   O    doub N N 113 
GLY C   OXT  sing N N 114 
GLY OXT HXT  sing N N 115 
HIS N   CA   sing N N 116 
HIS N   H    sing N N 117 
HIS N   H2   sing N N 118 
HIS CA  C    sing N N 119 
HIS CA  CB   sing N N 120 
HIS CA  HA   sing N N 121 
HIS C   O    doub N N 122 
HIS C   OXT  sing N N 123 
HIS CB  CG   sing N N 124 
HIS CB  HB2  sing N N 125 
HIS CB  HB3  sing N N 126 
HIS CG  ND1  sing Y N 127 
HIS CG  CD2  doub Y N 128 
HIS ND1 CE1  doub Y N 129 
HIS ND1 HD1  sing N N 130 
HIS CD2 NE2  sing Y N 131 
HIS CD2 HD2  sing N N 132 
HIS CE1 NE2  sing Y N 133 
HIS CE1 HE1  sing N N 134 
HIS NE2 HE2  sing N N 135 
HIS OXT HXT  sing N N 136 
HOH O   H1   sing N N 137 
HOH O   H2   sing N N 138 
ILE N   CA   sing N N 139 
ILE N   H    sing N N 140 
ILE N   H2   sing N N 141 
ILE CA  C    sing N N 142 
ILE CA  CB   sing N N 143 
ILE CA  HA   sing N N 144 
ILE C   O    doub N N 145 
ILE C   OXT  sing N N 146 
ILE CB  CG1  sing N N 147 
ILE CB  CG2  sing N N 148 
ILE CB  HB   sing N N 149 
ILE CG1 CD1  sing N N 150 
ILE CG1 HG12 sing N N 151 
ILE CG1 HG13 sing N N 152 
ILE CG2 HG21 sing N N 153 
ILE CG2 HG22 sing N N 154 
ILE CG2 HG23 sing N N 155 
ILE CD1 HD11 sing N N 156 
ILE CD1 HD12 sing N N 157 
ILE CD1 HD13 sing N N 158 
ILE OXT HXT  sing N N 159 
LEU N   CA   sing N N 160 
LEU N   H    sing N N 161 
LEU N   H2   sing N N 162 
LEU CA  C    sing N N 163 
LEU CA  CB   sing N N 164 
LEU CA  HA   sing N N 165 
LEU C   O    doub N N 166 
LEU C   OXT  sing N N 167 
LEU CB  CG   sing N N 168 
LEU CB  HB2  sing N N 169 
LEU CB  HB3  sing N N 170 
LEU CG  CD1  sing N N 171 
LEU CG  CD2  sing N N 172 
LEU CG  HG   sing N N 173 
LEU CD1 HD11 sing N N 174 
LEU CD1 HD12 sing N N 175 
LEU CD1 HD13 sing N N 176 
LEU CD2 HD21 sing N N 177 
LEU CD2 HD22 sing N N 178 
LEU CD2 HD23 sing N N 179 
LEU OXT HXT  sing N N 180 
LYS N   CA   sing N N 181 
LYS N   H    sing N N 182 
LYS N   H2   sing N N 183 
LYS CA  C    sing N N 184 
LYS CA  CB   sing N N 185 
LYS CA  HA   sing N N 186 
LYS C   O    doub N N 187 
LYS C   OXT  sing N N 188 
LYS CB  CG   sing N N 189 
LYS CB  HB2  sing N N 190 
LYS CB  HB3  sing N N 191 
LYS CG  CD   sing N N 192 
LYS CG  HG2  sing N N 193 
LYS CG  HG3  sing N N 194 
LYS CD  CE   sing N N 195 
LYS CD  HD2  sing N N 196 
LYS CD  HD3  sing N N 197 
LYS CE  NZ   sing N N 198 
LYS CE  HE2  sing N N 199 
LYS CE  HE3  sing N N 200 
LYS NZ  HZ1  sing N N 201 
LYS NZ  HZ2  sing N N 202 
LYS NZ  HZ3  sing N N 203 
LYS OXT HXT  sing N N 204 
MET N   CA   sing N N 205 
MET N   H    sing N N 206 
MET N   H2   sing N N 207 
MET CA  C    sing N N 208 
MET CA  CB   sing N N 209 
MET CA  HA   sing N N 210 
MET C   O    doub N N 211 
MET C   OXT  sing N N 212 
MET CB  CG   sing N N 213 
MET CB  HB2  sing N N 214 
MET CB  HB3  sing N N 215 
MET CG  SD   sing N N 216 
MET CG  HG2  sing N N 217 
MET CG  HG3  sing N N 218 
MET SD  CE   sing N N 219 
MET CE  HE1  sing N N 220 
MET CE  HE2  sing N N 221 
MET CE  HE3  sing N N 222 
MET OXT HXT  sing N N 223 
PHE N   CA   sing N N 224 
PHE N   H    sing N N 225 
PHE N   H2   sing N N 226 
PHE CA  C    sing N N 227 
PHE CA  CB   sing N N 228 
PHE CA  HA   sing N N 229 
PHE C   O    doub N N 230 
PHE C   OXT  sing N N 231 
PHE CB  CG   sing N N 232 
PHE CB  HB2  sing N N 233 
PHE CB  HB3  sing N N 234 
PHE CG  CD1  doub Y N 235 
PHE CG  CD2  sing Y N 236 
PHE CD1 CE1  sing Y N 237 
PHE CD1 HD1  sing N N 238 
PHE CD2 CE2  doub Y N 239 
PHE CD2 HD2  sing N N 240 
PHE CE1 CZ   doub Y N 241 
PHE CE1 HE1  sing N N 242 
PHE CE2 CZ   sing Y N 243 
PHE CE2 HE2  sing N N 244 
PHE CZ  HZ   sing N N 245 
PHE OXT HXT  sing N N 246 
PRO N   CA   sing N N 247 
PRO N   CD   sing N N 248 
PRO N   H    sing N N 249 
PRO CA  C    sing N N 250 
PRO CA  CB   sing N N 251 
PRO CA  HA   sing N N 252 
PRO C   O    doub N N 253 
PRO C   OXT  sing N N 254 
PRO CB  CG   sing N N 255 
PRO CB  HB2  sing N N 256 
PRO CB  HB3  sing N N 257 
PRO CG  CD   sing N N 258 
PRO CG  HG2  sing N N 259 
PRO CG  HG3  sing N N 260 
PRO CD  HD2  sing N N 261 
PRO CD  HD3  sing N N 262 
PRO OXT HXT  sing N N 263 
SER N   CA   sing N N 264 
SER N   H    sing N N 265 
SER N   H2   sing N N 266 
SER CA  C    sing N N 267 
SER CA  CB   sing N N 268 
SER CA  HA   sing N N 269 
SER C   O    doub N N 270 
SER C   OXT  sing N N 271 
SER CB  OG   sing N N 272 
SER CB  HB2  sing N N 273 
SER CB  HB3  sing N N 274 
SER OG  HG   sing N N 275 
SER OXT HXT  sing N N 276 
THR N   CA   sing N N 277 
THR N   H    sing N N 278 
THR N   H2   sing N N 279 
THR CA  C    sing N N 280 
THR CA  CB   sing N N 281 
THR CA  HA   sing N N 282 
THR C   O    doub N N 283 
THR C   OXT  sing N N 284 
THR CB  OG1  sing N N 285 
THR CB  CG2  sing N N 286 
THR CB  HB   sing N N 287 
THR OG1 HG1  sing N N 288 
THR CG2 HG21 sing N N 289 
THR CG2 HG22 sing N N 290 
THR CG2 HG23 sing N N 291 
THR OXT HXT  sing N N 292 
TYR N   CA   sing N N 293 
TYR N   H    sing N N 294 
TYR N   H2   sing N N 295 
TYR CA  C    sing N N 296 
TYR CA  CB   sing N N 297 
TYR CA  HA   sing N N 298 
TYR C   O    doub N N 299 
TYR C   OXT  sing N N 300 
TYR CB  CG   sing N N 301 
TYR CB  HB2  sing N N 302 
TYR CB  HB3  sing N N 303 
TYR CG  CD1  doub Y N 304 
TYR CG  CD2  sing Y N 305 
TYR CD1 CE1  sing Y N 306 
TYR CD1 HD1  sing N N 307 
TYR CD2 CE2  doub Y N 308 
TYR CD2 HD2  sing N N 309 
TYR CE1 CZ   doub Y N 310 
TYR CE1 HE1  sing N N 311 
TYR CE2 CZ   sing Y N 312 
TYR CE2 HE2  sing N N 313 
TYR CZ  OH   sing N N 314 
TYR OH  HH   sing N N 315 
TYR OXT HXT  sing N N 316 
VAL N   CA   sing N N 317 
VAL N   H    sing N N 318 
VAL N   H2   sing N N 319 
VAL CA  C    sing N N 320 
VAL CA  CB   sing N N 321 
VAL CA  HA   sing N N 322 
VAL C   O    doub N N 323 
VAL C   OXT  sing N N 324 
VAL CB  CG1  sing N N 325 
VAL CB  CG2  sing N N 326 
VAL CB  HB   sing N N 327 
VAL CG1 HG11 sing N N 328 
VAL CG1 HG12 sing N N 329 
VAL CG1 HG13 sing N N 330 
VAL CG2 HG21 sing N N 331 
VAL CG2 HG22 sing N N 332 
VAL CG2 HG23 sing N N 333 
VAL OXT HXT  sing N N 334 
# 
_atom_sites.entry_id                    1QKK 
_atom_sites.fract_transf_matrix[1][1]   -0.00381550 
_atom_sites.fract_transf_matrix[1][2]   0.01650240 
_atom_sites.fract_transf_matrix[1][3]   0.00195329 
_atom_sites.fract_transf_matrix[2][1]   0.01487478 
_atom_sites.fract_transf_matrix[2][2]   0.00250719 
_atom_sites.fract_transf_matrix[2][3]   0.00787396 
_atom_sites.fract_transf_matrix[3][1]   0.00256702 
_atom_sites.fract_transf_matrix[3][2]   0.00121323 
_atom_sites.fract_transf_matrix[3][3]   -0.00523569 
_atom_sites.fract_transf_vector[1]      0.556671 
_atom_sites.fract_transf_vector[2]      0.194976 
_atom_sites.fract_transf_vector[3]      0.802107 
# 
loop_
_atom_type.symbol 
C 
N 
O 
S 
# 
loop_
_atom_site.group_PDB 
_atom_site.id 
_atom_site.type_symbol 
_atom_site.label_atom_id 
_atom_site.label_alt_id 
_atom_site.label_comp_id 
_atom_site.label_asym_id 
_atom_site.label_entity_id 
_atom_site.label_seq_id 
_atom_site.pdbx_PDB_ins_code 
_atom_site.Cartn_x 
_atom_site.Cartn_y 
_atom_site.Cartn_z 
_atom_site.occupancy 
_atom_site.B_iso_or_equiv 
_atom_site.pdbx_formal_charge 
_atom_site.auth_seq_id 
_atom_site.auth_comp_id 
_atom_site.auth_asym_id 
_atom_site.auth_atom_id 
_atom_site.pdbx_PDB_model_num 
ATOM   1    N N   . PRO A 1 4   ? 6.512   -9.189  -6.420  1.00 27.10 ? 5    PRO A N   1 
ATOM   2    C CA  . PRO A 1 4   ? 5.666   -8.128  -5.821  1.00 26.15 ? 5    PRO A CA  1 
ATOM   3    C C   . PRO A 1 4   ? 6.323   -7.541  -4.578  1.00 25.46 ? 5    PRO A C   1 
ATOM   4    O O   . PRO A 1 4   ? 6.932   -8.261  -3.790  1.00 26.01 ? 5    PRO A O   1 
ATOM   5    C CB  . PRO A 1 4   ? 4.335   -8.772  -5.473  1.00 27.13 ? 5    PRO A CB  1 
ATOM   6    C CG  . PRO A 1 4   ? 4.754   -10.215 -5.253  1.00 27.42 ? 5    PRO A CG  1 
ATOM   7    C CD  . PRO A 1 4   ? 5.808   -10.482 -6.342  1.00 26.72 ? 5    PRO A CD  1 
ATOM   8    N N   . SER A 1 5   ? 6.185   -6.232  -4.397  1.00 24.05 ? 6    SER A N   1 
ATOM   9    C CA  . SER A 1 5   ? 6.789   -5.567  -3.252  1.00 22.49 ? 6    SER A CA  1 
ATOM   10   C C   . SER A 1 5   ? 5.766   -4.837  -2.395  1.00 21.26 ? 6    SER A C   1 
ATOM   11   O O   . SER A 1 5   ? 4.725   -4.400  -2.887  1.00 19.78 ? 6    SER A O   1 
ATOM   12   C CB  . SER A 1 5   ? 7.849   -4.580  -3.732  1.00 24.05 ? 6    SER A CB  1 
ATOM   13   O OG  . SER A 1 5   ? 7.276   -3.631  -4.613  1.00 24.41 ? 6    SER A OG  1 
ATOM   14   N N   . VAL A 1 6   ? 6.075   -4.712  -1.107  1.00 20.21 ? 7    VAL A N   1 
ATOM   15   C CA  . VAL A 1 6   ? 5.192   -4.038  -0.164  1.00 19.94 ? 7    VAL A CA  1 
ATOM   16   C C   . VAL A 1 6   ? 5.955   -3.217  0.863   1.00 19.50 ? 7    VAL A C   1 
ATOM   17   O O   . VAL A 1 6   ? 6.973   -3.664  1.396   1.00 18.30 ? 7    VAL A O   1 
ATOM   18   C CB  . VAL A 1 6   ? 4.332   -5.052  0.637   1.00 21.47 ? 7    VAL A CB  1 
ATOM   19   C CG1 . VAL A 1 6   ? 3.543   -4.320  1.721   1.00 21.70 ? 7    VAL A CG1 1 
ATOM   20   C CG2 . VAL A 1 6   ? 3.385   -5.794  -0.287  1.00 24.08 ? 7    VAL A CG2 1 
ATOM   21   N N   . PHE A 1 7   ? 5.470   -2.006  1.117   1.00 18.44 ? 8    PHE A N   1 
ATOM   22   C CA  . PHE A 1 7   ? 6.044   -1.151  2.148   1.00 18.27 ? 8    PHE A CA  1 
ATOM   23   C C   . PHE A 1 7   ? 5.028   -1.329  3.274   1.00 17.93 ? 8    PHE A C   1 
ATOM   24   O O   . PHE A 1 7   ? 3.852   -0.986  3.123   1.00 18.33 ? 8    PHE A O   1 
ATOM   25   C CB  . PHE A 1 7   ? 6.106   0.310   1.686   1.00 19.52 ? 8    PHE A CB  1 
ATOM   26   C CG  . PHE A 1 7   ? 7.454   0.723   1.152   1.00 20.68 ? 8    PHE A CG  1 
ATOM   27   C CD1 . PHE A 1 7   ? 8.235   -0.170  0.423   1.00 21.55 ? 8    PHE A CD1 1 
ATOM   28   C CD2 . PHE A 1 7   ? 7.931   2.015   1.359   1.00 21.36 ? 8    PHE A CD2 1 
ATOM   29   C CE1 . PHE A 1 7   ? 9.475   0.216   -0.093  1.00 21.90 ? 8    PHE A CE1 1 
ATOM   30   C CE2 . PHE A 1 7   ? 9.167   2.412   0.847   1.00 22.67 ? 8    PHE A CE2 1 
ATOM   31   C CZ  . PHE A 1 7   ? 9.939   1.508   0.119   1.00 22.94 ? 8    PHE A CZ  1 
ATOM   32   N N   . LEU A 1 8   ? 5.480   -1.897  4.387   1.00 16.84 ? 9    LEU A N   1 
ATOM   33   C CA  . LEU A 1 8   ? 4.615   -2.180  5.524   1.00 16.51 ? 9    LEU A CA  1 
ATOM   34   C C   . LEU A 1 8   ? 4.908   -1.270  6.709   1.00 17.62 ? 9    LEU A C   1 
ATOM   35   O O   . LEU A 1 8   ? 6.046   -1.187  7.167   1.00 18.85 ? 9    LEU A O   1 
ATOM   36   C CB  . LEU A 1 8   ? 4.799   -3.647  5.933   1.00 16.84 ? 9    LEU A CB  1 
ATOM   37   C CG  . LEU A 1 8   ? 4.012   -4.169  7.130   1.00 17.05 ? 9    LEU A CG  1 
ATOM   38   C CD1 . LEU A 1 8   ? 2.530   -4.212  6.799   1.00 17.48 ? 9    LEU A CD1 1 
ATOM   39   C CD2 . LEU A 1 8   ? 4.521   -5.561  7.496   1.00 17.29 ? 9    LEU A CD2 1 
ATOM   40   N N   . ILE A 1 9   ? 3.871   -0.603  7.207   1.00 15.47 ? 10   ILE A N   1 
ATOM   41   C CA  . ILE A 1 9   ? 4.018   0.316   8.328   1.00 17.03 ? 10   ILE A CA  1 
ATOM   42   C C   . ILE A 1 9   ? 3.052   0.034   9.475   1.00 17.18 ? 10   ILE A C   1 
ATOM   43   O O   . ILE A 1 9   ? 1.837   -0.007  9.286   1.00 16.25 ? 10   ILE A O   1 
ATOM   44   C CB  . ILE A 1 9   ? 3.793   1.786   7.881   1.00 17.95 ? 10   ILE A CB  1 
ATOM   45   C CG1 . ILE A 1 9   ? 4.665   2.115   6.671   1.00 18.42 ? 10   ILE A CG1 1 
ATOM   46   C CG2 . ILE A 1 9   ? 4.118   2.736   9.024   1.00 19.37 ? 10   ILE A CG2 1 
ATOM   47   C CD1 . ILE A 1 9   ? 3.996   1.853   5.334   1.00 20.10 ? 10   ILE A CD1 1 
ATOM   48   N N   . ASP A 1 10  ? 3.596   -0.162  10.671  1.00 18.69 ? 11   ASP A N   1 
ATOM   49   C CA  . ASP A 1 10  ? 2.768   -0.393  11.842  1.00 19.86 ? 11   ASP A CA  1 
ATOM   50   C C   . ASP A 1 10  ? 3.587   -0.104  13.093  1.00 21.55 ? 11   ASP A C   1 
ATOM   51   O O   . ASP A 1 10  ? 4.793   -0.338  13.117  1.00 21.93 ? 11   ASP A O   1 
ATOM   52   C CB  . ASP A 1 10  ? 2.254   -1.835  11.887  1.00 22.74 ? 11   ASP A CB  1 
ATOM   53   C CG  . ASP A 1 10  ? 0.951   -1.957  12.659  1.00 24.42 ? 11   ASP A CG  1 
ATOM   54   O OD1 . ASP A 1 10  ? -0.127  -1.892  12.027  1.00 25.54 ? 11   ASP A OD1 1 
ATOM   55   O OD2 . ASP A 1 10  ? 0.993   -2.093  13.901  1.00 25.80 ? 11   ASP A OD2 1 
ATOM   56   N N   . ASP A 1 11  ? 2.930   0.414   14.123  1.00 22.72 ? 12   ASP A N   1 
ATOM   57   C CA  . ASP A 1 11  ? 3.618   0.734   15.365  1.00 25.72 ? 12   ASP A CA  1 
ATOM   58   C C   . ASP A 1 11  ? 3.778   -0.496  16.261  1.00 26.36 ? 12   ASP A C   1 
ATOM   59   O O   . ASP A 1 11  ? 4.655   -0.528  17.127  1.00 26.79 ? 12   ASP A O   1 
ATOM   60   C CB  . ASP A 1 11  ? 2.864   1.835   16.113  1.00 27.18 ? 12   ASP A CB  1 
ATOM   61   C CG  . ASP A 1 11  ? 3.640   2.365   17.300  1.00 29.59 ? 12   ASP A CG  1 
ATOM   62   O OD1 . ASP A 1 11  ? 4.757   2.888   17.096  1.00 30.53 ? 12   ASP A OD1 1 
ATOM   63   O OD2 . ASP A 1 11  ? 3.132   2.258   18.433  1.00 32.05 ? 12   ASP A OD2 1 
ATOM   64   N N   . ASP A 1 12  ? 2.932   -1.502  16.057  1.00 26.00 ? 13   ASP A N   1 
ATOM   65   C CA  . ASP A 1 12  ? 3.002   -2.729  16.851  1.00 26.66 ? 13   ASP A CA  1 
ATOM   66   C C   . ASP A 1 12  ? 4.095   -3.620  16.268  1.00 26.75 ? 13   ASP A C   1 
ATOM   67   O O   . ASP A 1 12  ? 3.901   -4.266  15.240  1.00 25.47 ? 13   ASP A O   1 
ATOM   68   C CB  . ASP A 1 12  ? 1.662   -3.467  16.815  1.00 27.78 ? 13   ASP A CB  1 
ATOM   69   C CG  . ASP A 1 12  ? 1.641   -4.689  17.716  1.00 30.27 ? 13   ASP A CG  1 
ATOM   70   O OD1 . ASP A 1 12  ? 2.680   -5.371  17.827  1.00 29.90 ? 13   ASP A OD1 1 
ATOM   71   O OD2 . ASP A 1 12  ? 0.579   -4.975  18.305  1.00 31.78 ? 13   ASP A OD2 1 
ATOM   72   N N   . ARG A 1 13  ? 5.240   -3.647  16.941  1.00 26.75 ? 14   ARG A N   1 
ATOM   73   C CA  . ARG A 1 13  ? 6.393   -4.431  16.507  1.00 27.51 ? 14   ARG A CA  1 
ATOM   74   C C   . ARG A 1 13  ? 6.062   -5.898  16.224  1.00 25.86 ? 14   ARG A C   1 
ATOM   75   O O   . ARG A 1 13  ? 6.465   -6.441  15.193  1.00 25.41 ? 14   ARG A O   1 
ATOM   76   C CB  . ARG A 1 13  ? 7.487   -4.353  17.576  1.00 29.80 ? 14   ARG A CB  1 
ATOM   77   C CG  . ARG A 1 13  ? 8.909   -4.418  17.048  1.00 34.41 ? 14   ARG A CG  1 
ATOM   78   C CD  . ARG A 1 13  ? 9.229   -5.737  16.371  1.00 38.14 ? 14   ARG A CD  1 
ATOM   79   N NE  . ARG A 1 13  ? 8.978   -6.884  17.240  1.00 41.58 ? 14   ARG A NE  1 
ATOM   80   C CZ  . ARG A 1 13  ? 9.574   -8.065  17.103  1.00 42.42 ? 14   ARG A CZ  1 
ATOM   81   N NH1 . ARG A 1 13  ? 10.460  -8.255  16.134  1.00 43.24 ? 14   ARG A NH1 1 
ATOM   82   N NH2 . ARG A 1 13  ? 9.280   -9.059  17.932  1.00 44.36 ? 14   ARG A NH2 1 
ATOM   83   N N   . ASP A 1 14  ? 5.334   -6.536  17.135  1.00 25.29 ? 15   ASP A N   1 
ATOM   84   C CA  . ASP A 1 14  ? 4.980   -7.942  16.968  1.00 25.41 ? 15   ASP A CA  1 
ATOM   85   C C   . ASP A 1 14  ? 4.041   -8.176  15.792  1.00 24.16 ? 15   ASP A C   1 
ATOM   86   O O   . ASP A 1 14  ? 4.235   -9.115  15.020  1.00 23.36 ? 15   ASP A O   1 
ATOM   87   C CB  . ASP A 1 14  ? 4.346   -8.497  18.244  1.00 27.08 ? 15   ASP A CB  1 
ATOM   88   C CG  . ASP A 1 14  ? 5.302   -8.484  19.419  1.00 29.92 ? 15   ASP A CG  1 
ATOM   89   O OD1 . ASP A 1 14  ? 6.520   -8.661  19.198  1.00 30.27 ? 15   ASP A OD1 1 
ATOM   90   O OD2 . ASP A 1 14  ? 4.835   -8.309  20.563  1.00 33.01 ? 15   ASP A OD2 1 
ATOM   91   N N   . LEU A 1 15  ? 3.020   -7.334  15.664  1.00 23.12 ? 16   LEU A N   1 
ATOM   92   C CA  . LEU A 1 15  ? 2.073   -7.465  14.560  1.00 22.33 ? 16   LEU A CA  1 
ATOM   93   C C   . LEU A 1 15  ? 2.781   -7.251  13.230  1.00 21.62 ? 16   LEU A C   1 
ATOM   94   O O   . LEU A 1 15  ? 2.524   -7.960  12.253  1.00 20.76 ? 16   LEU A O   1 
ATOM   95   C CB  . LEU A 1 15  ? 0.942   -6.439  14.690  1.00 22.67 ? 16   LEU A CB  1 
ATOM   96   C CG  . LEU A 1 15  ? -0.051  -6.425  13.519  1.00 23.73 ? 16   LEU A CG  1 
ATOM   97   C CD1 . LEU A 1 15  ? -0.696  -7.796  13.366  1.00 23.77 ? 16   LEU A CD1 1 
ATOM   98   C CD2 . LEU A 1 15  ? -1.108  -5.355  13.760  1.00 24.45 ? 16   LEU A CD2 1 
ATOM   99   N N   . ARG A 1 16  ? 3.669   -6.264  13.192  1.00 20.85 ? 17   ARG A N   1 
ATOM   100  C CA  . ARG A 1 16  ? 4.404   -5.955  11.977  1.00 21.77 ? 17   ARG A CA  1 
ATOM   101  C C   . ARG A 1 16  ? 5.260   -7.144  11.544  1.00 20.88 ? 17   ARG A C   1 
ATOM   102  O O   . ARG A 1 16  ? 5.342   -7.458  10.359  1.00 18.76 ? 17   ARG A O   1 
ATOM   103  C CB  . ARG A 1 16  ? 5.297   -4.738  12.195  1.00 24.11 ? 17   ARG A CB  1 
ATOM   104  C CG  . ARG A 1 16  ? 5.899   -4.164  10.927  1.00 27.62 ? 17   ARG A CG  1 
ATOM   105  C CD  . ARG A 1 16  ? 7.123   -3.337  11.282  1.00 31.96 ? 17   ARG A CD  1 
ATOM   106  N NE  . ARG A 1 16  ? 6.854   -2.503  12.445  1.00 35.51 ? 17   ARG A NE  1 
ATOM   107  C CZ  . ARG A 1 16  ? 7.789   -1.995  13.238  1.00 35.58 ? 17   ARG A CZ  1 
ATOM   108  N NH1 . ARG A 1 16  ? 9.072   -2.232  12.997  1.00 37.21 ? 17   ARG A NH1 1 
ATOM   109  N NH2 . ARG A 1 16  ? 7.434   -1.257  14.280  1.00 37.54 ? 17   ARG A NH2 1 
ATOM   110  N N   . LYS A 1 17  ? 5.902   -7.804  12.502  1.00 19.57 ? 18   LYS A N   1 
ATOM   111  C CA  . LYS A 1 17  ? 6.739   -8.948  12.166  1.00 21.04 ? 18   LYS A CA  1 
ATOM   112  C C   . LYS A 1 17  ? 5.896   -10.107 11.650  1.00 19.07 ? 18   LYS A C   1 
ATOM   113  O O   . LYS A 1 17  ? 6.289   -10.793 10.706  1.00 19.75 ? 18   LYS A O   1 
ATOM   114  C CB  . LYS A 1 17  ? 7.553   -9.400  13.385  1.00 23.76 ? 18   LYS A CB  1 
ATOM   115  C CG  . LYS A 1 17  ? 8.403   -8.297  14.005  1.00 28.28 ? 18   LYS A CG  1 
ATOM   116  C CD  . LYS A 1 17  ? 9.260   -7.547  12.974  1.00 32.53 ? 18   LYS A CD  1 
ATOM   117  C CE  . LYS A 1 17  ? 10.538  -8.298  12.602  1.00 33.94 ? 18   LYS A CE  1 
ATOM   118  N NZ  . LYS A 1 17  ? 10.296  -9.615  11.951  1.00 36.43 ? 18   LYS A NZ  1 
ATOM   119  N N   . ALA A 1 18  ? 4.741   -10.327 12.269  1.00 17.43 ? 19   ALA A N   1 
ATOM   120  C CA  . ALA A 1 18  ? 3.854   -11.407 11.851  1.00 17.36 ? 19   ALA A CA  1 
ATOM   121  C C   . ALA A 1 18  ? 3.352   -11.120 10.437  1.00 17.26 ? 19   ALA A C   1 
ATOM   122  O O   . ALA A 1 18  ? 3.311   -12.009 9.584   1.00 17.21 ? 19   ALA A O   1 
ATOM   123  C CB  . ALA A 1 18  ? 2.683   -11.528 12.817  1.00 18.14 ? 19   ALA A CB  1 
ATOM   124  N N   . MET A 1 19  ? 2.983   -9.867  10.197  1.00 16.18 ? 20   MET A N   1 
ATOM   125  C CA  . MET A 1 19  ? 2.495   -9.451  8.886   1.00 16.21 ? 20   MET A CA  1 
ATOM   126  C C   . MET A 1 19  ? 3.585   -9.604  7.829   1.00 15.58 ? 20   MET A C   1 
ATOM   127  O O   . MET A 1 19  ? 3.325   -10.070 6.723   1.00 14.94 ? 20   MET A O   1 
ATOM   128  C CB  . MET A 1 19  ? 2.017   -7.991  8.939   1.00 13.68 ? 20   MET A CB  1 
ATOM   129  C CG  . MET A 1 19  ? 0.728   -7.777  9.714   1.00 14.13 ? 20   MET A CG  1 
ATOM   130  S SD  . MET A 1 19  ? 0.202   -6.005  9.728   1.00 12.33 ? 20   MET A SD  1 
ATOM   131  C CE  . MET A 1 19  ? -0.304  -5.818  8.066   1.00 17.05 ? 20   MET A CE  1 
ATOM   132  N N   . GLN A 1 20  ? 4.808   -9.205  8.167   1.00 16.06 ? 21   GLN A N   1 
ATOM   133  C CA  . GLN A 1 20  ? 5.917   -9.320  7.232   1.00 17.27 ? 21   GLN A CA  1 
ATOM   134  C C   . GLN A 1 20  ? 6.186   -10.778 6.865   1.00 17.28 ? 21   GLN A C   1 
ATOM   135  O O   . GLN A 1 20  ? 6.416   -11.099 5.699   1.00 16.92 ? 21   GLN A O   1 
ATOM   136  C CB  . GLN A 1 20  ? 7.185   -8.703  7.827   1.00 19.07 ? 21   GLN A CB  1 
ATOM   137  C CG  . GLN A 1 20  ? 8.414   -8.865  6.939   1.00 22.45 ? 21   GLN A CG  1 
ATOM   138  C CD  . GLN A 1 20  ? 9.599   -8.050  7.423   1.00 27.82 ? 21   GLN A CD  1 
ATOM   139  O OE1 . GLN A 1 20  ? 10.655  -8.032  6.788   1.00 31.86 ? 21   GLN A OE1 1 
ATOM   140  N NE2 . GLN A 1 20  ? 9.430   -7.373  8.551   1.00 28.52 ? 21   GLN A NE2 1 
ATOM   141  N N   . GLN A 1 21  ? 6.167   -11.655 7.863   1.00 17.61 ? 22   GLN A N   1 
ATOM   142  C CA  . GLN A 1 21  ? 6.417   -13.076 7.614   1.00 17.67 ? 22   GLN A CA  1 
ATOM   143  C C   . GLN A 1 21  ? 5.340   -13.660 6.710   1.00 17.83 ? 22   GLN A C   1 
ATOM   144  O O   . GLN A 1 21  ? 5.641   -14.392 5.764   1.00 18.15 ? 22   GLN A O   1 
ATOM   145  C CB  . GLN A 1 21  ? 6.470   -13.844 8.941   1.00 19.07 ? 22   GLN A CB  1 
ATOM   146  C CG  . GLN A 1 21  ? 7.629   -13.416 9.834   1.00 22.02 ? 22   GLN A CG  1 
ATOM   147  C CD  . GLN A 1 21  ? 7.627   -14.109 11.183  1.00 23.69 ? 22   GLN A CD  1 
ATOM   148  O OE1 . GLN A 1 21  ? 6.580   -14.292 11.796  1.00 27.15 ? 22   GLN A OE1 1 
ATOM   149  N NE2 . GLN A 1 21  ? 8.809   -14.482 11.658  1.00 27.16 ? 22   GLN A NE2 1 
ATOM   150  N N   . THR A 1 22  ? 4.090   -13.319 6.995   1.00 16.90 ? 23   THR A N   1 
ATOM   151  C CA  . THR A 1 22  ? 2.962   -13.802 6.207   1.00 17.65 ? 23   THR A CA  1 
ATOM   152  C C   . THR A 1 22  ? 3.095   -13.355 4.754   1.00 17.60 ? 23   THR A C   1 
ATOM   153  O O   . THR A 1 22  ? 2.931   -14.157 3.837   1.00 17.20 ? 23   THR A O   1 
ATOM   154  C CB  . THR A 1 22  ? 1.623   -13.276 6.768   1.00 18.14 ? 23   THR A CB  1 
ATOM   155  O OG1 . THR A 1 22  ? 1.447   -13.745 8.112   1.00 18.82 ? 23   THR A OG1 1 
ATOM   156  C CG2 . THR A 1 22  ? 0.460   -13.761 5.909   1.00 18.17 ? 23   THR A CG2 1 
ATOM   157  N N   . LEU A 1 23  ? 3.396   -12.076 4.543   1.00 16.43 ? 24   LEU A N   1 
ATOM   158  C CA  . LEU A 1 23  ? 3.542   -11.564 3.186   1.00 17.00 ? 24   LEU A CA  1 
ATOM   159  C C   . LEU A 1 23  ? 4.730   -12.196 2.468   1.00 17.35 ? 24   LEU A C   1 
ATOM   160  O O   . LEU A 1 23  ? 4.634   -12.557 1.293   1.00 17.55 ? 24   LEU A O   1 
ATOM   161  C CB  . LEU A 1 23  ? 3.680   -10.039 3.214   1.00 16.46 ? 24   LEU A CB  1 
ATOM   162  C CG  . LEU A 1 23  ? 2.389   -9.355  3.669   1.00 18.23 ? 24   LEU A CG  1 
ATOM   163  C CD1 . LEU A 1 23  ? 2.649   -7.905  3.995   1.00 18.07 ? 24   LEU A CD1 1 
ATOM   164  C CD2 . LEU A 1 23  ? 1.340   -9.490  2.568   1.00 18.09 ? 24   LEU A CD2 1 
ATOM   165  N N   . GLU A 1 24  ? 5.850   -12.349 3.166   1.00 17.75 ? 25   GLU A N   1 
ATOM   166  C CA  . GLU A 1 24  ? 7.026   -12.955 2.544   1.00 18.55 ? 25   GLU A CA  1 
ATOM   167  C C   . GLU A 1 24  ? 6.767   -14.405 2.143   1.00 18.72 ? 25   GLU A C   1 
ATOM   168  O O   . GLU A 1 24  ? 7.220   -14.854 1.085   1.00 18.45 ? 25   GLU A O   1 
ATOM   169  C CB  . GLU A 1 24  ? 8.232   -12.876 3.490   1.00 21.19 ? 25   GLU A CB  1 
ATOM   170  C CG  . GLU A 1 24  ? 8.713   -11.452 3.730   1.00 22.11 ? 25   GLU A CG  1 
ATOM   171  C CD  . GLU A 1 24  ? 9.832   -11.365 4.751   1.00 26.16 ? 25   GLU A CD  1 
ATOM   172  O OE1 . GLU A 1 24  ? 9.769   -12.092 5.769   1.00 26.69 ? 25   GLU A OE1 1 
ATOM   173  O OE2 . GLU A 1 24  ? 10.763  -10.558 4.546   1.00 26.17 ? 25   GLU A OE2 1 
ATOM   174  N N   . LEU A 1 25  ? 6.035   -15.138 2.981   1.00 17.72 ? 26   LEU A N   1 
ATOM   175  C CA  . LEU A 1 25  ? 5.727   -16.532 2.681   1.00 18.51 ? 26   LEU A CA  1 
ATOM   176  C C   . LEU A 1 25  ? 4.706   -16.617 1.552   1.00 20.47 ? 26   LEU A C   1 
ATOM   177  O O   . LEU A 1 25  ? 4.508   -17.682 0.960   1.00 20.81 ? 26   LEU A O   1 
ATOM   178  C CB  . LEU A 1 25  ? 5.208   -17.249 3.928   1.00 17.99 ? 26   LEU A CB  1 
ATOM   179  C CG  . LEU A 1 25  ? 6.269   -17.510 5.003   1.00 18.92 ? 26   LEU A CG  1 
ATOM   180  C CD1 . LEU A 1 25  ? 5.597   -18.005 6.280   1.00 20.76 ? 26   LEU A CD1 1 
ATOM   181  C CD2 . LEU A 1 25  ? 7.284   -18.533 4.492   1.00 21.06 ? 26   LEU A CD2 1 
ATOM   182  N N   . ALA A 1 26  ? 4.065   -15.485 1.261   1.00 20.28 ? 27   ALA A N   1 
ATOM   183  C CA  . ALA A 1 26  ? 3.084   -15.408 0.185   1.00 21.14 ? 27   ALA A CA  1 
ATOM   184  C C   . ALA A 1 26  ? 3.773   -14.910 -1.085  1.00 21.93 ? 27   ALA A C   1 
ATOM   185  O O   . ALA A 1 26  ? 3.121   -14.649 -2.099  1.00 23.08 ? 27   ALA A O   1 
ATOM   186  C CB  . ALA A 1 26  ? 1.934   -14.479 0.574   1.00 20.25 ? 27   ALA A CB  1 
ATOM   187  N N   . GLY A 1 27  ? 5.093   -14.762 -1.015  1.00 21.30 ? 28   GLY A N   1 
ATOM   188  C CA  . GLY A 1 27  ? 5.858   -14.336 -2.173  1.00 22.66 ? 28   GLY A CA  1 
ATOM   189  C C   . GLY A 1 27  ? 6.186   -12.862 -2.325  1.00 22.61 ? 28   GLY A C   1 
ATOM   190  O O   . GLY A 1 27  ? 6.759   -12.464 -3.341  1.00 23.28 ? 28   GLY A O   1 
ATOM   191  N N   . PHE A 1 28  ? 5.842   -12.045 -1.336  1.00 22.03 ? 29   PHE A N   1 
ATOM   192  C CA  . PHE A 1 28  ? 6.128   -10.615 -1.423  1.00 21.78 ? 29   PHE A CA  1 
ATOM   193  C C   . PHE A 1 28  ? 7.496   -10.256 -0.862  1.00 22.49 ? 29   PHE A C   1 
ATOM   194  O O   . PHE A 1 28  ? 8.005   -10.925 0.037   1.00 23.13 ? 29   PHE A O   1 
ATOM   195  C CB  . PHE A 1 28  ? 5.103   -9.784  -0.641  1.00 21.57 ? 29   PHE A CB  1 
ATOM   196  C CG  . PHE A 1 28  ? 3.722   -9.788  -1.226  1.00 21.44 ? 29   PHE A CG  1 
ATOM   197  C CD1 . PHE A 1 28  ? 2.839   -10.825 -0.956  1.00 22.59 ? 29   PHE A CD1 1 
ATOM   198  C CD2 . PHE A 1 28  ? 3.289   -8.727  -2.018  1.00 23.66 ? 29   PHE A CD2 1 
ATOM   199  C CE1 . PHE A 1 28  ? 1.538   -10.806 -1.460  1.00 22.16 ? 29   PHE A CE1 1 
ATOM   200  C CE2 . PHE A 1 28  ? 1.993   -8.697  -2.528  1.00 22.49 ? 29   PHE A CE2 1 
ATOM   201  C CZ  . PHE A 1 28  ? 1.116   -9.736  -2.248  1.00 22.54 ? 29   PHE A CZ  1 
ATOM   202  N N   . THR A 1 29  ? 8.082   -9.196  -1.405  1.00 22.11 ? 30   THR A N   1 
ATOM   203  C CA  . THR A 1 29  ? 9.351   -8.679  -0.911  1.00 22.68 ? 30   THR A CA  1 
ATOM   204  C C   . THR A 1 29  ? 8.856   -7.544  -0.023  1.00 22.90 ? 30   THR A C   1 
ATOM   205  O O   . THR A 1 29  ? 8.203   -6.617  -0.506  1.00 22.48 ? 30   THR A O   1 
ATOM   206  C CB  . THR A 1 29  ? 10.220  -8.107  -2.041  1.00 24.32 ? 30   THR A CB  1 
ATOM   207  O OG1 . THR A 1 29  ? 10.598  -9.164  -2.931  1.00 27.47 ? 30   THR A OG1 1 
ATOM   208  C CG2 . THR A 1 29  ? 11.477  -7.462  -1.473  1.00 24.42 ? 30   THR A CG2 1 
ATOM   209  N N   . VAL A 1 30  ? 9.155   -7.623  1.270   1.00 21.67 ? 31   VAL A N   1 
ATOM   210  C CA  . VAL A 1 30  ? 8.678   -6.627  2.220   1.00 21.60 ? 31   VAL A CA  1 
ATOM   211  C C   . VAL A 1 30  ? 9.718   -5.714  2.857   1.00 22.70 ? 31   VAL A C   1 
ATOM   212  O O   . VAL A 1 30  ? 10.799  -6.152  3.253   1.00 22.42 ? 31   VAL A O   1 
ATOM   213  C CB  . VAL A 1 30  ? 7.903   -7.312  3.375   1.00 21.71 ? 31   VAL A CB  1 
ATOM   214  C CG1 . VAL A 1 30  ? 7.289   -6.263  4.303   1.00 21.16 ? 31   VAL A CG1 1 
ATOM   215  C CG2 . VAL A 1 30  ? 6.831   -8.225  2.811   1.00 20.02 ? 31   VAL A CG2 1 
ATOM   216  N N   . SER A 1 31  ? 9.369   -4.435  2.938   1.00 22.08 ? 32   SER A N   1 
ATOM   217  C CA  . SER A 1 31  ? 10.198  -3.426  3.585   1.00 22.88 ? 32   SER A CA  1 
ATOM   218  C C   . SER A 1 31  ? 9.290   -2.944  4.710   1.00 22.84 ? 32   SER A C   1 
ATOM   219  O O   . SER A 1 31  ? 8.239   -2.354  4.457   1.00 22.17 ? 32   SER A O   1 
ATOM   220  C CB  . SER A 1 31  ? 10.523  -2.278  2.627   1.00 22.93 ? 32   SER A CB  1 
ATOM   221  O OG  . SER A 1 31  ? 11.388  -2.706  1.591   1.00 23.40 ? 32   SER A OG  1 
ATOM   222  N N   . SER A 1 32  ? 9.679   -3.222  5.950   1.00 22.71 ? 33   SER A N   1 
ATOM   223  C CA  . SER A 1 32  ? 8.870   -2.846  7.103   1.00 24.00 ? 33   SER A CA  1 
ATOM   224  C C   . SER A 1 32  ? 9.410   -1.618  7.820   1.00 24.94 ? 33   SER A C   1 
ATOM   225  O O   . SER A 1 32  ? 10.619  -1.480  8.012   1.00 25.21 ? 33   SER A O   1 
ATOM   226  C CB  . SER A 1 32  ? 8.784   -4.015  8.088   1.00 24.47 ? 33   SER A CB  1 
ATOM   227  O OG  . SER A 1 32  ? 10.071  -4.360  8.567   1.00 28.13 ? 33   SER A OG  1 
ATOM   228  N N   . PHE A 1 33  ? 8.496   -0.738  8.220   1.00 24.33 ? 34   PHE A N   1 
ATOM   229  C CA  . PHE A 1 33  ? 8.855   0.493   8.910   1.00 25.47 ? 34   PHE A CA  1 
ATOM   230  C C   . PHE A 1 33  ? 8.031   0.726   10.168  1.00 25.59 ? 34   PHE A C   1 
ATOM   231  O O   . PHE A 1 33  ? 6.870   0.324   10.255  1.00 24.12 ? 34   PHE A O   1 
ATOM   232  C CB  . PHE A 1 33  ? 8.657   1.700   7.989   1.00 25.72 ? 34   PHE A CB  1 
ATOM   233  C CG  . PHE A 1 33  ? 9.336   1.577   6.667   1.00 26.22 ? 34   PHE A CG  1 
ATOM   234  C CD1 . PHE A 1 33  ? 8.760   0.837   5.640   1.00 25.89 ? 34   PHE A CD1 1 
ATOM   235  C CD2 . PHE A 1 33  ? 10.553  2.210   6.438   1.00 27.11 ? 34   PHE A CD2 1 
ATOM   236  C CE1 . PHE A 1 33  ? 9.387   0.732   4.401   1.00 26.18 ? 34   PHE A CE1 1 
ATOM   237  C CE2 . PHE A 1 33  ? 11.187  2.110   5.205   1.00 27.73 ? 34   PHE A CE2 1 
ATOM   238  C CZ  . PHE A 1 33  ? 10.603  1.369   4.184   1.00 27.37 ? 34   PHE A CZ  1 
ATOM   239  N N   . ALA A 1 34  ? 8.642   1.392   11.143  1.00 26.00 ? 35   ALA A N   1 
ATOM   240  C CA  . ALA A 1 34  ? 7.965   1.724   12.386  1.00 26.60 ? 35   ALA A CA  1 
ATOM   241  C C   . ALA A 1 34  ? 7.460   3.164   12.275  1.00 26.91 ? 35   ALA A C   1 
ATOM   242  O O   . ALA A 1 34  ? 6.776   3.661   13.167  1.00 28.59 ? 35   ALA A O   1 
ATOM   243  C CB  . ALA A 1 34  ? 8.930   1.596   13.563  1.00 27.08 ? 35   ALA A CB  1 
ATOM   244  N N   . SER A 1 35  ? 7.807   3.838   11.183  1.00 26.95 ? 36   SER A N   1 
ATOM   245  C CA  . SER A 1 35  ? 7.370   5.217   10.985  1.00 27.33 ? 36   SER A CA  1 
ATOM   246  C C   . SER A 1 35  ? 6.914   5.480   9.552   1.00 25.90 ? 36   SER A C   1 
ATOM   247  O O   . SER A 1 35  ? 7.585   5.104   8.593   1.00 24.90 ? 36   SER A O   1 
ATOM   248  C CB  . SER A 1 35  ? 8.496   6.191   11.342  1.00 29.15 ? 36   SER A CB  1 
ATOM   249  O OG  . SER A 1 35  ? 9.571   6.080   10.427  1.00 32.58 ? 36   SER A OG  1 
ATOM   250  N N   . ALA A 1 36  ? 5.766   6.132   9.414   1.00 24.74 ? 37   ALA A N   1 
ATOM   251  C CA  . ALA A 1 36  ? 5.234   6.446   8.095   1.00 24.54 ? 37   ALA A CA  1 
ATOM   252  C C   . ALA A 1 36  ? 6.167   7.402   7.365   1.00 25.31 ? 37   ALA A C   1 
ATOM   253  O O   . ALA A 1 36  ? 6.306   7.339   6.145   1.00 23.20 ? 37   ALA A O   1 
ATOM   254  C CB  . ALA A 1 36  ? 3.853   7.070   8.225   1.00 24.53 ? 37   ALA A CB  1 
ATOM   255  N N   . THR A 1 37  ? 6.811   8.288   8.118   1.00 26.51 ? 38   THR A N   1 
ATOM   256  C CA  . THR A 1 37  ? 7.720   9.257   7.523   1.00 27.74 ? 38   THR A CA  1 
ATOM   257  C C   . THR A 1 37  ? 8.877   8.571   6.805   1.00 27.69 ? 38   THR A C   1 
ATOM   258  O O   . THR A 1 37  ? 9.226   8.936   5.679   1.00 27.40 ? 38   THR A O   1 
ATOM   259  C CB  . THR A 1 37  ? 8.285   10.212  8.593   1.00 29.06 ? 38   THR A CB  1 
ATOM   260  O OG1 . THR A 1 37  ? 7.204   10.789  9.337   1.00 30.17 ? 38   THR A OG1 1 
ATOM   261  C CG2 . THR A 1 37  ? 9.084   11.325  7.939   1.00 30.07 ? 38   THR A CG2 1 
ATOM   262  N N   . GLU A 1 38  ? 9.465   7.570   7.453   1.00 28.05 ? 39   GLU A N   1 
ATOM   263  C CA  . GLU A 1 38  ? 10.580  6.848   6.856   1.00 28.94 ? 39   GLU A CA  1 
ATOM   264  C C   . GLU A 1 38  ? 10.129  6.101   5.604   1.00 27.39 ? 39   GLU A C   1 
ATOM   265  O O   . GLU A 1 38  ? 10.843  6.063   4.602   1.00 27.82 ? 39   GLU A O   1 
ATOM   266  C CB  . GLU A 1 38  ? 11.187  5.871   7.871   1.00 31.62 ? 39   GLU A CB  1 
ATOM   267  C CG  . GLU A 1 38  ? 12.342  5.047   7.319   1.00 36.24 ? 39   GLU A CG  1 
ATOM   268  C CD  . GLU A 1 38  ? 13.140  4.342   8.403   1.00 38.68 ? 39   GLU A CD  1 
ATOM   269  O OE1 . GLU A 1 38  ? 12.532  3.642   9.243   1.00 40.24 ? 39   GLU A OE1 1 
ATOM   270  O OE2 . GLU A 1 38  ? 14.382  4.485   8.410   1.00 40.95 ? 39   GLU A OE2 1 
ATOM   271  N N   . ALA A 1 39  ? 8.936   5.517   5.660   1.00 25.95 ? 40   ALA A N   1 
ATOM   272  C CA  . ALA A 1 39  ? 8.399   4.785   4.519   1.00 24.70 ? 40   ALA A CA  1 
ATOM   273  C C   . ALA A 1 39  ? 8.171   5.713   3.328   1.00 23.94 ? 40   ALA A C   1 
ATOM   274  O O   . ALA A 1 39  ? 8.562   5.407   2.202   1.00 23.10 ? 40   ALA A O   1 
ATOM   275  C CB  . ALA A 1 39  ? 7.089   4.110   4.907   1.00 24.19 ? 40   ALA A CB  1 
ATOM   276  N N   . LEU A 1 40  ? 7.531   6.848   3.583   1.00 24.33 ? 41   LEU A N   1 
ATOM   277  C CA  . LEU A 1 40  ? 7.239   7.816   2.534   1.00 25.08 ? 41   LEU A CA  1 
ATOM   278  C C   . LEU A 1 40  ? 8.496   8.259   1.795   1.00 25.51 ? 41   LEU A C   1 
ATOM   279  O O   . LEU A 1 40  ? 8.469   8.495   0.588   1.00 25.20 ? 41   LEU A O   1 
ATOM   280  C CB  . LEU A 1 40  ? 6.534   9.035   3.132   1.00 25.00 ? 41   LEU A CB  1 
ATOM   281  C CG  . LEU A 1 40  ? 6.182   10.179  2.175   1.00 25.21 ? 41   LEU A CG  1 
ATOM   282  C CD1 . LEU A 1 40  ? 5.296   9.668   1.047   1.00 26.10 ? 41   LEU A CD1 1 
ATOM   283  C CD2 . LEU A 1 40  ? 5.481   11.283  2.952   1.00 26.00 ? 41   LEU A CD2 1 
ATOM   284  N N   . ALA A 1 41  ? 9.600   8.363   2.526   1.00 27.00 ? 42   ALA A N   1 
ATOM   285  C CA  . ALA A 1 41  ? 10.864  8.787   1.936   1.00 28.35 ? 42   ALA A CA  1 
ATOM   286  C C   . ALA A 1 41  ? 11.311  7.884   0.786   1.00 29.07 ? 42   ALA A C   1 
ATOM   287  O O   . ALA A 1 41  ? 12.003  8.332   -0.127  1.00 29.92 ? 42   ALA A O   1 
ATOM   288  C CB  . ALA A 1 41  ? 11.944  8.833   3.011   1.00 28.45 ? 42   ALA A CB  1 
ATOM   289  N N   . GLY A 1 42  ? 10.912  6.615   0.827   1.00 28.55 ? 43   GLY A N   1 
ATOM   290  C CA  . GLY A 1 42  ? 11.306  5.693   -0.224  1.00 28.84 ? 43   GLY A CA  1 
ATOM   291  C C   . GLY A 1 42  ? 10.285  5.516   -1.331  1.00 28.60 ? 43   GLY A C   1 
ATOM   292  O O   . GLY A 1 42  ? 10.503  4.741   -2.264  1.00 28.84 ? 43   GLY A O   1 
ATOM   293  N N   . LEU A 1 43  ? 9.174   6.241   -1.244  1.00 28.19 ? 44   LEU A N   1 
ATOM   294  C CA  . LEU A 1 43  ? 8.121   6.133   -2.248  1.00 28.22 ? 44   LEU A CA  1 
ATOM   295  C C   . LEU A 1 43  ? 8.182   7.190   -3.347  1.00 28.94 ? 44   LEU A C   1 
ATOM   296  O O   . LEU A 1 43  ? 8.610   8.324   -3.123  1.00 29.24 ? 44   LEU A O   1 
ATOM   297  C CB  . LEU A 1 43  ? 6.751   6.188   -1.572  1.00 27.49 ? 44   LEU A CB  1 
ATOM   298  C CG  . LEU A 1 43  ? 6.421   5.042   -0.611  1.00 26.52 ? 44   LEU A CG  1 
ATOM   299  C CD1 . LEU A 1 43  ? 5.098   5.338   0.078   1.00 26.07 ? 44   LEU A CD1 1 
ATOM   300  C CD2 . LEU A 1 43  ? 6.350   3.723   -1.374  1.00 26.48 ? 44   LEU A CD2 1 
ATOM   301  N N   . SER A 1 44  ? 7.740   6.795   -4.538  1.00 29.40 ? 45   SER A N   1 
ATOM   302  C CA  . SER A 1 44  ? 7.705   7.672   -5.701  1.00 29.59 ? 45   SER A CA  1 
ATOM   303  C C   . SER A 1 44  ? 6.701   7.088   -6.687  1.00 29.21 ? 45   SER A C   1 
ATOM   304  O O   . SER A 1 44  ? 6.217   5.974   -6.495  1.00 29.68 ? 45   SER A O   1 
ATOM   305  C CB  . SER A 1 44  ? 9.081   7.746   -6.364  1.00 29.54 ? 45   SER A CB  1 
ATOM   306  O OG  . SER A 1 44  ? 9.401   6.521   -7.000  1.00 31.11 ? 45   SER A OG  1 
ATOM   307  N N   . ALA A 1 45  ? 6.388   7.832   -7.743  1.00 28.17 ? 46   ALA A N   1 
ATOM   308  C CA  . ALA A 1 45  ? 5.438   7.351   -8.738  1.00 27.38 ? 46   ALA A CA  1 
ATOM   309  C C   . ALA A 1 45  ? 5.998   6.143   -9.487  1.00 27.76 ? 46   ALA A C   1 
ATOM   310  O O   . ALA A 1 45  ? 5.273   5.457   -10.207 1.00 27.09 ? 46   ALA A O   1 
ATOM   311  C CB  . ALA A 1 45  ? 5.099   8.467   -9.720  1.00 27.85 ? 46   ALA A CB  1 
ATOM   312  N N   . ASP A 1 46  ? 7.291   5.886   -9.306  1.00 27.63 ? 47   ASP A N   1 
ATOM   313  C CA  . ASP A 1 46  ? 7.959   4.765   -9.960  1.00 28.52 ? 47   ASP A CA  1 
ATOM   314  C C   . ASP A 1 46  ? 7.897   3.483   -9.132  1.00 27.19 ? 47   ASP A C   1 
ATOM   315  O O   . ASP A 1 46  ? 8.242   2.407   -9.622  1.00 27.28 ? 47   ASP A O   1 
ATOM   316  C CB  . ASP A 1 46  ? 9.424   5.112   -10.237 1.00 31.45 ? 47   ASP A CB  1 
ATOM   317  C CG  . ASP A 1 46  ? 9.590   6.084   -11.390 1.00 33.97 ? 47   ASP A CG  1 
ATOM   318  O OD1 . ASP A 1 46  ? 10.723  6.569   -11.596 1.00 37.32 ? 47   ASP A OD1 1 
ATOM   319  O OD2 . ASP A 1 46  ? 8.595   6.357   -12.095 1.00 35.27 ? 47   ASP A OD2 1 
ATOM   320  N N   . PHE A 1 47  ? 7.469   3.598   -7.880  1.00 26.64 ? 48   PHE A N   1 
ATOM   321  C CA  . PHE A 1 47  ? 7.368   2.436   -7.001  1.00 25.63 ? 48   PHE A CA  1 
ATOM   322  C C   . PHE A 1 47  ? 6.426   1.406   -7.621  1.00 24.55 ? 48   PHE A C   1 
ATOM   323  O O   . PHE A 1 47  ? 5.275   1.712   -7.916  1.00 25.35 ? 48   PHE A O   1 
ATOM   324  C CB  . PHE A 1 47  ? 6.851   2.864   -5.626  1.00 26.23 ? 48   PHE A CB  1 
ATOM   325  C CG  . PHE A 1 47  ? 6.856   1.762   -4.606  1.00 27.24 ? 48   PHE A CG  1 
ATOM   326  C CD1 . PHE A 1 47  ? 8.044   1.128   -4.254  1.00 28.25 ? 48   PHE A CD1 1 
ATOM   327  C CD2 . PHE A 1 47  ? 5.676   1.360   -3.994  1.00 27.56 ? 48   PHE A CD2 1 
ATOM   328  C CE1 . PHE A 1 47  ? 8.057   0.108   -3.306  1.00 28.99 ? 48   PHE A CE1 1 
ATOM   329  C CE2 . PHE A 1 47  ? 5.676   0.342   -3.044  1.00 27.39 ? 48   PHE A CE2 1 
ATOM   330  C CZ  . PHE A 1 47  ? 6.870   -0.286  -2.700  1.00 27.77 ? 48   PHE A CZ  1 
ATOM   331  N N   . ALA A 1 48  ? 6.913   0.183   -7.809  1.00 23.60 ? 49   ALA A N   1 
ATOM   332  C CA  . ALA A 1 48  ? 6.113   -0.872  -8.428  1.00 22.16 ? 49   ALA A CA  1 
ATOM   333  C C   . ALA A 1 48  ? 5.313   -1.724  -7.450  1.00 21.27 ? 49   ALA A C   1 
ATOM   334  O O   . ALA A 1 48  ? 4.679   -2.701  -7.853  1.00 21.22 ? 49   ALA A O   1 
ATOM   335  C CB  . ALA A 1 48  ? 7.011   -1.769  -9.268  1.00 23.86 ? 49   ALA A CB  1 
ATOM   336  N N   . GLY A 1 49  ? 5.329   -1.355  -6.177  1.00 19.86 ? 50   GLY A N   1 
ATOM   337  C CA  . GLY A 1 49  ? 4.608   -2.135  -5.190  1.00 18.56 ? 50   GLY A CA  1 
ATOM   338  C C   . GLY A 1 49  ? 3.415   -1.436  -4.569  1.00 18.16 ? 50   GLY A C   1 
ATOM   339  O O   . GLY A 1 49  ? 2.856   -0.499  -5.138  1.00 17.46 ? 50   GLY A O   1 
ATOM   340  N N   . ILE A 1 50  ? 3.024   -1.907  -3.391  1.00 16.12 ? 51   ILE A N   1 
ATOM   341  C CA  . ILE A 1 50  ? 1.891   -1.338  -2.681  1.00 14.68 ? 51   ILE A CA  1 
ATOM   342  C C   . ILE A 1 50  ? 2.301   -0.935  -1.273  1.00 14.85 ? 51   ILE A C   1 
ATOM   343  O O   . ILE A 1 50  ? 3.382   -1.288  -0.799  1.00 14.55 ? 51   ILE A O   1 
ATOM   344  C CB  . ILE A 1 50  ? 0.735   -2.354  -2.569  1.00 14.71 ? 51   ILE A CB  1 
ATOM   345  C CG1 . ILE A 1 50  ? 1.167   -3.539  -1.698  1.00 15.75 ? 51   ILE A CG1 1 
ATOM   346  C CG2 . ILE A 1 50  ? 0.350   -2.862  -3.958  1.00 16.93 ? 51   ILE A CG2 1 
ATOM   347  C CD1 . ILE A 1 50  ? 0.045   -4.531  -1.400  1.00 16.67 ? 51   ILE A CD1 1 
ATOM   348  N N   . VAL A 1 51  ? 1.425   -0.193  -0.606  1.00 14.28 ? 52   VAL A N   1 
ATOM   349  C CA  . VAL A 1 51  ? 1.676   0.238   0.756   1.00 14.04 ? 52   VAL A CA  1 
ATOM   350  C C   . VAL A 1 51  ? 0.581   -0.302  1.668   1.00 15.02 ? 52   VAL A C   1 
ATOM   351  O O   . VAL A 1 51  ? -0.599  -0.263  1.319   1.00 15.16 ? 52   VAL A O   1 
ATOM   352  C CB  . VAL A 1 51  ? 1.690   1.779   0.867   1.00 13.66 ? 52   VAL A CB  1 
ATOM   353  C CG1 . VAL A 1 51  ? 1.873   2.204   2.321   1.00 15.22 ? 52   VAL A CG1 1 
ATOM   354  C CG2 . VAL A 1 51  ? 2.803   2.338   0.012   1.00 15.00 ? 52   VAL A CG2 1 
ATOM   355  N N   . ILE A 1 52  ? 0.984   -0.829  2.822   1.00 13.84 ? 53   ILE A N   1 
ATOM   356  C CA  . ILE A 1 52  ? 0.043   -1.338  3.810   1.00 14.01 ? 53   ILE A CA  1 
ATOM   357  C C   . ILE A 1 52  ? 0.420   -0.621  5.098   1.00 14.94 ? 53   ILE A C   1 
ATOM   358  O O   . ILE A 1 52  ? 1.514   -0.816  5.629   1.00 16.45 ? 53   ILE A O   1 
ATOM   359  C CB  . ILE A 1 52  ? 0.162   -2.869  3.999   1.00 13.54 ? 53   ILE A CB  1 
ATOM   360  C CG1 . ILE A 1 52  ? -0.215  -3.586  2.693   1.00 13.53 ? 53   ILE A CG1 1 
ATOM   361  C CG2 . ILE A 1 52  ? -0.765  -3.318  5.133   1.00 12.54 ? 53   ILE A CG2 1 
ATOM   362  C CD1 . ILE A 1 52  ? -0.102  -5.109  2.750   1.00 13.54 ? 53   ILE A CD1 1 
ATOM   363  N N   . SER A 1 53  ? -0.481  0.218   5.591   1.00 15.57 ? 54   SER A N   1 
ATOM   364  C CA  . SER A 1 53  ? -0.198  0.993   6.789   1.00 15.73 ? 54   SER A CA  1 
ATOM   365  C C   . SER A 1 53  ? -1.319  1.016   7.809   1.00 16.73 ? 54   SER A C   1 
ATOM   366  O O   . SER A 1 53  ? -2.502  1.045   7.463   1.00 14.90 ? 54   SER A O   1 
ATOM   367  C CB  . SER A 1 53  ? 0.136   2.438   6.390   1.00 16.21 ? 54   SER A CB  1 
ATOM   368  O OG  . SER A 1 53  ? 0.448   3.234   7.523   1.00 18.11 ? 54   SER A OG  1 
ATOM   369  N N   . ASP A 1 54  ? -0.939  1.003   9.080   1.00 15.86 ? 55   ASP A N   1 
ATOM   370  C CA  . ASP A 1 54  ? -1.925  1.080   10.129  1.00 17.19 ? 55   ASP A CA  1 
ATOM   371  C C   . ASP A 1 54  ? -2.477  2.494   10.002  1.00 16.71 ? 55   ASP A C   1 
ATOM   372  O O   . ASP A 1 54  ? -1.754  3.408   9.610   1.00 17.06 ? 55   ASP A O   1 
ATOM   373  C CB  . ASP A 1 54  ? -1.271  0.889   11.497  1.00 19.50 ? 55   ASP A CB  1 
ATOM   374  C CG  . ASP A 1 54  ? -2.266  0.491   12.555  1.00 21.93 ? 55   ASP A CG  1 
ATOM   375  O OD1 . ASP A 1 54  ? -3.085  1.348   12.958  1.00 24.22 ? 55   ASP A OD1 1 
ATOM   376  O OD2 . ASP A 1 54  ? -2.240  -0.688  12.975  1.00 22.43 ? 55   ASP A OD2 1 
ATOM   377  N N   . ILE A 1 55  ? -3.754  2.669   10.314  1.00 16.71 ? 56   ILE A N   1 
ATOM   378  C CA  . ILE A 1 55  ? -4.376  3.981   10.212  1.00 17.20 ? 56   ILE A CA  1 
ATOM   379  C C   . ILE A 1 55  ? -3.905  4.890   11.350  1.00 18.81 ? 56   ILE A C   1 
ATOM   380  O O   . ILE A 1 55  ? -3.867  6.115   11.205  1.00 19.03 ? 56   ILE A O   1 
ATOM   381  C CB  . ILE A 1 55  ? -5.923  3.858   10.205  1.00 16.68 ? 56   ILE A CB  1 
ATOM   382  C CG1 . ILE A 1 55  ? -6.550  5.199   9.813   1.00 17.67 ? 56   ILE A CG1 1 
ATOM   383  C CG2 . ILE A 1 55  ? -6.428  3.387   11.567  1.00 17.77 ? 56   ILE A CG2 1 
ATOM   384  C CD1 . ILE A 1 55  ? -8.020  5.105   9.474   1.00 18.64 ? 56   ILE A CD1 1 
ATOM   385  N N   . ARG A 1 56  ? -3.529  4.285   12.474  1.00 19.99 ? 57   ARG A N   1 
ATOM   386  C CA  . ARG A 1 56  ? -3.035  5.050   13.614  1.00 22.03 ? 57   ARG A CA  1 
ATOM   387  C C   . ARG A 1 56  ? -1.546  4.816   13.842  1.00 23.83 ? 57   ARG A C   1 
ATOM   388  O O   . ARG A 1 56  ? -1.068  3.679   13.817  1.00 24.31 ? 57   ARG A O   1 
ATOM   389  C CB  . ARG A 1 56  ? -3.779  4.677   14.898  1.00 22.60 ? 57   ARG A CB  1 
ATOM   390  C CG  . ARG A 1 56  ? -5.243  5.030   14.908  1.00 23.95 ? 57   ARG A CG  1 
ATOM   391  C CD  . ARG A 1 56  ? -5.757  5.194   16.331  1.00 24.00 ? 57   ARG A CD  1 
ATOM   392  N NE  . ARG A 1 56  ? -7.187  5.482   16.339  1.00 24.89 ? 57   ARG A NE  1 
ATOM   393  C CZ  . ARG A 1 56  ? -7.806  6.204   17.268  1.00 25.68 ? 57   ARG A CZ  1 
ATOM   394  N NH1 . ARG A 1 56  ? -7.122  6.721   18.278  1.00 25.62 ? 57   ARG A NH1 1 
ATOM   395  N NH2 . ARG A 1 56  ? -9.113  6.416   17.178  1.00 27.54 ? 57   ARG A NH2 1 
ATOM   396  N N   . MET A 1 57  ? -0.819  5.905   14.061  1.00 24.84 ? 58   MET A N   1 
ATOM   397  C CA  . MET A 1 57  ? 0.615   5.855   14.331  1.00 26.05 ? 58   MET A CA  1 
ATOM   398  C C   . MET A 1 57  ? 0.891   7.013   15.294  1.00 27.38 ? 58   MET A C   1 
ATOM   399  O O   . MET A 1 57  ? 0.217   8.037   15.240  1.00 28.12 ? 58   MET A O   1 
ATOM   400  C CB  . MET A 1 57  ? 1.419   6.045   13.038  1.00 24.65 ? 58   MET A CB  1 
ATOM   401  C CG  . MET A 1 57  ? 1.265   4.936   11.995  1.00 25.45 ? 58   MET A CG  1 
ATOM   402  S SD  . MET A 1 57  ? 2.009   3.358   12.477  1.00 21.78 ? 58   MET A SD  1 
ATOM   403  C CE  . MET A 1 57  ? 3.754   3.746   12.258  1.00 25.89 ? 58   MET A CE  1 
ATOM   404  N N   . PRO A 1 58  ? 1.869   6.858   16.202  1.00 28.66 ? 59   PRO A N   1 
ATOM   405  C CA  . PRO A 1 58  ? 2.172   7.940   17.146  1.00 29.14 ? 59   PRO A CA  1 
ATOM   406  C C   . PRO A 1 58  ? 2.666   9.231   16.491  1.00 29.21 ? 59   PRO A C   1 
ATOM   407  O O   . PRO A 1 58  ? 2.544   10.315  17.067  1.00 30.82 ? 59   PRO A O   1 
ATOM   408  C CB  . PRO A 1 58  ? 3.206   7.309   18.082  1.00 29.02 ? 59   PRO A CB  1 
ATOM   409  C CG  . PRO A 1 58  ? 3.837   6.233   17.241  1.00 29.25 ? 59   PRO A CG  1 
ATOM   410  C CD  . PRO A 1 58  ? 2.652   5.651   16.517  1.00 29.00 ? 59   PRO A CD  1 
ATOM   411  N N   . GLY A 1 59  ? 3.228   9.116   15.291  1.00 28.69 ? 60   GLY A N   1 
ATOM   412  C CA  . GLY A 1 59  ? 3.705   10.291  14.579  1.00 27.88 ? 60   GLY A CA  1 
ATOM   413  C C   . GLY A 1 59  ? 2.776   10.565  13.410  1.00 27.21 ? 60   GLY A C   1 
ATOM   414  O O   . GLY A 1 59  ? 1.589   10.830  13.614  1.00 27.45 ? 60   GLY A O   1 
ATOM   415  N N   . MET A 1 60  ? 3.303   10.513  12.191  1.00 26.58 ? 61   MET A N   1 
ATOM   416  C CA  . MET A 1 60  ? 2.479   10.719  10.999  1.00 25.71 ? 61   MET A CA  1 
ATOM   417  C C   . MET A 1 60  ? 1.510   9.537   10.973  1.00 25.21 ? 61   MET A C   1 
ATOM   418  O O   . MET A 1 60  ? 1.941   8.386   10.920  1.00 25.06 ? 61   MET A O   1 
ATOM   419  C CB  . MET A 1 60  ? 3.345   10.704  9.730   1.00 25.03 ? 61   MET A CB  1 
ATOM   420  C CG  . MET A 1 60  ? 2.553   10.781  8.416   1.00 24.18 ? 61   MET A CG  1 
ATOM   421  S SD  . MET A 1 60  ? 3.544   10.632  6.898   1.00 21.79 ? 61   MET A SD  1 
ATOM   422  C CE  . MET A 1 60  ? 4.097   12.336  6.691   1.00 26.13 ? 61   MET A CE  1 
ATOM   423  N N   . ASP A 1 61  ? 0.210   9.805   11.030  1.00 24.32 ? 62   ASP A N   1 
ATOM   424  C CA  . ASP A 1 61  ? -0.764  8.716   11.020  1.00 22.95 ? 62   ASP A CA  1 
ATOM   425  C C   . ASP A 1 61  ? -0.995  8.163   9.616   1.00 22.05 ? 62   ASP A C   1 
ATOM   426  O O   . ASP A 1 61  ? -0.477  8.695   8.629   1.00 21.38 ? 62   ASP A O   1 
ATOM   427  C CB  . ASP A 1 61  ? -2.094  9.164   11.642  1.00 22.69 ? 62   ASP A CB  1 
ATOM   428  C CG  . ASP A 1 61  ? -2.743  10.313  10.891  1.00 24.80 ? 62   ASP A CG  1 
ATOM   429  O OD1 . ASP A 1 61  ? -2.857  11.420  11.469  1.00 24.76 ? 62   ASP A OD1 1 
ATOM   430  O OD2 . ASP A 1 61  ? -3.144  10.111  9.725   1.00 23.58 ? 62   ASP A OD2 1 
ATOM   431  N N   . GLY A 1 62  ? -1.773  7.086   9.540   1.00 21.20 ? 63   GLY A N   1 
ATOM   432  C CA  . GLY A 1 62  ? -2.053  6.443   8.269   1.00 20.26 ? 63   GLY A CA  1 
ATOM   433  C C   . GLY A 1 62  ? -2.778  7.273   7.226   1.00 19.75 ? 63   GLY A C   1 
ATOM   434  O O   . GLY A 1 62  ? -2.545  7.100   6.028   1.00 19.39 ? 63   GLY A O   1 
ATOM   435  N N   . LEU A 1 63  ? -3.674  8.156   7.653   1.00 20.05 ? 64   LEU A N   1 
ATOM   436  C CA  . LEU A 1 63  ? -4.390  8.976   6.690   1.00 19.10 ? 64   LEU A CA  1 
ATOM   437  C C   . LEU A 1 63  ? -3.494  10.094  6.182   1.00 20.01 ? 64   LEU A C   1 
ATOM   438  O O   . LEU A 1 63  ? -3.628  10.535  5.043   1.00 20.02 ? 64   LEU A O   1 
ATOM   439  C CB  . LEU A 1 63  ? -5.663  9.556   7.306   1.00 20.51 ? 64   LEU A CB  1 
ATOM   440  C CG  . LEU A 1 63  ? -6.737  8.529   7.665   1.00 20.33 ? 64   LEU A CG  1 
ATOM   441  C CD1 . LEU A 1 63  ? -8.009  9.264   8.065   1.00 21.40 ? 64   LEU A CD1 1 
ATOM   442  C CD2 . LEU A 1 63  ? -7.008  7.607   6.467   1.00 20.34 ? 64   LEU A CD2 1 
ATOM   443  N N   . ALA A 1 64  ? -2.581  10.552  7.032   1.00 19.62 ? 65   ALA A N   1 
ATOM   444  C CA  . ALA A 1 64  ? -1.660  11.604  6.630   1.00 19.74 ? 65   ALA A CA  1 
ATOM   445  C C   . ALA A 1 64  ? -0.755  11.028  5.549   1.00 18.97 ? 65   ALA A C   1 
ATOM   446  O O   . ALA A 1 64  ? -0.473  11.686  4.548   1.00 18.87 ? 65   ALA A O   1 
ATOM   447  C CB  . ALA A 1 64  ? -0.837  12.076  7.830   1.00 19.68 ? 65   ALA A CB  1 
ATOM   448  N N   . LEU A 1 65  ? -0.307  9.790   5.753   1.00 18.96 ? 66   LEU A N   1 
ATOM   449  C CA  . LEU A 1 65  ? 0.550   9.119   4.776   1.00 18.59 ? 66   LEU A CA  1 
ATOM   450  C C   . LEU A 1 65  ? -0.247  8.905   3.497   1.00 18.51 ? 66   LEU A C   1 
ATOM   451  O O   . LEU A 1 65  ? 0.271   9.070   2.391   1.00 19.51 ? 66   LEU A O   1 
ATOM   452  C CB  . LEU A 1 65  ? 1.030   7.769   5.323   1.00 18.05 ? 66   LEU A CB  1 
ATOM   453  C CG  . LEU A 1 65  ? 1.809   6.861   4.362   1.00 18.45 ? 66   LEU A CG  1 
ATOM   454  C CD1 . LEU A 1 65  ? 3.046   7.569   3.840   1.00 18.34 ? 66   LEU A CD1 1 
ATOM   455  C CD2 . LEU A 1 65  ? 2.199   5.573   5.088   1.00 19.53 ? 66   LEU A CD2 1 
ATOM   456  N N   . PHE A 1 66  ? -1.512  8.532   3.648   1.00 19.23 ? 67   PHE A N   1 
ATOM   457  C CA  . PHE A 1 66  ? -2.370  8.319   2.486   1.00 19.34 ? 67   PHE A CA  1 
ATOM   458  C C   . PHE A 1 66  ? -2.449  9.581   1.627   1.00 19.79 ? 67   PHE A C   1 
ATOM   459  O O   . PHE A 1 66  ? -2.258  9.527   0.412   1.00 19.31 ? 67   PHE A O   1 
ATOM   460  C CB  . PHE A 1 66  ? -3.780  7.908   2.928   1.00 19.19 ? 67   PHE A CB  1 
ATOM   461  C CG  . PHE A 1 66  ? -4.823  8.085   1.856   1.00 20.01 ? 67   PHE A CG  1 
ATOM   462  C CD1 . PHE A 1 66  ? -4.697  7.441   0.629   1.00 20.83 ? 67   PHE A CD1 1 
ATOM   463  C CD2 . PHE A 1 66  ? -5.905  8.935   2.058   1.00 21.42 ? 67   PHE A CD2 1 
ATOM   464  C CE1 . PHE A 1 66  ? -5.631  7.644   -0.386  1.00 20.95 ? 67   PHE A CE1 1 
ATOM   465  C CE2 . PHE A 1 66  ? -6.847  9.147   1.049   1.00 23.02 ? 67   PHE A CE2 1 
ATOM   466  C CZ  . PHE A 1 66  ? -6.708  8.502   -0.173  1.00 21.18 ? 67   PHE A CZ  1 
ATOM   467  N N   . ARG A 1 67  ? -2.743  10.716  2.254   1.00 19.85 ? 68   ARG A N   1 
ATOM   468  C CA  . ARG A 1 67  ? -2.840  11.965  1.509   1.00 21.50 ? 68   ARG A CA  1 
ATOM   469  C C   . ARG A 1 67  ? -1.530  12.289  0.786   1.00 21.28 ? 68   ARG A C   1 
ATOM   470  O O   . ARG A 1 67  ? -1.546  12.803  -0.334  1.00 22.51 ? 68   ARG A O   1 
ATOM   471  C CB  . ARG A 1 67  ? -3.249  13.115  2.441   1.00 20.64 ? 68   ARG A CB  1 
ATOM   472  C CG  . ARG A 1 67  ? -4.663  12.957  3.005   1.00 22.79 ? 68   ARG A CG  1 
ATOM   473  C CD  . ARG A 1 67  ? -5.165  14.223  3.692   1.00 23.57 ? 68   ARG A CD  1 
ATOM   474  N NE  . ARG A 1 67  ? -4.363  14.606  4.851   1.00 24.47 ? 68   ARG A NE  1 
ATOM   475  C CZ  . ARG A 1 67  ? -4.461  14.051  6.056   1.00 24.41 ? 68   ARG A CZ  1 
ATOM   476  N NH1 . ARG A 1 67  ? -5.334  13.077  6.278   1.00 25.62 ? 68   ARG A NH1 1 
ATOM   477  N NH2 . ARG A 1 67  ? -3.681  14.471  7.042   1.00 26.19 ? 68   ARG A NH2 1 
ATOM   478  N N   . LYS A 1 68  ? -0.400  11.979  1.414   1.00 20.99 ? 69   LYS A N   1 
ATOM   479  C CA  . LYS A 1 68  ? 0.898   12.233  0.794   1.00 21.81 ? 69   LYS A CA  1 
ATOM   480  C C   . LYS A 1 68  ? 1.080   11.336  -0.428  1.00 21.69 ? 69   LYS A C   1 
ATOM   481  O O   . LYS A 1 68  ? 1.588   11.768  -1.462  1.00 22.10 ? 69   LYS A O   1 
ATOM   482  C CB  . LYS A 1 68  ? 2.025   11.969  1.792   1.00 22.97 ? 69   LYS A CB  1 
ATOM   483  C CG  . LYS A 1 68  ? 2.067   12.923  2.974   1.00 25.76 ? 69   LYS A CG  1 
ATOM   484  C CD  . LYS A 1 68  ? 2.579   14.294  2.570   1.00 28.88 ? 69   LYS A CD  1 
ATOM   485  C CE  . LYS A 1 68  ? 2.846   15.150  3.803   1.00 29.54 ? 69   LYS A CE  1 
ATOM   486  N NZ  . LYS A 1 68  ? 3.531   16.425  3.452   1.00 32.77 ? 69   LYS A NZ  1 
ATOM   487  N N   . ILE A 1 69  ? 0.665   10.079  -0.305  1.00 21.35 ? 70   ILE A N   1 
ATOM   488  C CA  . ILE A 1 69  ? 0.788   9.129   -1.405  1.00 21.47 ? 70   ILE A CA  1 
ATOM   489  C C   . ILE A 1 69  ? -0.142  9.523   -2.549  1.00 22.25 ? 70   ILE A C   1 
ATOM   490  O O   . ILE A 1 69  ? 0.225   9.436   -3.722  1.00 21.67 ? 70   ILE A O   1 
ATOM   491  C CB  . ILE A 1 69  ? 0.459   7.692   -0.925  1.00 22.35 ? 70   ILE A CB  1 
ATOM   492  C CG1 . ILE A 1 69  ? 1.523   7.236   0.073   1.00 22.59 ? 70   ILE A CG1 1 
ATOM   493  C CG2 . ILE A 1 69  ? 0.382   6.735   -2.113  1.00 23.08 ? 70   ILE A CG2 1 
ATOM   494  C CD1 . ILE A 1 69  ? 1.237   5.882   0.707   1.00 23.84 ? 70   ILE A CD1 1 
ATOM   495  N N   . LEU A 1 70  ? -1.346  9.965   -2.200  1.00 22.54 ? 71   LEU A N   1 
ATOM   496  C CA  . LEU A 1 70  ? -2.324  10.376  -3.200  1.00 24.77 ? 71   LEU A CA  1 
ATOM   497  C C   . LEU A 1 70  ? -1.721  11.464  -4.089  1.00 25.71 ? 71   LEU A C   1 
ATOM   498  O O   . LEU A 1 70  ? -1.921  11.471  -5.305  1.00 25.78 ? 71   LEU A O   1 
ATOM   499  C CB  . LEU A 1 70  ? -3.585  10.906  -2.508  1.00 24.85 ? 71   LEU A CB  1 
ATOM   500  C CG  . LEU A 1 70  ? -4.841  11.020  -3.374  1.00 27.32 ? 71   LEU A CG  1 
ATOM   501  C CD1 . LEU A 1 70  ? -5.242  9.632   -3.853  1.00 27.04 ? 71   LEU A CD1 1 
ATOM   502  C CD2 . LEU A 1 70  ? -5.973  11.647  -2.570  1.00 26.78 ? 71   LEU A CD2 1 
ATOM   503  N N   . ALA A 1 71  ? -0.973  12.376  -3.476  1.00 25.96 ? 72   ALA A N   1 
ATOM   504  C CA  . ALA A 1 71  ? -0.338  13.467  -4.210  1.00 26.82 ? 72   ALA A CA  1 
ATOM   505  C C   . ALA A 1 71  ? 0.790   12.975  -5.118  1.00 27.00 ? 72   ALA A C   1 
ATOM   506  O O   . ALA A 1 71  ? 0.979   13.497  -6.220  1.00 27.56 ? 72   ALA A O   1 
ATOM   507  C CB  . ALA A 1 71  ? 0.194   14.511  -3.235  1.00 26.74 ? 72   ALA A CB  1 
ATOM   508  N N   . LEU A 1 72  ? 1.534   11.973  -4.659  1.00 25.94 ? 73   LEU A N   1 
ATOM   509  C CA  . LEU A 1 72  ? 2.638   11.417  -5.437  1.00 25.93 ? 73   LEU A CA  1 
ATOM   510  C C   . LEU A 1 72  ? 2.138   10.629  -6.639  1.00 25.50 ? 73   LEU A C   1 
ATOM   511  O O   . LEU A 1 72  ? 2.643   10.784  -7.754  1.00 24.60 ? 73   LEU A O   1 
ATOM   512  C CB  . LEU A 1 72  ? 3.493   10.490  -4.567  1.00 27.72 ? 73   LEU A CB  1 
ATOM   513  C CG  . LEU A 1 72  ? 4.299   11.091  -3.415  1.00 29.90 ? 73   LEU A CG  1 
ATOM   514  C CD1 . LEU A 1 72  ? 4.919   9.969   -2.592  1.00 30.90 ? 73   LEU A CD1 1 
ATOM   515  C CD2 . LEU A 1 72  ? 5.380   12.013  -3.964  1.00 30.85 ? 73   LEU A CD2 1 
ATOM   516  N N   . ASP A 1 73  ? 1.147   9.776   -6.404  1.00 23.70 ? 74   ASP A N   1 
ATOM   517  C CA  . ASP A 1 73  ? 0.581   8.940   -7.456  1.00 23.31 ? 74   ASP A CA  1 
ATOM   518  C C   . ASP A 1 73  ? -0.707  8.311   -6.935  1.00 23.16 ? 74   ASP A C   1 
ATOM   519  O O   . ASP A 1 73  ? -0.665  7.383   -6.133  1.00 21.86 ? 74   ASP A O   1 
ATOM   520  C CB  . ASP A 1 73  ? 1.580   7.843   -7.827  1.00 22.94 ? 74   ASP A CB  1 
ATOM   521  C CG  . ASP A 1 73  ? 1.108   6.977   -8.976  1.00 22.23 ? 74   ASP A CG  1 
ATOM   522  O OD1 . ASP A 1 73  ? -0.052  7.126   -9.420  1.00 23.12 ? 74   ASP A OD1 1 
ATOM   523  O OD2 . ASP A 1 73  ? 1.907   6.136   -9.433  1.00 22.48 ? 74   ASP A OD2 1 
ATOM   524  N N   . PRO A 1 74  ? -1.868  8.802   -7.393  1.00 23.21 ? 75   PRO A N   1 
ATOM   525  C CA  . PRO A 1 74  ? -3.139  8.243   -6.928  1.00 23.78 ? 75   PRO A CA  1 
ATOM   526  C C   . PRO A 1 74  ? -3.314  6.763   -7.241  1.00 22.97 ? 75   PRO A C   1 
ATOM   527  O O   . PRO A 1 74  ? -4.162  6.097   -6.641  1.00 23.56 ? 75   PRO A O   1 
ATOM   528  C CB  . PRO A 1 74  ? -4.181  9.124   -7.619  1.00 25.21 ? 75   PRO A CB  1 
ATOM   529  C CG  . PRO A 1 74  ? -3.494  9.535   -8.879  1.00 26.38 ? 75   PRO A CG  1 
ATOM   530  C CD  . PRO A 1 74  ? -2.094  9.851   -8.403  1.00 25.37 ? 75   PRO A CD  1 
ATOM   531  N N   . ASP A 1 75  ? -2.508  6.241   -8.161  1.00 21.28 ? 76   ASP A N   1 
ATOM   532  C CA  . ASP A 1 75  ? -2.620  4.832   -8.518  1.00 21.52 ? 76   ASP A CA  1 
ATOM   533  C C   . ASP A 1 75  ? -1.631  3.917   -7.812  1.00 19.61 ? 76   ASP A C   1 
ATOM   534  O O   . ASP A 1 75  ? -1.438  2.772   -8.213  1.00 19.39 ? 76   ASP A O   1 
ATOM   535  C CB  . ASP A 1 75  ? -2.534  4.650   -10.033 1.00 23.19 ? 76   ASP A CB  1 
ATOM   536  C CG  . ASP A 1 75  ? -3.808  5.081   -10.734 1.00 25.82 ? 76   ASP A CG  1 
ATOM   537  O OD1 . ASP A 1 75  ? -4.903  4.756   -10.225 1.00 28.23 ? 76   ASP A OD1 1 
ATOM   538  O OD2 . ASP A 1 75  ? -3.725  5.735   -11.793 1.00 28.54 ? 76   ASP A OD2 1 
ATOM   539  N N   . LEU A 1 76  ? -0.998  4.439   -6.767  1.00 18.61 ? 77   LEU A N   1 
ATOM   540  C CA  . LEU A 1 76  ? -0.074  3.656   -5.948  1.00 19.08 ? 77   LEU A CA  1 
ATOM   541  C C   . LEU A 1 76  ? -1.010  3.236   -4.807  1.00 17.97 ? 77   LEU A C   1 
ATOM   542  O O   . LEU A 1 76  ? -1.311  4.036   -3.927  1.00 17.85 ? 77   LEU A O   1 
ATOM   543  C CB  . LEU A 1 76  ? 1.054   4.554   -5.428  1.00 20.12 ? 77   LEU A CB  1 
ATOM   544  C CG  . LEU A 1 76  ? 2.278   3.864   -4.822  1.00 21.92 ? 77   LEU A CG  1 
ATOM   545  C CD1 . LEU A 1 76  ? 3.341   4.910   -4.521  1.00 21.82 ? 77   LEU A CD1 1 
ATOM   546  C CD2 . LEU A 1 76  ? 1.890   3.110   -3.567  1.00 22.43 ? 77   LEU A CD2 1 
ATOM   547  N N   . PRO A 1 77  ? -1.475  1.972   -4.813  1.00 17.02 ? 78   PRO A N   1 
ATOM   548  C CA  . PRO A 1 77  ? -2.394  1.445   -3.798  1.00 16.47 ? 78   PRO A CA  1 
ATOM   549  C C   . PRO A 1 77  ? -1.962  1.478   -2.338  1.00 16.06 ? 78   PRO A C   1 
ATOM   550  O O   . PRO A 1 77  ? -0.867  1.043   -1.998  1.00 16.33 ? 78   PRO A O   1 
ATOM   551  C CB  . PRO A 1 77  ? -2.644  0.001   -4.253  1.00 17.25 ? 78   PRO A CB  1 
ATOM   552  C CG  . PRO A 1 77  ? -2.160  -0.053  -5.673  1.00 19.15 ? 78   PRO A CG  1 
ATOM   553  C CD  . PRO A 1 77  ? -0.992  0.882   -5.677  1.00 15.86 ? 78   PRO A CD  1 
ATOM   554  N N   . MET A 1 78  ? -2.854  1.982   -1.489  1.00 14.97 ? 79   MET A N   1 
ATOM   555  C CA  . MET A 1 78  ? -2.645  2.037   -0.046  1.00 15.44 ? 79   MET A CA  1 
ATOM   556  C C   . MET A 1 78  ? -3.739  1.213   0.619   1.00 14.78 ? 79   MET A C   1 
ATOM   557  O O   . MET A 1 78  ? -4.921  1.445   0.376   1.00 14.65 ? 79   MET A O   1 
ATOM   558  C CB  . MET A 1 78  ? -2.759  3.474   0.484   1.00 16.82 ? 79   MET A CB  1 
ATOM   559  C CG  . MET A 1 78  ? -3.163  3.551   1.970   1.00 18.85 ? 79   MET A CG  1 
ATOM   560  S SD  . MET A 1 78  ? -1.845  2.985   3.101   1.00 21.06 ? 79   MET A SD  1 
ATOM   561  C CE  . MET A 1 78  ? -1.153  4.618   3.475   1.00 18.06 ? 79   MET A CE  1 
ATOM   562  N N   . ILE A 1 79  ? -3.345  0.253   1.446   1.00 14.10 ? 80   ILE A N   1 
ATOM   563  C CA  . ILE A 1 79  ? -4.297  -0.565  2.190   1.00 13.33 ? 80   ILE A CA  1 
ATOM   564  C C   . ILE A 1 79  ? -4.120  -0.136  3.636   1.00 14.14 ? 80   ILE A C   1 
ATOM   565  O O   . ILE A 1 79  ? -3.005  -0.144  4.154   1.00 14.72 ? 80   ILE A O   1 
ATOM   566  C CB  . ILE A 1 79  ? -3.986  -2.074  2.078   1.00 13.63 ? 80   ILE A CB  1 
ATOM   567  C CG1 . ILE A 1 79  ? -4.182  -2.534  0.634   1.00 14.94 ? 80   ILE A CG1 1 
ATOM   568  C CG2 . ILE A 1 79  ? -4.913  -2.874  3.003   1.00 14.50 ? 80   ILE A CG2 1 
ATOM   569  C CD1 . ILE A 1 79  ? -3.785  -3.982  0.392   1.00 15.24 ? 80   ILE A CD1 1 
ATOM   570  N N   . LEU A 1 80  ? -5.217  0.256   4.271   1.00 13.06 ? 81   LEU A N   1 
ATOM   571  C CA  . LEU A 1 80  ? -5.186  0.692   5.658   1.00 14.56 ? 81   LEU A CA  1 
ATOM   572  C C   . LEU A 1 80  ? -5.540  -0.442  6.608   1.00 16.18 ? 81   LEU A C   1 
ATOM   573  O O   . LEU A 1 80  ? -6.528  -1.144  6.394   1.00 16.29 ? 81   LEU A O   1 
ATOM   574  C CB  . LEU A 1 80  ? -6.174  1.841   5.869   1.00 15.74 ? 81   LEU A CB  1 
ATOM   575  C CG  . LEU A 1 80  ? -5.821  3.185   5.235   1.00 16.55 ? 81   LEU A CG  1 
ATOM   576  C CD1 . LEU A 1 80  ? -7.031  4.105   5.236   1.00 18.59 ? 81   LEU A CD1 1 
ATOM   577  C CD2 . LEU A 1 80  ? -4.672  3.812   6.020   1.00 16.93 ? 81   LEU A CD2 1 
ATOM   578  N N   . VAL A 1 81  ? -4.726  -0.617  7.650   1.00 16.40 ? 82   VAL A N   1 
ATOM   579  C CA  . VAL A 1 81  ? -4.977  -1.633  8.668   1.00 16.72 ? 82   VAL A CA  1 
ATOM   580  C C   . VAL A 1 81  ? -5.648  -0.856  9.798   1.00 17.55 ? 82   VAL A C   1 
ATOM   581  O O   . VAL A 1 81  ? -5.101  0.132   10.290  1.00 17.48 ? 82   VAL A O   1 
ATOM   582  C CB  . VAL A 1 81  ? -3.677  -2.266  9.177   1.00 16.64 ? 82   VAL A CB  1 
ATOM   583  C CG1 . VAL A 1 81  ? -3.981  -3.180  10.359  1.00 16.56 ? 82   VAL A CG1 1 
ATOM   584  C CG2 . VAL A 1 81  ? -3.013  -3.067  8.056   1.00 16.50 ? 82   VAL A CG2 1 
ATOM   585  N N   . THR A 1 82  ? -6.824  -1.306  10.221  1.00 17.51 ? 83   THR A N   1 
ATOM   586  C CA  . THR A 1 82  ? -7.575  -0.569  11.227  1.00 17.84 ? 83   THR A CA  1 
ATOM   587  C C   . THR A 1 82  ? -8.265  -1.401  12.298  1.00 18.59 ? 83   THR A C   1 
ATOM   588  O O   . THR A 1 82  ? -8.609  -2.559  12.078  1.00 18.01 ? 83   THR A O   1 
ATOM   589  C CB  . THR A 1 82  ? -8.650  0.285   10.524  1.00 18.94 ? 83   THR A CB  1 
ATOM   590  O OG1 . THR A 1 82  ? -9.428  0.992   11.494  1.00 21.41 ? 83   THR A OG1 1 
ATOM   591  C CG2 . THR A 1 82  ? -9.572  -0.610  9.695   1.00 19.79 ? 83   THR A CG2 1 
ATOM   592  N N   . GLY A 1 83  ? -8.453  -0.795  13.468  1.00 20.00 ? 84   GLY A N   1 
ATOM   593  C CA  . GLY A 1 83  ? -9.157  -1.469  14.539  1.00 22.11 ? 84   GLY A CA  1 
ATOM   594  C C   . GLY A 1 83  ? -10.620 -1.261  14.197  1.00 23.49 ? 84   GLY A C   1 
ATOM   595  O O   . GLY A 1 83  ? -10.936 -0.409  13.372  1.00 22.09 ? 84   GLY A O   1 
ATOM   596  N N   A HIS A 1 84  ? -11.507 -2.026  14.824  0.50 24.25 ? 85   HIS A N   1 
ATOM   597  N N   B HIS A 1 84  ? -11.512 -2.029  14.815  0.50 24.27 ? 85   HIS A N   1 
ATOM   598  C CA  A HIS A 1 84  ? -12.937 -1.911  14.554  0.50 24.98 ? 85   HIS A CA  1 
ATOM   599  C CA  B HIS A 1 84  ? -12.939 -1.896  14.530  0.50 25.01 ? 85   HIS A CA  1 
ATOM   600  C C   A HIS A 1 84  ? -13.447 -0.470  14.713  0.50 24.92 ? 85   HIS A C   1 
ATOM   601  C C   B HIS A 1 84  ? -13.451 -0.483  14.722  0.50 24.90 ? 85   HIS A C   1 
ATOM   602  O O   A HIS A 1 84  ? -14.222 0.030   13.896  0.50 24.25 ? 85   HIS A O   1 
ATOM   603  O O   B HIS A 1 84  ? -14.231 0.008   13.903  0.50 24.24 ? 85   HIS A O   1 
ATOM   604  C CB  A HIS A 1 84  ? -13.716 -2.855  15.474  0.50 26.72 ? 85   HIS A CB  1 
ATOM   605  C CB  B HIS A 1 84  ? -13.750 -2.844  15.418  0.50 26.74 ? 85   HIS A CB  1 
ATOM   606  C CG  A HIS A 1 84  ? -15.194 -2.856  15.232  0.50 27.58 ? 85   HIS A CG  1 
ATOM   607  C CG  B HIS A 1 84  ? -13.602 -4.289  15.054  0.25 27.81 ? 85   HIS A CG  1 
ATOM   608  N ND1 A HIS A 1 84  ? -15.990 -1.759  15.481  0.50 28.70 ? 85   HIS A ND1 1 
ATOM   609  N ND1 B HIS A 1 84  ? -13.884 -4.770  13.794  0.25 28.59 ? 85   HIS A ND1 1 
ATOM   610  C CD2 A HIS A 1 84  ? -16.019 -3.821  14.761  0.50 28.86 ? 85   HIS A CD2 1 
ATOM   611  C CD2 B HIS A 1 84  ? -13.210 -5.358  15.786  0.25 28.44 ? 85   HIS A CD2 1 
ATOM   612  C CE1 A HIS A 1 84  ? -17.242 -2.048  15.175  0.50 28.85 ? 85   HIS A CE1 1 
ATOM   613  C CE1 B HIS A 1 84  ? -13.672 -6.074  13.764  0.25 28.69 ? 85   HIS A CE1 1 
ATOM   614  N NE2 A HIS A 1 84  ? -17.287 -3.293  14.736  0.50 29.00 ? 85   HIS A NE2 1 
ATOM   615  N NE2 B HIS A 1 84  ? -13.263 -6.456  14.960  0.25 28.86 ? 85   HIS A NE2 1 
ATOM   616  N N   . GLY A 1 85  ? -13.006 0.181   15.783  1.00 24.86 ? 86   GLY A N   1 
ATOM   617  C CA  . GLY A 1 85  ? -13.442 1.541   16.050  1.00 24.83 ? 86   GLY A CA  1 
ATOM   618  C C   . GLY A 1 85  ? -13.197 2.562   14.953  1.00 24.60 ? 86   GLY A C   1 
ATOM   619  O O   . GLY A 1 85  ? -13.968 3.511   14.806  1.00 25.45 ? 86   GLY A O   1 
ATOM   620  N N   . ASP A 1 86  ? -12.131 2.380   14.180  1.00 23.38 ? 87   ASP A N   1 
ATOM   621  C CA  . ASP A 1 86  ? -11.811 3.324   13.118  1.00 21.53 ? 87   ASP A CA  1 
ATOM   622  C C   . ASP A 1 86  ? -12.283 2.918   11.729  1.00 20.73 ? 87   ASP A C   1 
ATOM   623  O O   . ASP A 1 86  ? -11.963 3.591   10.755  1.00 21.32 ? 87   ASP A O   1 
ATOM   624  C CB  . ASP A 1 86  ? -10.299 3.581   13.061  1.00 21.31 ? 87   ASP A CB  1 
ATOM   625  C CG  . ASP A 1 86  ? -9.766  4.217   14.327  1.00 22.39 ? 87   ASP A CG  1 
ATOM   626  O OD1 . ASP A 1 86  ? -10.518 4.975   14.976  1.00 23.03 ? 87   ASP A OD1 1 
ATOM   627  O OD2 . ASP A 1 86  ? -8.588  3.973   14.661  1.00 23.98 ? 87   ASP A OD2 1 
ATOM   628  N N   . ILE A 1 87  ? -13.036 1.829   11.620  1.00 21.18 ? 88   ILE A N   1 
ATOM   629  C CA  . ILE A 1 87  ? -13.506 1.404   10.303  1.00 20.96 ? 88   ILE A CA  1 
ATOM   630  C C   . ILE A 1 87  ? -14.209 2.527   9.525   1.00 20.30 ? 88   ILE A C   1 
ATOM   631  O O   . ILE A 1 87  ? -13.946 2.717   8.336   1.00 19.50 ? 88   ILE A O   1 
ATOM   632  C CB  . ILE A 1 87  ? -14.417 0.150   10.412  1.00 21.32 ? 88   ILE A CB  1 
ATOM   633  C CG1 . ILE A 1 87  ? -13.553 -1.071  10.744  1.00 21.68 ? 88   ILE A CG1 1 
ATOM   634  C CG2 . ILE A 1 87  ? -15.170 -0.075  9.105   1.00 23.20 ? 88   ILE A CG2 1 
ATOM   635  C CD1 . ILE A 1 87  ? -14.320 -2.374  10.897  1.00 23.28 ? 88   ILE A CD1 1 
ATOM   636  N N   . PRO A 1 88  ? -15.096 3.299   10.180  1.00 20.47 ? 89   PRO A N   1 
ATOM   637  C CA  . PRO A 1 88  ? -15.771 4.380   9.450   1.00 20.48 ? 89   PRO A CA  1 
ATOM   638  C C   . PRO A 1 88  ? -14.779 5.350   8.804   1.00 19.19 ? 89   PRO A C   1 
ATOM   639  O O   . PRO A 1 88  ? -15.020 5.855   7.707   1.00 18.51 ? 89   PRO A O   1 
ATOM   640  C CB  . PRO A 1 88  ? -16.617 5.051   10.531  1.00 21.88 ? 89   PRO A CB  1 
ATOM   641  C CG  . PRO A 1 88  ? -16.965 3.897   11.431  1.00 22.21 ? 89   PRO A CG  1 
ATOM   642  C CD  . PRO A 1 88  ? -15.642 3.170   11.544  1.00 21.68 ? 89   PRO A CD  1 
ATOM   643  N N   . MET A 1 89  ? -13.669 5.617   9.492   1.00 18.43 ? 90   MET A N   1 
ATOM   644  C CA  . MET A 1 89  ? -12.646 6.512   8.957   1.00 17.61 ? 90   MET A CA  1 
ATOM   645  C C   . MET A 1 89  ? -11.955 5.858   7.752   1.00 17.31 ? 90   MET A C   1 
ATOM   646  O O   . MET A 1 89  ? -11.605 6.534   6.779   1.00 16.38 ? 90   MET A O   1 
ATOM   647  C CB  . MET A 1 89  ? -11.601 6.845   10.039  1.00 18.91 ? 90   MET A CB  1 
ATOM   648  C CG  . MET A 1 89  ? -12.152 7.617   11.240  1.00 20.99 ? 90   MET A CG  1 
ATOM   649  S SD  . MET A 1 89  ? -10.836 8.241   12.357  1.00 21.42 ? 90   MET A SD  1 
ATOM   650  C CE  . MET A 1 89  ? -10.177 9.496   11.324  1.00 15.17 ? 90   MET A CE  1 
ATOM   651  N N   . ALA A 1 90  ? -11.766 4.545   7.819   1.00 16.72 ? 91   ALA A N   1 
ATOM   652  C CA  . ALA A 1 90  ? -11.125 3.818   6.728   1.00 16.60 ? 91   ALA A CA  1 
ATOM   653  C C   . ALA A 1 90  ? -12.043 3.798   5.514   1.00 17.23 ? 91   ALA A C   1 
ATOM   654  O O   . ALA A 1 90  ? -11.585 3.932   4.379   1.00 16.46 ? 91   ALA A O   1 
ATOM   655  C CB  . ALA A 1 90  ? -10.794 2.391   7.156   1.00 17.47 ? 91   ALA A CB  1 
ATOM   656  N N   . VAL A 1 91  ? -13.339 3.626   5.757   1.00 16.75 ? 92   VAL A N   1 
ATOM   657  C CA  . VAL A 1 91  ? -14.315 3.599   4.673   1.00 18.07 ? 92   VAL A CA  1 
ATOM   658  C C   . VAL A 1 91  ? -14.329 4.947   3.961   1.00 17.91 ? 92   VAL A C   1 
ATOM   659  O O   . VAL A 1 91  ? -14.405 5.017   2.734   1.00 16.68 ? 92   VAL A O   1 
ATOM   660  C CB  . VAL A 1 91  ? -15.725 3.274   5.207   1.00 20.10 ? 92   VAL A CB  1 
ATOM   661  C CG1 . VAL A 1 91  ? -16.773 3.521   4.122   1.00 20.26 ? 92   VAL A CG1 1 
ATOM   662  C CG2 . VAL A 1 91  ? -15.772 1.819   5.654   1.00 20.93 ? 92   VAL A CG2 1 
ATOM   663  N N   . GLN A 1 92  ? -14.247 6.025   4.733   1.00 17.37 ? 93   GLN A N   1 
ATOM   664  C CA  . GLN A 1 92  ? -14.232 7.351   4.140   1.00 18.53 ? 93   GLN A CA  1 
ATOM   665  C C   . GLN A 1 92  ? -12.942 7.526   3.337   1.00 17.69 ? 93   GLN A C   1 
ATOM   666  O O   . GLN A 1 92  ? -12.946 8.138   2.266   1.00 17.32 ? 93   GLN A O   1 
ATOM   667  C CB  . GLN A 1 92  ? -14.323 8.425   5.226   1.00 19.09 ? 93   GLN A CB  1 
ATOM   668  C CG  . GLN A 1 92  ? -14.300 9.842   4.690   1.00 21.44 ? 93   GLN A CG  1 
ATOM   669  C CD  . GLN A 1 92  ? -15.478 10.131  3.779   1.00 22.56 ? 93   GLN A CD  1 
ATOM   670  O OE1 . GLN A 1 92  ? -16.634 9.960   4.170   1.00 24.86 ? 93   GLN A OE1 1 
ATOM   671  N NE2 . GLN A 1 92  ? -15.192 10.572  2.563   1.00 22.79 ? 93   GLN A NE2 1 
ATOM   672  N N   . ALA A 1 93  ? -11.841 6.977   3.848   1.00 16.70 ? 94   ALA A N   1 
ATOM   673  C CA  . ALA A 1 93  ? -10.559 7.076   3.156   1.00 15.66 ? 94   ALA A CA  1 
ATOM   674  C C   . ALA A 1 93  ? -10.644 6.395   1.791   1.00 15.82 ? 94   ALA A C   1 
ATOM   675  O O   . ALA A 1 93  ? -10.086 6.887   0.811   1.00 15.54 ? 94   ALA A O   1 
ATOM   676  C CB  . ALA A 1 93  ? -9.452  6.439   3.993   1.00 16.64 ? 94   ALA A CB  1 
ATOM   677  N N   . ILE A 1 94  ? -11.341 5.263   1.732   1.00 15.46 ? 95   ILE A N   1 
ATOM   678  C CA  . ILE A 1 94  ? -11.488 4.539   0.469   1.00 15.37 ? 95   ILE A CA  1 
ATOM   679  C C   . ILE A 1 94  ? -12.292 5.404   -0.502  1.00 15.71 ? 95   ILE A C   1 
ATOM   680  O O   . ILE A 1 94  ? -11.968 5.487   -1.686  1.00 15.92 ? 95   ILE A O   1 
ATOM   681  C CB  . ILE A 1 94  ? -12.184 3.174   0.691   1.00 15.54 ? 95   ILE A CB  1 
ATOM   682  C CG1 . ILE A 1 94  ? -11.274 2.282   1.548   1.00 17.44 ? 95   ILE A CG1 1 
ATOM   683  C CG2 . ILE A 1 94  ? -12.493 2.508   -0.659  1.00 14.24 ? 95   ILE A CG2 1 
ATOM   684  C CD1 . ILE A 1 94  ? -11.903 0.957   1.981   1.00 19.02 ? 95   ILE A CD1 1 
ATOM   685  N N   . GLN A 1 95  ? -13.337 6.054   0.006   1.00 16.56 ? 96   GLN A N   1 
ATOM   686  C CA  . GLN A 1 95  ? -14.142 6.938   -0.829  1.00 19.09 ? 96   GLN A CA  1 
ATOM   687  C C   . GLN A 1 95  ? -13.244 8.068   -1.328  1.00 18.40 ? 96   GLN A C   1 
ATOM   688  O O   . GLN A 1 95  ? -13.442 8.597   -2.428  1.00 17.67 ? 96   GLN A O   1 
ATOM   689  C CB  . GLN A 1 95  ? -15.318 7.516   -0.031  1.00 22.83 ? 96   GLN A CB  1 
ATOM   690  C CG  . GLN A 1 95  ? -16.501 6.567   0.113   1.00 28.87 ? 96   GLN A CG  1 
ATOM   691  C CD  . GLN A 1 95  ? -17.654 7.174   0.902   1.00 32.25 ? 96   GLN A CD  1 
ATOM   692  O OE1 . GLN A 1 95  ? -18.015 8.337   0.706   1.00 33.21 ? 96   GLN A OE1 1 
ATOM   693  N NE2 . GLN A 1 95  ? -18.249 6.378   1.788   1.00 33.95 ? 96   GLN A NE2 1 
ATOM   694  N N   . ASP A 1 96  ? -12.240 8.420   -0.526  1.00 17.66 ? 97   ASP A N   1 
ATOM   695  C CA  . ASP A 1 96  ? -11.307 9.492   -0.880  1.00 19.11 ? 97   ASP A CA  1 
ATOM   696  C C   . ASP A 1 96  ? -10.163 9.043   -1.795  1.00 18.66 ? 97   ASP A C   1 
ATOM   697  O O   . ASP A 1 96  ? -9.374  9.872   -2.250  1.00 19.43 ? 97   ASP A O   1 
ATOM   698  C CB  . ASP A 1 96  ? -10.704 10.127  0.384   1.00 20.05 ? 97   ASP A CB  1 
ATOM   699  C CG  . ASP A 1 96  ? -11.720 10.918  1.190   1.00 23.37 ? 97   ASP A CG  1 
ATOM   700  O OD1 . ASP A 1 96  ? -12.818 11.197  0.668   1.00 23.94 ? 97   ASP A OD1 1 
ATOM   701  O OD2 . ASP A 1 96  ? -11.407 11.276  2.348   1.00 25.95 ? 97   ASP A OD2 1 
ATOM   702  N N   . GLY A 1 97  ? -10.059 7.743   -2.055  1.00 17.53 ? 98   GLY A N   1 
ATOM   703  C CA  . GLY A 1 97  ? -9.000  7.269   -2.933  1.00 15.93 ? 98   GLY A CA  1 
ATOM   704  C C   . GLY A 1 97  ? -8.157  6.114   -2.424  1.00 16.79 ? 98   GLY A C   1 
ATOM   705  O O   . GLY A 1 97  ? -7.389  5.529   -3.194  1.00 17.06 ? 98   GLY A O   1 
ATOM   706  N N   . ALA A 1 98  ? -8.269  5.791   -1.139  1.00 16.30 ? 99   ALA A N   1 
ATOM   707  C CA  . ALA A 1 98  ? -7.499  4.681   -0.576  1.00 15.72 ? 99   ALA A CA  1 
ATOM   708  C C   . ALA A 1 98  ? -7.968  3.388   -1.249  1.00 15.60 ? 99   ALA A C   1 
ATOM   709  O O   . ALA A 1 98  ? -9.130  3.279   -1.644  1.00 15.67 ? 99   ALA A O   1 
ATOM   710  C CB  . ALA A 1 98  ? -7.703  4.608   0.936   1.00 15.36 ? 99   ALA A CB  1 
ATOM   711  N N   . TYR A 1 99  ? -7.081  2.405   -1.373  1.00 15.33 ? 100  TYR A N   1 
ATOM   712  C CA  . TYR A 1 99  ? -7.452  1.172   -2.060  1.00 14.76 ? 100  TYR A CA  1 
ATOM   713  C C   . TYR A 1 99  ? -8.414  0.242   -1.330  1.00 14.16 ? 100  TYR A C   1 
ATOM   714  O O   . TYR A 1 99  ? -9.416  -0.190  -1.900  1.00 14.02 ? 100  TYR A O   1 
ATOM   715  C CB  . TYR A 1 99  ? -6.204  0.378   -2.458  1.00 15.22 ? 100  TYR A CB  1 
ATOM   716  C CG  . TYR A 1 99  ? -6.520  -0.697  -3.475  1.00 13.70 ? 100  TYR A CG  1 
ATOM   717  C CD1 . TYR A 1 99  ? -6.860  -0.358  -4.783  1.00 14.24 ? 100  TYR A CD1 1 
ATOM   718  C CD2 . TYR A 1 99  ? -6.568  -2.044  -3.109  1.00 13.60 ? 100  TYR A CD2 1 
ATOM   719  C CE1 . TYR A 1 99  ? -7.251  -1.329  -5.703  1.00 14.01 ? 100  TYR A CE1 1 
ATOM   720  C CE2 . TYR A 1 99  ? -6.958  -3.025  -4.022  1.00 13.41 ? 100  TYR A CE2 1 
ATOM   721  C CZ  . TYR A 1 99  ? -7.301  -2.659  -5.314  1.00 13.80 ? 100  TYR A CZ  1 
ATOM   722  O OH  . TYR A 1 99  ? -7.721  -3.614  -6.218  1.00 14.25 ? 100  TYR A OH  1 
ATOM   723  N N   . ASP A 1 100 ? -8.113  -0.073  -0.077  1.00 13.42 ? 101  ASP A N   1 
ATOM   724  C CA  . ASP A 1 100 ? -8.961  -0.970  0.694   1.00 14.35 ? 101  ASP A CA  1 
ATOM   725  C C   . ASP A 1 100 ? -8.507  -0.880  2.136   1.00 14.61 ? 101  ASP A C   1 
ATOM   726  O O   . ASP A 1 100 ? -7.600  -0.115  2.456   1.00 14.83 ? 101  ASP A O   1 
ATOM   727  C CB  . ASP A 1 100 ? -8.778  -2.408  0.194   1.00 15.44 ? 101  ASP A CB  1 
ATOM   728  C CG  . ASP A 1 100 ? -9.958  -3.306  0.517   1.00 17.60 ? 101  ASP A CG  1 
ATOM   729  O OD1 . ASP A 1 100 ? -10.830 -2.912  1.321   1.00 17.35 ? 101  ASP A OD1 1 
ATOM   730  O OD2 . ASP A 1 100 ? -10.002 -4.426  -0.038  1.00 20.77 ? 101  ASP A OD2 1 
ATOM   731  N N   . PHE A 1 101 ? -9.145  -1.651  3.005   1.00 14.75 ? 102  PHE A N   1 
ATOM   732  C CA  . PHE A 1 101 ? -8.763  -1.670  4.404   1.00 16.29 ? 102  PHE A CA  1 
ATOM   733  C C   . PHE A 1 101 ? -8.914  -3.082  4.939   1.00 16.55 ? 102  PHE A C   1 
ATOM   734  O O   . PHE A 1 101 ? -9.671  -3.889  4.395   1.00 16.55 ? 102  PHE A O   1 
ATOM   735  C CB  . PHE A 1 101 ? -9.614  -0.682  5.227   1.00 18.38 ? 102  PHE A CB  1 
ATOM   736  C CG  . PHE A 1 101 ? -10.984 -1.194  5.595   1.00 20.53 ? 102  PHE A CG  1 
ATOM   737  C CD1 . PHE A 1 101 ? -11.153 -2.057  6.672   1.00 22.94 ? 102  PHE A CD1 1 
ATOM   738  C CD2 . PHE A 1 101 ? -12.101 -0.815  4.862   1.00 23.47 ? 102  PHE A CD2 1 
ATOM   739  C CE1 . PHE A 1 101 ? -12.411 -2.538  7.013   1.00 23.86 ? 102  PHE A CE1 1 
ATOM   740  C CE2 . PHE A 1 101 ? -13.369 -1.293  5.197   1.00 24.13 ? 102  PHE A CE2 1 
ATOM   741  C CZ  . PHE A 1 101 ? -13.521 -2.154  6.273   1.00 24.80 ? 102  PHE A CZ  1 
ATOM   742  N N   . ILE A 1 102 ? -8.165  -3.385  5.989   1.00 17.21 ? 103  ILE A N   1 
ATOM   743  C CA  . ILE A 1 102 ? -8.241  -4.695  6.613   1.00 18.15 ? 103  ILE A CA  1 
ATOM   744  C C   . ILE A 1 102 ? -8.439  -4.429  8.097   1.00 18.45 ? 103  ILE A C   1 
ATOM   745  O O   . ILE A 1 102 ? -7.677  -3.673  8.693   1.00 18.25 ? 103  ILE A O   1 
ATOM   746  C CB  . ILE A 1 102 ? -6.947  -5.493  6.425   1.00 20.29 ? 103  ILE A CB  1 
ATOM   747  C CG1 . ILE A 1 102 ? -6.586  -5.578  4.941   1.00 23.52 ? 103  ILE A CG1 1 
ATOM   748  C CG2 . ILE A 1 102 ? -7.137  -6.889  7.001   1.00 21.51 ? 103  ILE A CG2 1 
ATOM   749  C CD1 . ILE A 1 102 ? -5.212  -6.184  4.676   1.00 25.36 ? 103  ILE A CD1 1 
ATOM   750  N N   . ALA A 1 103 ? -9.464  -5.036  8.686   1.00 18.10 ? 104  ALA A N   1 
ATOM   751  C CA  . ALA A 1 103 ? -9.753  -4.828  10.102  1.00 19.62 ? 104  ALA A CA  1 
ATOM   752  C C   . ALA A 1 103 ? -9.025  -5.818  10.994  1.00 20.72 ? 104  ALA A C   1 
ATOM   753  O O   . ALA A 1 103 ? -8.911  -6.996  10.659  1.00 20.64 ? 104  ALA A O   1 
ATOM   754  C CB  . ALA A 1 103 ? -11.263 -4.926  10.347  1.00 21.04 ? 104  ALA A CB  1 
ATOM   755  N N   . LYS A 1 104 ? -8.529  -5.321  12.125  1.00 20.98 ? 105  LYS A N   1 
ATOM   756  C CA  . LYS A 1 104 ? -7.840  -6.140  13.117  1.00 22.96 ? 105  LYS A CA  1 
ATOM   757  C C   . LYS A 1 104 ? -8.905  -6.616  14.096  1.00 24.00 ? 105  LYS A C   1 
ATOM   758  O O   . LYS A 1 104 ? -9.791  -5.849  14.470  1.00 24.69 ? 105  LYS A O   1 
ATOM   759  C CB  . LYS A 1 104 ? -6.806  -5.310  13.888  1.00 23.41 ? 105  LYS A CB  1 
ATOM   760  C CG  . LYS A 1 104 ? -5.611  -4.851  13.075  1.00 23.48 ? 105  LYS A CG  1 
ATOM   761  C CD  . LYS A 1 104 ? -4.641  -4.020  13.914  1.00 22.33 ? 105  LYS A CD  1 
ATOM   762  C CE  . LYS A 1 104 ? -5.190  -2.630  14.211  1.00 23.46 ? 105  LYS A CE  1 
ATOM   763  N NZ  . LYS A 1 104 ? -4.271  -1.837  15.089  1.00 23.61 ? 105  LYS A NZ  1 
ATOM   764  N N   . PRO A 1 105 ? -8.838  -7.889  14.520  1.00 24.71 ? 106  PRO A N   1 
ATOM   765  C CA  . PRO A 1 105 ? -7.836  -8.886  14.132  1.00 25.36 ? 106  PRO A CA  1 
ATOM   766  C C   . PRO A 1 105 ? -8.179  -9.512  12.784  1.00 25.89 ? 106  PRO A C   1 
ATOM   767  O O   . PRO A 1 105 ? -9.349  -9.677  12.448  1.00 25.71 ? 106  PRO A O   1 
ATOM   768  C CB  . PRO A 1 105 ? -7.909  -9.900  15.268  1.00 25.86 ? 106  PRO A CB  1 
ATOM   769  C CG  . PRO A 1 105 ? -9.367  -9.894  15.593  1.00 25.67 ? 106  PRO A CG  1 
ATOM   770  C CD  . PRO A 1 105 ? -9.700  -8.412  15.597  1.00 26.13 ? 106  PRO A CD  1 
ATOM   771  N N   . PHE A 1 106 ? -7.156  -9.850  12.010  1.00 26.87 ? 107  PHE A N   1 
ATOM   772  C CA  . PHE A 1 106 ? -7.375  -10.457 10.706  1.00 29.11 ? 107  PHE A CA  1 
ATOM   773  C C   . PHE A 1 106 ? -6.546  -11.721 10.541  1.00 30.44 ? 107  PHE A C   1 
ATOM   774  O O   . PHE A 1 106 ? -5.517  -11.892 11.198  1.00 31.79 ? 107  PHE A O   1 
ATOM   775  C CB  . PHE A 1 106 ? -7.039  -9.457  9.594   1.00 29.15 ? 107  PHE A CB  1 
ATOM   776  C CG  . PHE A 1 106 ? -5.666  -8.847  9.709   1.00 28.41 ? 107  PHE A CG  1 
ATOM   777  C CD1 . PHE A 1 106 ? -4.525  -9.613  9.497   1.00 28.80 ? 107  PHE A CD1 1 
ATOM   778  C CD2 . PHE A 1 106 ? -5.517  -7.498  10.025  1.00 28.43 ? 107  PHE A CD2 1 
ATOM   779  C CE1 . PHE A 1 106 ? -3.257  -9.051  9.595   1.00 29.14 ? 107  PHE A CE1 1 
ATOM   780  C CE2 . PHE A 1 106 ? -4.250  -6.924  10.127  1.00 28.55 ? 107  PHE A CE2 1 
ATOM   781  C CZ  . PHE A 1 106 ? -3.118  -7.701  9.911   1.00 28.27 ? 107  PHE A CZ  1 
ATOM   782  N N   . ALA A 1 107 ? -7.010  -12.613 9.673   1.00 31.24 ? 108  ALA A N   1 
ATOM   783  C CA  . ALA A 1 107 ? -6.303  -13.857 9.412   1.00 30.95 ? 108  ALA A CA  1 
ATOM   784  C C   . ALA A 1 107 ? -5.224  -13.623 8.358   1.00 31.43 ? 108  ALA A C   1 
ATOM   785  O O   . ALA A 1 107 ? -5.360  -12.761 7.483   1.00 29.09 ? 108  ALA A O   1 
ATOM   786  C CB  . ALA A 1 107 ? -7.279  -14.927 8.943   1.00 31.61 ? 108  ALA A CB  1 
ATOM   787  N N   . ALA A 1 108 ? -4.147  -14.392 8.456   1.00 32.42 ? 109  ALA A N   1 
ATOM   788  C CA  . ALA A 1 108 ? -3.030  -14.285 7.529   1.00 33.21 ? 109  ALA A CA  1 
ATOM   789  C C   . ALA A 1 108 ? -3.445  -14.407 6.063   1.00 33.90 ? 109  ALA A C   1 
ATOM   790  O O   . ALA A 1 108 ? -3.007  -13.622 5.221   1.00 33.16 ? 109  ALA A O   1 
ATOM   791  C CB  . ALA A 1 108 ? -1.985  -15.341 7.864   1.00 33.86 ? 109  ALA A CB  1 
ATOM   792  N N   . ASP A 1 109 ? -4.287  -15.388 5.752   1.00 34.49 ? 110  ASP A N   1 
ATOM   793  C CA  . ASP A 1 109 ? -4.710  -15.580 4.368   1.00 34.62 ? 110  ASP A CA  1 
ATOM   794  C C   . ASP A 1 109 ? -5.539  -14.402 3.846   1.00 33.28 ? 110  ASP A C   1 
ATOM   795  O O   . ASP A 1 109 ? -5.554  -14.136 2.645   1.00 33.34 ? 110  ASP A O   1 
ATOM   796  C CB  . ASP A 1 109 ? -5.491  -16.893 4.226   1.00 37.57 ? 110  ASP A CB  1 
ATOM   797  C CG  . ASP A 1 109 ? -6.974  -16.723 4.469   1.00 40.39 ? 110  ASP A CG  1 
ATOM   798  O OD1 . ASP A 1 109 ? -7.656  -16.124 3.606   1.00 41.11 ? 110  ASP A OD1 1 
ATOM   799  O OD2 . ASP A 1 109 ? -7.458  -17.186 5.522   1.00 42.44 ? 110  ASP A OD2 1 
ATOM   800  N N   . ARG A 1 110 ? -6.212  -13.690 4.748   1.00 31.18 ? 111  ARG A N   1 
ATOM   801  C CA  . ARG A 1 110 ? -7.033  -12.543 4.360   1.00 28.49 ? 111  ARG A CA  1 
ATOM   802  C C   . ARG A 1 110 ? -6.139  -11.344 4.032   1.00 26.05 ? 111  ARG A C   1 
ATOM   803  O O   . ARG A 1 110 ? -6.425  -10.561 3.125   1.00 23.41 ? 111  ARG A O   1 
ATOM   804  C CB  . ARG A 1 110 ? -7.993  -12.169 5.488   1.00 31.02 ? 111  ARG A CB  1 
ATOM   805  C CG  . ARG A 1 110 ? -8.460  -13.342 6.335   1.00 35.39 ? 111  ARG A CG  1 
ATOM   806  C CD  . ARG A 1 110 ? -9.101  -14.464 5.518   1.00 37.40 ? 111  ARG A CD  1 
ATOM   807  N NE  . ARG A 1 110 ? -10.339 -14.049 4.861   1.00 41.39 ? 111  ARG A NE  1 
ATOM   808  C CZ  . ARG A 1 110 ? -10.407 -13.515 3.645   1.00 42.07 ? 111  ARG A CZ  1 
ATOM   809  N NH1 . ARG A 1 110 ? -9.309  -13.325 2.932   1.00 44.38 ? 111  ARG A NH1 1 
ATOM   810  N NH2 . ARG A 1 110 ? -11.582 -13.167 3.141   1.00 45.00 ? 111  ARG A NH2 1 
ATOM   811  N N   . LEU A 1 111 ? -5.067  -11.197 4.799   1.00 22.26 ? 112  LEU A N   1 
ATOM   812  C CA  . LEU A 1 111 ? -4.108  -10.124 4.567   1.00 19.45 ? 112  LEU A CA  1 
ATOM   813  C C   . LEU A 1 111 ? -3.518  -10.349 3.177   1.00 17.89 ? 112  LEU A C   1 
ATOM   814  O O   . LEU A 1 111 ? -3.304  -9.409  2.400   1.00 16.48 ? 112  LEU A O   1 
ATOM   815  C CB  . LEU A 1 111 ? -2.993  -10.201 5.610   1.00 19.33 ? 112  LEU A CB  1 
ATOM   816  C CG  . LEU A 1 111 ? -1.738  -9.374  5.339   1.00 19.21 ? 112  LEU A CG  1 
ATOM   817  C CD1 . LEU A 1 111 ? -2.103  -7.894  5.323   1.00 18.87 ? 112  LEU A CD1 1 
ATOM   818  C CD2 . LEU A 1 111 ? -0.693  -9.657  6.411   1.00 20.20 ? 112  LEU A CD2 1 
ATOM   819  N N   . VAL A 1 112 ? -3.258  -11.614 2.875   1.00 16.49 ? 113  VAL A N   1 
ATOM   820  C CA  . VAL A 1 112 ? -2.687  -11.996 1.593   1.00 15.78 ? 113  VAL A CA  1 
ATOM   821  C C   . VAL A 1 112 ? -3.616  -11.693 0.423   1.00 15.08 ? 113  VAL A C   1 
ATOM   822  O O   . VAL A 1 112 ? -3.177  -11.165 -0.597  1.00 13.78 ? 113  VAL A O   1 
ATOM   823  C CB  . VAL A 1 112 ? -2.325  -13.502 1.583   1.00 16.01 ? 113  VAL A CB  1 
ATOM   824  C CG1 . VAL A 1 112 ? -1.963  -13.951 0.169   1.00 17.38 ? 113  VAL A CG1 1 
ATOM   825  C CG2 . VAL A 1 112 ? -1.136  -13.751 2.520   1.00 16.74 ? 113  VAL A CG2 1 
ATOM   826  N N   . GLN A 1 113 ? -4.899  -12.014 0.559   1.00 15.16 ? 114  GLN A N   1 
ATOM   827  C CA  . GLN A 1 113 ? -5.825  -11.759 -0.540  1.00 15.71 ? 114  GLN A CA  1 
ATOM   828  C C   . GLN A 1 113 ? -5.989  -10.267 -0.794  1.00 15.23 ? 114  GLN A C   1 
ATOM   829  O O   . GLN A 1 113 ? -6.135  -9.837  -1.939  1.00 15.37 ? 114  GLN A O   1 
ATOM   830  C CB  . GLN A 1 113 ? -7.188  -12.403 -0.260  1.00 15.28 ? 114  GLN A CB  1 
ATOM   831  C CG  . GLN A 1 113 ? -7.119  -13.928 -0.201  1.00 14.29 ? 114  GLN A CG  1 
ATOM   832  C CD  . GLN A 1 113 ? -8.480  -14.588 -0.026  1.00 17.38 ? 114  GLN A CD  1 
ATOM   833  O OE1 . GLN A 1 113 ? -9.444  -13.953 0.404   1.00 16.53 ? 114  GLN A OE1 1 
ATOM   834  N NE2 . GLN A 1 113 ? -8.554  -15.880 -0.345  1.00 17.44 ? 114  GLN A NE2 1 
ATOM   835  N N   . SER A 1 114 ? -5.968  -9.474  0.272   1.00 14.21 ? 115  SER A N   1 
ATOM   836  C CA  . SER A 1 114 ? -6.113  -8.034  0.119   1.00 14.44 ? 115  SER A CA  1 
ATOM   837  C C   . SER A 1 114 ? -4.880  -7.466  -0.581  1.00 14.72 ? 115  SER A C   1 
ATOM   838  O O   . SER A 1 114 ? -4.995  -6.654  -1.507  1.00 14.21 ? 115  SER A O   1 
ATOM   839  C CB  . SER A 1 114 ? -6.286  -7.368  1.487   1.00 16.61 ? 115  SER A CB  1 
ATOM   840  O OG  . SER A 1 114 ? -6.497  -5.978  1.340   1.00 22.66 ? 115  SER A OG  1 
ATOM   841  N N   . ALA A 1 115 ? -3.706  -7.897  -0.137  1.00 13.50 ? 116  ALA A N   1 
ATOM   842  C CA  . ALA A 1 115 ? -2.454  -7.427  -0.725  1.00 14.15 ? 116  ALA A CA  1 
ATOM   843  C C   . ALA A 1 115 ? -2.354  -7.838  -2.189  1.00 14.31 ? 116  ALA A C   1 
ATOM   844  O O   . ALA A 1 115 ? -1.898  -7.061  -3.030  1.00 15.39 ? 116  ALA A O   1 
ATOM   845  C CB  . ALA A 1 115 ? -1.274  -7.977  0.048   1.00 13.85 ? 116  ALA A CB  1 
ATOM   846  N N   . ARG A 1 116 ? -2.780  -9.058  -2.498  1.00 14.75 ? 117  ARG A N   1 
ATOM   847  C CA  . ARG A 1 116 ? -2.713  -9.523  -3.877  1.00 14.79 ? 117  ARG A CA  1 
ATOM   848  C C   . ARG A 1 116 ? -3.591  -8.721  -4.827  1.00 13.73 ? 117  ARG A C   1 
ATOM   849  O O   . ARG A 1 116 ? -3.200  -8.492  -5.977  1.00 14.13 ? 117  ARG A O   1 
ATOM   850  C CB  . ARG A 1 116 ? -3.034  -11.018 -3.948  1.00 15.94 ? 117  ARG A CB  1 
ATOM   851  C CG  . ARG A 1 116 ? -1.862  -11.839 -3.454  1.00 18.12 ? 117  ARG A CG  1 
ATOM   852  C CD  . ARG A 1 116 ? -2.111  -13.321 -3.498  1.00 20.41 ? 117  ARG A CD  1 
ATOM   853  N NE  . ARG A 1 116 ? -0.869  -14.042 -3.238  1.00 22.96 ? 117  ARG A NE  1 
ATOM   854  C CZ  . ARG A 1 116 ? -0.810  -15.323 -2.903  1.00 24.53 ? 117  ARG A CZ  1 
ATOM   855  N NH1 . ARG A 1 116 ? -1.926  -16.026 -2.783  1.00 25.55 ? 117  ARG A NH1 1 
ATOM   856  N NH2 . ARG A 1 116 ? 0.366   -15.899 -2.692  1.00 26.06 ? 117  ARG A NH2 1 
ATOM   857  N N   . ARG A 1 117 ? -4.761  -8.280  -4.365  1.00 13.65 ? 118  ARG A N   1 
ATOM   858  C CA  . ARG A 1 117 ? -5.629  -7.476  -5.220  1.00 14.12 ? 118  ARG A CA  1 
ATOM   859  C C   . ARG A 1 117 ? -4.966  -6.133  -5.497  1.00 13.92 ? 118  ARG A C   1 
ATOM   860  O O   . ARG A 1 117 ? -5.014  -5.629  -6.620  1.00 13.61 ? 118  ARG A O   1 
ATOM   861  C CB  . ARG A 1 117 ? -7.001  -7.230  -4.572  1.00 15.41 ? 118  ARG A CB  1 
ATOM   862  C CG  . ARG A 1 117 ? -8.065  -8.269  -4.912  1.00 18.64 ? 118  ARG A CG  1 
ATOM   863  C CD  . ARG A 1 117 ? -9.434  -7.861  -4.353  1.00 17.34 ? 118  ARG A CD  1 
ATOM   864  N NE  . ARG A 1 117 ? -9.426  -7.819  -2.894  1.00 20.81 ? 118  ARG A NE  1 
ATOM   865  C CZ  . ARG A 1 117 ? -9.695  -8.858  -2.114  1.00 20.81 ? 118  ARG A CZ  1 
ATOM   866  N NH1 . ARG A 1 117 ? -10.007 -10.034 -2.647  1.00 18.33 ? 118  ARG A NH1 1 
ATOM   867  N NH2 . ARG A 1 117 ? -9.638  -8.722  -0.798  1.00 22.86 ? 118  ARG A NH2 1 
ATOM   868  N N   . ALA A 1 118 ? -4.348  -5.555  -4.467  1.00 13.09 ? 119  ALA A N   1 
ATOM   869  C CA  . ALA A 1 118 ? -3.677  -4.265  -4.601  1.00 13.54 ? 119  ALA A CA  1 
ATOM   870  C C   . ALA A 1 118 ? -2.456  -4.369  -5.508  1.00 14.15 ? 119  ALA A C   1 
ATOM   871  O O   . ALA A 1 118 ? -2.198  -3.476  -6.319  1.00 14.99 ? 119  ALA A O   1 
ATOM   872  C CB  . ALA A 1 118 ? -3.259  -3.743  -3.228  1.00 12.44 ? 119  ALA A CB  1 
ATOM   873  N N   . GLU A 1 119 ? -1.699  -5.452  -5.361  1.00 14.83 ? 120  GLU A N   1 
ATOM   874  C CA  . GLU A 1 119 ? -0.507  -5.667  -6.181  1.00 16.31 ? 120  GLU A CA  1 
ATOM   875  C C   . GLU A 1 119 ? -0.938  -5.811  -7.635  1.00 16.50 ? 120  GLU A C   1 
ATOM   876  O O   . GLU A 1 119 ? -0.267  -5.323  -8.550  1.00 15.69 ? 120  GLU A O   1 
ATOM   877  C CB  . GLU A 1 119 ? 0.237   -6.928  -5.718  1.00 20.04 ? 120  GLU A CB  1 
ATOM   878  C CG  . GLU A 1 119 ? 1.516   -7.248  -6.504  1.00 26.95 ? 120  GLU A CG  1 
ATOM   879  C CD  . GLU A 1 119 ? 1.260   -7.997  -7.804  1.00 30.78 ? 120  GLU A CD  1 
ATOM   880  O OE1 . GLU A 1 119 ? 2.219   -8.199  -8.585  1.00 34.76 ? 120  GLU A OE1 1 
ATOM   881  O OE2 . GLU A 1 119 ? 0.103   -8.397  -8.048  1.00 34.57 ? 120  GLU A OE2 1 
ATOM   882  N N   . GLU A 1 120 ? -2.068  -6.478  -7.842  1.00 13.71 ? 121  GLU A N   1 
ATOM   883  C CA  . GLU A 1 120 ? -2.602  -6.677  -9.186  1.00 14.21 ? 121  GLU A CA  1 
ATOM   884  C C   . GLU A 1 120 ? -2.917  -5.329  -9.823  1.00 14.44 ? 121  GLU A C   1 
ATOM   885  O O   . GLU A 1 120 ? -2.581  -5.096  -10.986 1.00 15.49 ? 121  GLU A O   1 
ATOM   886  C CB  . GLU A 1 120 ? -3.865  -7.535  -9.134  1.00 14.79 ? 121  GLU A CB  1 
ATOM   887  C CG  . GLU A 1 120 ? -4.531  -7.736  -10.485 1.00 16.97 ? 121  GLU A CG  1 
ATOM   888  C CD  . GLU A 1 120 ? -5.704  -8.691  -10.397 1.00 19.51 ? 121  GLU A CD  1 
ATOM   889  O OE1 . GLU A 1 120 ? -6.581  -8.465  -9.541  1.00 18.54 ? 121  GLU A OE1 1 
ATOM   890  O OE2 . GLU A 1 120 ? -5.745  -9.665  -11.178 1.00 21.26 ? 121  GLU A OE2 1 
ATOM   891  N N   . LYS A 1 121 ? -3.568  -4.437  -9.081  1.00 13.92 ? 122  LYS A N   1 
ATOM   892  C CA  . LYS A 1 121 ? -3.862  -3.123  -9.644  1.00 14.32 ? 122  LYS A CA  1 
ATOM   893  C C   . LYS A 1 121 ? -2.560  -2.416  -10.018 1.00 15.26 ? 122  LYS A C   1 
ATOM   894  O O   . LYS A 1 121 ? -2.427  -1.875  -11.119 1.00 15.20 ? 122  LYS A O   1 
ATOM   895  C CB  . LYS A 1 121 ? -4.618  -2.222  -8.661  1.00 16.41 ? 122  LYS A CB  1 
ATOM   896  C CG  . LYS A 1 121 ? -4.647  -0.775  -9.164  1.00 18.02 ? 122  LYS A CG  1 
ATOM   897  C CD  . LYS A 1 121 ? -5.327  0.214   -8.248  1.00 19.94 ? 122  LYS A CD  1 
ATOM   898  C CE  . LYS A 1 121 ? -5.205  1.618   -8.850  1.00 21.86 ? 122  LYS A CE  1 
ATOM   899  N NZ  . LYS A 1 121 ? -5.928  2.658   -8.069  1.00 22.23 ? 122  LYS A NZ  1 
ATOM   900  N N   . ARG A 1 122 ? -1.593  -2.414  -9.105  1.00 15.07 ? 123  ARG A N   1 
ATOM   901  C CA  . ARG A 1 122 ? -0.340  -1.727  -9.395  1.00 15.10 ? 123  ARG A CA  1 
ATOM   902  C C   . ARG A 1 122 ? 0.375   -2.340  -10.594 1.00 16.51 ? 123  ARG A C   1 
ATOM   903  O O   . ARG A 1 122 ? 0.913   -1.614  -11.428 1.00 17.00 ? 123  ARG A O   1 
ATOM   904  C CB  . ARG A 1 122 ? 0.581   -1.727  -8.177  1.00 15.17 ? 123  ARG A CB  1 
ATOM   905  C CG  . ARG A 1 122 ? 1.796   -0.802  -8.320  1.00 16.34 ? 123  ARG A CG  1 
ATOM   906  C CD  . ARG A 1 122 ? 1.379   0.640   -8.618  1.00 15.34 ? 123  ARG A CD  1 
ATOM   907  N NE  . ARG A 1 122 ? 2.505   1.567   -8.510  1.00 17.27 ? 123  ARG A NE  1 
ATOM   908  C CZ  . ARG A 1 122 ? 2.438   2.865   -8.794  1.00 18.01 ? 123  ARG A CZ  1 
ATOM   909  N NH1 . ARG A 1 122 ? 1.299   3.400   -9.207  1.00 18.14 ? 123  ARG A NH1 1 
ATOM   910  N NH2 . ARG A 1 122 ? 3.512   3.629   -8.660  1.00 19.99 ? 123  ARG A NH2 1 
ATOM   911  N N   . ARG A 1 123 ? 0.374   -3.666  -10.687 1.00 16.42 ? 124  ARG A N   1 
ATOM   912  C CA  . ARG A 1 123 ? 1.026   -4.343  -11.807 1.00 19.03 ? 124  ARG A CA  1 
ATOM   913  C C   . ARG A 1 123 ? 0.387   -3.924  -13.129 1.00 18.89 ? 124  ARG A C   1 
ATOM   914  O O   . ARG A 1 123 ? 1.085   -3.648  -14.114 1.00 19.45 ? 124  ARG A O   1 
ATOM   915  C CB  . ARG A 1 123 ? 0.924   -5.862  -11.643 1.00 20.55 ? 124  ARG A CB  1 
ATOM   916  C CG  . ARG A 1 123 ? 1.630   -6.645  -12.743 1.00 24.12 ? 124  ARG A CG  1 
ATOM   917  C CD  . ARG A 1 123 ? 1.504   -8.146  -12.542 1.00 28.08 ? 124  ARG A CD  1 
ATOM   918  N NE  . ARG A 1 123 ? 0.126   -8.609  -12.692 1.00 32.66 ? 124  ARG A NE  1 
ATOM   919  C CZ  . ARG A 1 123 ? -0.631  -9.055  -11.693 1.00 34.01 ? 124  ARG A CZ  1 
ATOM   920  N NH1 . ARG A 1 123 ? -0.149  -9.103  -10.458 1.00 35.93 ? 124  ARG A NH1 1 
ATOM   921  N NH2 . ARG A 1 123 ? -1.873  -9.453  -11.930 1.00 36.09 ? 124  ARG A NH2 1 
ATOM   922  N N   . LEU A 1 124 ? -0.942  -3.871  -13.152 1.00 17.41 ? 125  LEU A N   1 
ATOM   923  C CA  . LEU A 1 124 ? -1.666  -3.472  -14.354 1.00 18.76 ? 125  LEU A CA  1 
ATOM   924  C C   . LEU A 1 124 ? -1.389  -2.012  -14.708 1.00 18.48 ? 125  LEU A C   1 
ATOM   925  O O   . LEU A 1 124 ? -1.214  -1.670  -15.879 1.00 19.90 ? 125  LEU A O   1 
ATOM   926  C CB  . LEU A 1 124 ? -3.170  -3.683  -14.159 1.00 19.06 ? 125  LEU A CB  1 
ATOM   927  C CG  . LEU A 1 124 ? -3.650  -5.136  -14.202 1.00 20.54 ? 125  LEU A CG  1 
ATOM   928  C CD1 . LEU A 1 124 ? -5.100  -5.216  -13.754 1.00 19.86 ? 125  LEU A CD1 1 
ATOM   929  C CD2 . LEU A 1 124 ? -3.490  -5.682  -15.614 1.00 23.34 ? 125  LEU A CD2 1 
ATOM   930  N N   . VAL A 1 125 ? -1.352  -1.150  -13.697 1.00 18.60 ? 126  VAL A N   1 
ATOM   931  C CA  . VAL A 1 125 ? -1.086  0.265   -13.925 1.00 19.32 ? 126  VAL A CA  1 
ATOM   932  C C   . VAL A 1 125 ? 0.316   0.468   -14.499 1.00 20.98 ? 126  VAL A C   1 
ATOM   933  O O   . VAL A 1 125 ? 0.502   1.239   -15.445 1.00 22.62 ? 126  VAL A O   1 
ATOM   934  C CB  . VAL A 1 125 ? -1.229  1.074   -12.614 1.00 18.46 ? 126  VAL A CB  1 
ATOM   935  C CG1 . VAL A 1 125 ? -0.682  2.484   -12.795 1.00 19.22 ? 126  VAL A CG1 1 
ATOM   936  C CG2 . VAL A 1 125 ? -2.695  1.140   -12.213 1.00 18.19 ? 126  VAL A CG2 1 
ATOM   937  N N   . MET A 1 126 ? 1.304   -0.224  -13.939 1.00 21.90 ? 127  MET A N   1 
ATOM   938  C CA  . MET A 1 126 ? 2.669   -0.074  -14.433 1.00 23.16 ? 127  MET A CA  1 
ATOM   939  C C   . MET A 1 126 ? 2.810   -0.660  -15.838 1.00 24.99 ? 127  MET A C   1 
ATOM   940  O O   . MET A 1 126 ? 3.559   -0.131  -16.667 1.00 25.51 ? 127  MET A O   1 
ATOM   941  C CB  . MET A 1 126 ? 3.668   -0.718  -13.461 1.00 22.48 ? 127  MET A CB  1 
ATOM   942  C CG  . MET A 1 126 ? 3.696   -0.066  -12.060 1.00 21.69 ? 127  MET A CG  1 
ATOM   943  S SD  . MET A 1 126 ? 3.922   1.745   -12.011 1.00 18.70 ? 127  MET A SD  1 
ATOM   944  C CE  . MET A 1 126 ? 5.706   1.860   -11.836 1.00 24.46 ? 127  MET A CE  1 
ATOM   945  N N   . GLU A 1 127 ? 2.085   -1.741  -16.116 1.00 26.54 ? 128  GLU A N   1 
ATOM   946  C CA  . GLU A 1 127 ? 2.126   -2.354  -17.442 1.00 28.67 ? 128  GLU A CA  1 
ATOM   947  C C   . GLU A 1 127 ? 1.500   -1.396  -18.455 1.00 28.68 ? 128  GLU A C   1 
ATOM   948  O O   . GLU A 1 127 ? 1.991   -1.250  -19.576 1.00 28.71 ? 128  GLU A O   1 
ATOM   949  C CB  . GLU A 1 127 ? 1.362   -3.681  -17.449 1.00 30.92 ? 128  GLU A CB  1 
ATOM   950  C CG  . GLU A 1 127 ? 2.141   -4.855  -16.876 1.00 35.91 ? 128  GLU A CG  1 
ATOM   951  C CD  . GLU A 1 127 ? 1.335   -6.143  -16.874 1.00 38.82 ? 128  GLU A CD  1 
ATOM   952  O OE1 . GLU A 1 127 ? 0.597   -6.384  -17.854 1.00 40.78 ? 128  GLU A OE1 1 
ATOM   953  O OE2 . GLU A 1 127 ? 1.448   -6.918  -15.898 1.00 40.79 ? 128  GLU A OE2 1 
ATOM   954  N N   . ASN A 1 128 ? 0.413   -0.748  -18.048 1.00 27.62 ? 129  ASN A N   1 
ATOM   955  C CA  . ASN A 1 128 ? -0.284  0.206   -18.901 1.00 28.40 ? 129  ASN A CA  1 
ATOM   956  C C   . ASN A 1 128 ? 0.646   1.364   -19.245 1.00 27.88 ? 129  ASN A C   1 
ATOM   957  O O   . ASN A 1 128 ? 0.739   1.773   -20.403 1.00 27.38 ? 129  ASN A O   1 
ATOM   958  C CB  . ASN A 1 128 ? -1.539  0.723   -18.186 1.00 30.22 ? 129  ASN A CB  1 
ATOM   959  C CG  . ASN A 1 128 ? -2.289  1.777   -18.988 1.00 33.44 ? 129  ASN A CG  1 
ATOM   960  O OD1 . ASN A 1 128 ? -1.885  2.942   -19.042 1.00 36.36 ? 129  ASN A OD1 1 
ATOM   961  N ND2 . ASN A 1 128 ? -3.385  1.369   -19.619 1.00 34.25 ? 129  ASN A ND2 1 
ATOM   962  N N   . ARG A 1 129 ? 1.344   1.879   -18.240 1.00 26.14 ? 130  ARG A N   1 
ATOM   963  C CA  . ARG A 1 129 ? 2.264   2.989   -18.450 1.00 26.60 ? 130  ARG A CA  1 
ATOM   964  C C   . ARG A 1 129 ? 3.418   2.576   -19.348 1.00 27.45 ? 130  ARG A C   1 
ATOM   965  O O   . ARG A 1 129 ? 3.842   3.341   -20.217 1.00 26.92 ? 130  ARG A O   1 
ATOM   966  C CB  . ARG A 1 129 ? 2.792   3.498   -17.107 1.00 26.49 ? 130  ARG A CB  1 
ATOM   967  C CG  . ARG A 1 129 ? 1.719   4.180   -16.275 1.00 26.56 ? 130  ARG A CG  1 
ATOM   968  C CD  . ARG A 1 129 ? 2.224   4.616   -14.910 1.00 25.95 ? 130  ARG A CD  1 
ATOM   969  N NE  . ARG A 1 129 ? 1.145   5.220   -14.134 1.00 26.43 ? 130  ARG A NE  1 
ATOM   970  C CZ  . ARG A 1 129 ? 1.249   5.590   -12.862 1.00 25.91 ? 130  ARG A CZ  1 
ATOM   971  N NH1 . ARG A 1 129 ? 2.389   5.422   -12.207 1.00 26.17 ? 130  ARG A NH1 1 
ATOM   972  N NH2 . ARG A 1 129 ? 0.207   6.129   -12.244 1.00 27.42 ? 130  ARG A NH2 1 
ATOM   973  N N   . SER A 1 130 ? 3.919   1.363   -19.140 1.00 26.89 ? 131  SER A N   1 
ATOM   974  C CA  . SER A 1 130 ? 5.020   0.840   -19.939 1.00 28.66 ? 131  SER A CA  1 
ATOM   975  C C   . SER A 1 130 ? 4.614   0.729   -21.406 1.00 27.99 ? 131  SER A C   1 
ATOM   976  O O   . SER A 1 130 ? 5.398   1.045   -22.303 1.00 28.32 ? 131  SER A O   1 
ATOM   977  C CB  . SER A 1 130 ? 5.445   -0.533  -19.420 1.00 29.37 ? 131  SER A CB  1 
ATOM   978  O OG  . SER A 1 130 ? 6.407   -1.120  -20.278 1.00 33.06 ? 131  SER A OG  1 
ATOM   979  N N   . LEU A 1 131 ? 3.389   0.274   -21.645 1.00 27.23 ? 132  LEU A N   1 
ATOM   980  C CA  . LEU A 1 131 ? 2.885   0.128   -23.004 1.00 27.81 ? 132  LEU A CA  1 
ATOM   981  C C   . LEU A 1 131 ? 2.717   1.487   -23.675 1.00 28.56 ? 132  LEU A C   1 
ATOM   982  O O   . LEU A 1 131 ? 3.041   1.648   -24.855 1.00 27.69 ? 132  LEU A O   1 
ATOM   983  C CB  . LEU A 1 131 ? 1.551   -0.625  -22.998 1.00 27.52 ? 132  LEU A CB  1 
ATOM   984  C CG  . LEU A 1 131 ? 1.656   -2.129  -22.717 1.00 28.06 ? 132  LEU A CG  1 
ATOM   985  C CD1 . LEU A 1 131 ? 0.277   -2.726  -22.467 1.00 28.16 ? 132  LEU A CD1 1 
ATOM   986  C CD2 . LEU A 1 131 ? 2.329   -2.807  -23.898 1.00 28.15 ? 132  LEU A CD2 1 
ATOM   987  N N   . ARG A 1 132 ? 2.214   2.466   -22.928 1.00 28.93 ? 133  ARG A N   1 
ATOM   988  C CA  . ARG A 1 132 ? 2.027   3.803   -23.483 1.00 30.35 ? 133  ARG A CA  1 
ATOM   989  C C   . ARG A 1 132 ? 3.371   4.443   -23.797 1.00 31.32 ? 133  ARG A C   1 
ATOM   990  O O   . ARG A 1 132 ? 3.507   5.149   -24.795 1.00 31.68 ? 133  ARG A O   1 
ATOM   991  C CB  . ARG A 1 132 ? 1.234   4.686   -22.515 1.00 30.74 ? 133  ARG A CB  1 
ATOM   992  C CG  . ARG A 1 132 ? -0.221  4.269   -22.372 1.00 31.94 ? 133  ARG A CG  1 
ATOM   993  C CD  . ARG A 1 132 ? -1.000  5.223   -21.478 1.00 33.61 ? 133  ARG A CD  1 
ATOM   994  N NE  . ARG A 1 132 ? -2.351  4.734   -21.225 1.00 36.21 ? 133  ARG A NE  1 
ATOM   995  C CZ  . ARG A 1 132 ? -3.313  4.666   -22.141 1.00 37.92 ? 133  ARG A CZ  1 
ATOM   996  N NH1 . ARG A 1 132 ? -3.082  5.063   -23.385 1.00 39.25 ? 133  ARG A NH1 1 
ATOM   997  N NH2 . ARG A 1 132 ? -4.507  4.184   -21.817 1.00 39.28 ? 133  ARG A NH2 1 
ATOM   998  N N   . ARG A 1 133 ? 4.364   4.195   -22.947 1.00 32.56 ? 134  ARG A N   1 
ATOM   999  C CA  . ARG A 1 133 ? 5.704   4.735   -23.165 1.00 34.15 ? 134  ARG A CA  1 
ATOM   1000 C C   . ARG A 1 133 ? 6.242   4.195   -24.485 1.00 34.07 ? 134  ARG A C   1 
ATOM   1001 O O   . ARG A 1 133 ? 6.787   4.941   -25.302 1.00 33.58 ? 134  ARG A O   1 
ATOM   1002 C CB  . ARG A 1 133 ? 6.655   4.311   -22.040 1.00 36.36 ? 134  ARG A CB  1 
ATOM   1003 C CG  . ARG A 1 133 ? 6.926   5.366   -20.979 1.00 39.66 ? 134  ARG A CG  1 
ATOM   1004 C CD  . ARG A 1 133 ? 5.675   5.723   -20.200 1.00 42.59 ? 134  ARG A CD  1 
ATOM   1005 N NE  . ARG A 1 133 ? 5.970   6.635   -19.097 1.00 45.42 ? 134  ARG A NE  1 
ATOM   1006 C CZ  . ARG A 1 133 ? 5.052   7.145   -18.284 1.00 46.13 ? 134  ARG A CZ  1 
ATOM   1007 N NH1 . ARG A 1 133 ? 3.772   6.833   -18.446 1.00 47.55 ? 134  ARG A NH1 1 
ATOM   1008 N NH2 . ARG A 1 133 ? 5.414   7.969   -17.310 1.00 47.32 ? 134  ARG A NH2 1 
ATOM   1009 N N   . ALA A 1 134 ? 6.081   2.890   -24.684 1.00 33.33 ? 135  ALA A N   1 
ATOM   1010 C CA  . ALA A 1 134 ? 6.554   2.231   -25.896 1.00 33.54 ? 135  ALA A CA  1 
ATOM   1011 C C   . ALA A 1 134 ? 5.856   2.757   -27.146 1.00 33.64 ? 135  ALA A C   1 
ATOM   1012 O O   . ALA A 1 134 ? 6.490   2.934   -28.188 1.00 33.23 ? 135  ALA A O   1 
ATOM   1013 C CB  . ALA A 1 134 ? 6.350   0.724   -25.781 1.00 32.91 ? 135  ALA A CB  1 
ATOM   1014 N N   . ALA A 1 135 ? 4.554   3.001   -27.044 1.00 33.28 ? 136  ALA A N   1 
ATOM   1015 C CA  . ALA A 1 135 ? 3.788   3.507   -28.178 1.00 34.17 ? 136  ALA A CA  1 
ATOM   1016 C C   . ALA A 1 135 ? 4.277   4.892   -28.587 1.00 35.53 ? 136  ALA A C   1 
ATOM   1017 O O   . ALA A 1 135 ? 4.438   5.178   -29.777 1.00 34.85 ? 136  ALA A O   1 
ATOM   1018 C CB  . ALA A 1 135 ? 2.306   3.560   -27.826 1.00 33.46 ? 136  ALA A CB  1 
ATOM   1019 N N   . GLU A 1 136 ? 4.511   5.750   -27.599 1.00 36.17 ? 137  GLU A N   1 
ATOM   1020 C CA  . GLU A 1 136 ? 4.984   7.102   -27.865 1.00 38.16 ? 137  GLU A CA  1 
ATOM   1021 C C   . GLU A 1 136 ? 6.412   7.076   -28.397 1.00 38.16 ? 137  GLU A C   1 
ATOM   1022 O O   . GLU A 1 136 ? 6.776   7.868   -29.266 1.00 38.31 ? 137  GLU A O   1 
ATOM   1023 C CB  . GLU A 1 136 ? 4.910   7.950   -26.591 1.00 40.07 ? 137  GLU A CB  1 
ATOM   1024 C CG  . GLU A 1 136 ? 3.493   8.161   -26.079 1.00 43.20 ? 137  GLU A CG  1 
ATOM   1025 C CD  . GLU A 1 136 ? 3.440   8.997   -24.812 1.00 45.94 ? 137  GLU A CD  1 
ATOM   1026 O OE1 . GLU A 1 136 ? 4.035   8.576   -23.796 1.00 47.09 ? 137  GLU A OE1 1 
ATOM   1027 O OE2 . GLU A 1 136 ? 2.803   10.073  -24.833 1.00 47.35 ? 137  GLU A OE2 1 
ATOM   1028 N N   . ALA A 1 137 ? 7.220   6.158   -27.875 1.00 37.99 ? 138  ALA A N   1 
ATOM   1029 C CA  . ALA A 1 137 ? 8.604   6.028   -28.309 1.00 38.50 ? 138  ALA A CA  1 
ATOM   1030 C C   . ALA A 1 137 ? 8.642   5.602   -29.775 1.00 39.07 ? 138  ALA A C   1 
ATOM   1031 O O   . ALA A 1 137 ? 9.461   6.091   -30.555 1.00 38.76 ? 138  ALA A O   1 
ATOM   1032 C CB  . ALA A 1 137 ? 9.328   5.005   -27.446 1.00 38.53 ? 138  ALA A CB  1 
ATOM   1033 N N   . ALA A 1 138 ? 7.749   4.688   -30.143 1.00 39.20 ? 139  ALA A N   1 
ATOM   1034 C CA  . ALA A 1 138 ? 7.676   4.204   -31.516 1.00 39.97 ? 139  ALA A CA  1 
ATOM   1035 C C   . ALA A 1 138 ? 7.145   5.308   -32.421 1.00 40.60 ? 139  ALA A C   1 
ATOM   1036 O O   . ALA A 1 138 ? 7.658   5.530   -33.520 1.00 40.57 ? 139  ALA A O   1 
ATOM   1037 C CB  . ALA A 1 138 ? 6.765   2.987   -31.593 1.00 39.53 ? 139  ALA A CB  1 
ATOM   1038 N N   . SER A 1 139 ? 6.115   6.000   -31.948 1.00 41.32 ? 140  SER A N   1 
ATOM   1039 C CA  . SER A 1 139 ? 5.500   7.081   -32.705 1.00 42.80 ? 140  SER A CA  1 
ATOM   1040 C C   . SER A 1 139 ? 6.500   8.202   -32.987 1.00 43.73 ? 140  SER A C   1 
ATOM   1041 O O   . SER A 1 139 ? 6.529   8.750   -34.089 1.00 43.90 ? 140  SER A O   1 
ATOM   1042 C CB  . SER A 1 139 ? 4.296   7.634   -31.941 1.00 42.91 ? 140  SER A CB  1 
ATOM   1043 O OG  . SER A 1 139 ? 3.593   8.592   -32.714 1.00 43.86 ? 140  SER A OG  1 
ATOM   1044 N N   . GLU A 1 140 ? 7.318   8.539   -31.994 1.00 44.38 ? 141  GLU A N   1 
ATOM   1045 C CA  . GLU A 1 140 ? 8.314   9.594   -32.162 1.00 45.57 ? 141  GLU A CA  1 
ATOM   1046 C C   . GLU A 1 140 ? 9.405   9.171   -33.137 1.00 45.20 ? 141  GLU A C   1 
ATOM   1047 O O   . GLU A 1 140 ? 9.853   9.968   -33.960 1.00 45.63 ? 141  GLU A O   1 
ATOM   1048 C CB  . GLU A 1 140 ? 8.950   9.962   -30.819 1.00 47.06 ? 141  GLU A CB  1 
ATOM   1049 C CG  . GLU A 1 140 ? 8.040   10.750  -29.891 1.00 50.00 ? 141  GLU A CG  1 
ATOM   1050 C CD  . GLU A 1 140 ? 8.758   11.231  -28.643 1.00 51.73 ? 141  GLU A CD  1 
ATOM   1051 O OE1 . GLU A 1 140 ? 9.751   11.980  -28.776 1.00 52.97 ? 141  GLU A OE1 1 
ATOM   1052 O OE2 . GLU A 1 140 ? 8.329   10.861  -27.528 1.00 52.91 ? 141  GLU A OE2 1 
ATOM   1053 N N   . GLY A 1 141 ? 9.833   7.916   -33.038 1.00 44.68 ? 142  GLY A N   1 
ATOM   1054 C CA  . GLY A 1 141 ? 10.866  7.420   -33.929 1.00 44.20 ? 142  GLY A CA  1 
ATOM   1055 C C   . GLY A 1 141 ? 10.427  7.499   -35.377 1.00 43.71 ? 142  GLY A C   1 
ATOM   1056 O O   . GLY A 1 141 ? 11.210  7.865   -36.255 1.00 44.27 ? 142  GLY A O   1 
ATOM   1057 N N   . LEU A 1 142 ? 9.166   7.159   -35.625 1.00 43.08 ? 143  LEU A N   1 
ATOM   1058 C CA  . LEU A 1 142 ? 8.612   7.189   -36.972 1.00 42.64 ? 143  LEU A CA  1 
ATOM   1059 C C   . LEU A 1 142 ? 8.346   8.622   -37.424 1.00 43.33 ? 143  LEU A C   1 
ATOM   1060 O O   . LEU A 1 142 ? 8.900   9.015   -38.472 1.00 43.27 ? 143  LEU A O   1 
ATOM   1061 C CB  . LEU A 1 142 ? 7.313   6.381   -37.019 1.00 41.46 ? 143  LEU A CB  1 
ATOM   1062 C CG  . LEU A 1 142 ? 7.439   4.899   -36.653 1.00 40.44 ? 143  LEU A CG  1 
ATOM   1063 C CD1 . LEU A 1 142 ? 6.062   4.258   -36.615 1.00 39.28 ? 143  LEU A CD1 1 
ATOM   1064 C CD2 . LEU A 1 142 ? 8.331   4.197   -37.664 1.00 39.78 ? 143  LEU A CD2 1 
ATOM   1065 N N   . LYS A 1 143 ? 7.587   9.333   -36.730 1.00 42.95 ? 144  LYS A N   1 
HETATM 1066 O O   . HOH B 2 .   ? 9.239   -9.766  -8.487  1.00 53.64 ? 2001 HOH A O   1 
HETATM 1067 O O   . HOH B 2 .   ? 5.923   -5.035  -6.862  1.00 40.03 ? 2002 HOH A O   1 
HETATM 1068 O O   . HOH B 2 .   ? 2.810   -5.726  -4.259  1.00 35.03 ? 2003 HOH A O   1 
HETATM 1069 O O   . HOH B 2 .   ? 9.639   -2.363  -5.233  1.00 46.29 ? 2004 HOH A O   1 
HETATM 1070 O O   . HOH B 2 .   ? 10.637  -8.007  -10.026 1.00 52.48 ? 2005 HOH A O   1 
HETATM 1071 O O   . HOH B 2 .   ? 9.878   -5.020  -6.882  1.00 47.99 ? 2006 HOH A O   1 
HETATM 1072 O O   . HOH B 2 .   ? 10.907  -2.838  -2.826  1.00 44.61 ? 2007 HOH A O   1 
HETATM 1073 O O   . HOH B 2 .   ? 13.236  -5.731  -5.396  1.00 59.47 ? 2008 HOH A O   1 
HETATM 1074 O O   . HOH B 2 .   ? -0.816  0.021   16.663  1.00 40.95 ? 2009 HOH A O   1 
HETATM 1075 O O   . HOH B 2 .   ? 0.661   -10.054 16.591  1.00 42.23 ? 2010 HOH A O   1 
HETATM 1076 O O   . HOH B 2 .   ? 2.465   -5.041  23.005  1.00 51.24 ? 2011 HOH A O   1 
HETATM 1077 O O   . HOH B 2 .   ? 10.968  1.477   -15.782 1.00 53.96 ? 2012 HOH A O   1 
HETATM 1078 O O   . HOH B 2 .   ? -0.036  -2.372  9.253   1.00 30.73 ? 2013 HOH A O   1 
HETATM 1079 O O   . HOH B 2 .   ? -1.413  -2.284  15.491  1.00 30.90 ? 2014 HOH A O   1 
HETATM 1080 O O   . HOH B 2 .   ? 2.406   -12.879 17.036  1.00 45.55 ? 2015 HOH A O   1 
HETATM 1081 O O   . HOH B 2 .   ? 8.901   -12.677 18.476  1.00 48.70 ? 2016 HOH A O   1 
HETATM 1082 O O   . HOH B 2 .   ? 14.476  5.501   0.960   1.00 57.70 ? 2017 HOH A O   1 
HETATM 1083 O O   . HOH B 2 .   ? 9.850   14.600  7.670   1.00 58.00 ? 2018 HOH A O   1 
HETATM 1084 O O   . HOH B 2 .   ? 3.941   -0.170  20.109  1.00 52.75 ? 2019 HOH A O   1 
HETATM 1085 O O   . HOH B 2 .   ? 3.324   3.294   20.757  1.00 46.17 ? 2020 HOH A O   1 
HETATM 1086 O O   . HOH B 2 .   ? 0.651   0.282   18.904  1.00 37.79 ? 2021 HOH A O   1 
HETATM 1087 O O   . HOH B 2 .   ? 8.935   3.360   -14.253 1.00 54.92 ? 2022 HOH A O   1 
HETATM 1088 O O   . HOH B 2 .   ? 7.526   -1.889  -12.564 1.00 48.49 ? 2023 HOH A O   1 
HETATM 1089 O O   . HOH B 2 .   ? 8.991   -5.517  -13.537 1.00 59.38 ? 2024 HOH A O   1 
HETATM 1090 O O   . HOH B 2 .   ? -1.838  -4.374  17.127  1.00 40.05 ? 2025 HOH A O   1 
HETATM 1091 O O   . HOH B 2 .   ? -0.270  -5.891  21.279  1.00 49.67 ? 2026 HOH A O   1 
HETATM 1092 O O   . HOH B 2 .   ? 12.790  -10.957 7.911   1.00 54.01 ? 2027 HOH A O   1 
HETATM 1093 O O   . HOH B 2 .   ? 15.051  -10.950 3.084   1.00 53.19 ? 2028 HOH A O   1 
HETATM 1094 O O   . HOH B 2 .   ? -3.338  3.255   19.143  1.00 46.87 ? 2029 HOH A O   1 
HETATM 1095 O O   . HOH B 2 .   ? 10.972  -13.604 -3.090  1.00 46.32 ? 2030 HOH A O   1 
HETATM 1096 O O   . HOH B 2 .   ? -5.710  18.026  -4.181  1.00 57.40 ? 2031 HOH A O   1 
HETATM 1097 O O   . HOH B 2 .   ? 5.742   -8.346  23.187  1.00 51.33 ? 2032 HOH A O   1 
HETATM 1098 O O   . HOH B 2 .   ? 4.811   -11.833 15.859  1.00 28.09 ? 2033 HOH A O   1 
HETATM 1099 O O   . HOH B 2 .   ? 6.660   -11.303 18.197  1.00 48.63 ? 2034 HOH A O   1 
HETATM 1100 O O   . HOH B 2 .   ? 7.692   -6.390  21.054  1.00 51.13 ? 2035 HOH A O   1 
HETATM 1101 O O   . HOH B 2 .   ? 15.071  -9.046  0.129   1.00 55.26 ? 2036 HOH A O   1 
HETATM 1102 O O   . HOH B 2 .   ? 12.460  -0.108  -2.246  1.00 55.19 ? 2037 HOH A O   1 
HETATM 1103 O O   . HOH B 2 .   ? 13.156  2.465   1.320   1.00 45.43 ? 2038 HOH A O   1 
HETATM 1104 O O   . HOH B 2 .   ? 15.799  0.555   1.990   1.00 54.81 ? 2039 HOH A O   1 
HETATM 1105 O O   . HOH B 2 .   ? -19.088 7.159   12.712  1.00 51.44 ? 2040 HOH A O   1 
HETATM 1106 O O   . HOH B 2 .   ? 9.458   12.146  1.827   1.00 37.94 ? 2041 HOH A O   1 
HETATM 1107 O O   . HOH B 2 .   ? 11.935  12.247  5.472   1.00 51.11 ? 2042 HOH A O   1 
HETATM 1108 O O   . HOH B 2 .   ? 6.634   14.907  7.477   1.00 49.20 ? 2043 HOH A O   1 
HETATM 1109 O O   . HOH B 2 .   ? 5.983   12.995  -0.380  1.00 40.69 ? 2044 HOH A O   1 
HETATM 1110 O O   . HOH B 2 .   ? 11.721  11.404  -2.138  1.00 56.82 ? 2045 HOH A O   1 
HETATM 1111 O O   . HOH B 2 .   ? 10.948  -1.224  16.155  1.00 47.82 ? 2046 HOH A O   1 
HETATM 1112 O O   . HOH B 2 .   ? 11.189  2.207   -5.988  1.00 41.00 ? 2047 HOH A O   1 
HETATM 1113 O O   . HOH B 2 .   ? 6.188   3.684   -14.835 1.00 38.90 ? 2048 HOH A O   1 
HETATM 1114 O O   . HOH B 2 .   ? 9.126   14.618  -9.203  1.00 59.86 ? 2049 HOH A O   1 
HETATM 1115 O O   . HOH B 2 .   ? 5.413   -4.205  -12.345 1.00 41.49 ? 2050 HOH A O   1 
HETATM 1116 O O   . HOH B 2 .   ? 11.559  -13.882 9.795   1.00 27.95 ? 2051 HOH A O   1 
HETATM 1117 O O   . HOH B 2 .   ? 10.558  -16.437 10.927  1.00 29.74 ? 2052 HOH A O   1 
HETATM 1118 O O   . HOH B 2 .   ? 6.101   -13.536 14.329  1.00 31.85 ? 2053 HOH A O   1 
HETATM 1119 O O   . HOH B 2 .   ? 6.083   -16.698 13.251  1.00 33.55 ? 2054 HOH A O   1 
HETATM 1120 O O   . HOH B 2 .   ? -3.283  1.549   17.014  1.00 47.25 ? 2055 HOH A O   1 
HETATM 1121 O O   . HOH B 2 .   ? 12.409  2.676   -27.076 1.00 51.38 ? 2056 HOH A O   1 
HETATM 1122 O O   . HOH B 2 .   ? 1.530   -16.596 3.754   1.00 22.92 ? 2057 HOH A O   1 
HETATM 1123 O O   . HOH B 2 .   ? -0.549  -11.907 9.302   1.00 35.03 ? 2058 HOH A O   1 
HETATM 1124 O O   . HOH B 2 .   ? 11.282  -9.291  2.153   1.00 29.82 ? 2059 HOH A O   1 
HETATM 1125 O O   . HOH B 2 .   ? 13.292  -10.448 5.295   1.00 47.82 ? 2060 HOH A O   1 
HETATM 1126 O O   . HOH B 2 .   ? -0.456  16.281  2.945   1.00 36.83 ? 2061 HOH A O   1 
HETATM 1127 O O   . HOH B 2 .   ? 1.859   -12.789 -4.093  1.00 30.98 ? 2062 HOH A O   1 
HETATM 1128 O O   . HOH B 2 .   ? -5.882  15.002  0.008   1.00 36.45 ? 2063 HOH A O   1 
HETATM 1129 O O   . HOH B 2 .   ? -4.232  14.899  -3.820  1.00 40.20 ? 2064 HOH A O   1 
HETATM 1130 O O   . HOH B 2 .   ? 1.768   16.116  -0.104  1.00 47.38 ? 2065 HOH A O   1 
HETATM 1131 O O   . HOH B 2 .   ? -3.734  19.256  4.939   1.00 40.52 ? 2066 HOH A O   1 
HETATM 1132 O O   . HOH B 2 .   ? 6.989   -14.095 -5.525  1.00 37.31 ? 2067 HOH A O   1 
HETATM 1133 O O   . HOH B 2 .   ? 11.075  -12.446 -0.206  1.00 48.78 ? 2068 HOH A O   1 
HETATM 1134 O O   . HOH B 2 .   ? 4.201   11.976  -11.754 1.00 60.45 ? 2069 HOH A O   1 
HETATM 1135 O O   . HOH B 2 .   ? 5.205   14.661  -6.472  1.00 45.71 ? 2070 HOH A O   1 
HETATM 1136 O O   . HOH B 2 .   ? -7.839  8.972   -6.627  1.00 30.79 ? 2071 HOH A O   1 
HETATM 1137 O O   . HOH B 2 .   ? -7.783  8.782   -9.686  1.00 53.89 ? 2072 HOH A O   1 
HETATM 1138 O O   . HOH B 2 .   ? 15.004  -7.873  -3.980  1.00 63.61 ? 2073 HOH A O   1 
HETATM 1139 O O   . HOH B 2 .   ? 13.455  -7.747  1.876   1.00 41.91 ? 2074 HOH A O   1 
HETATM 1140 O O   . HOH B 2 .   ? 9.747   -3.681  -0.471  1.00 26.42 ? 2075 HOH A O   1 
HETATM 1141 O O   . HOH B 2 .   ? 13.171  -0.631  0.536   1.00 38.76 ? 2076 HOH A O   1 
HETATM 1142 O O   . HOH B 2 .   ? 13.057  -1.052  5.657   1.00 52.35 ? 2077 HOH A O   1 
HETATM 1143 O O   . HOH B 2 .   ? 12.614  -1.157  9.789   1.00 58.31 ? 2078 HOH A O   1 
HETATM 1144 O O   . HOH B 2 .   ? 10.644  -4.028  11.264  1.00 49.86 ? 2079 HOH A O   1 
HETATM 1145 O O   . HOH B 2 .   ? 12.297  -4.176  6.157   1.00 39.86 ? 2080 HOH A O   1 
HETATM 1146 O O   . HOH B 2 .   ? -15.669 8.575   11.184  1.00 46.22 ? 2081 HOH A O   1 
HETATM 1147 O O   . HOH B 2 .   ? -20.461 3.292   13.584  1.00 59.93 ? 2082 HOH A O   1 
HETATM 1148 O O   . HOH B 2 .   ? -20.613 6.613   15.307  1.00 58.71 ? 2083 HOH A O   1 
HETATM 1149 O O   . HOH B 2 .   ? 11.564  0.904   11.302  1.00 42.98 ? 2084 HOH A O   1 
HETATM 1150 O O   . HOH B 2 .   ? -8.133  2.684   18.989  1.00 60.96 ? 2085 HOH A O   1 
HETATM 1151 O O   . HOH B 2 .   ? 10.220  8.780   12.697  1.00 57.62 ? 2086 HOH A O   1 
HETATM 1152 O O   . HOH B 2 .   ? -18.361 7.764   8.583   1.00 45.60 ? 2087 HOH A O   1 
HETATM 1153 O O   . HOH B 2 .   ? 6.834   13.374  9.559   1.00 39.64 ? 2088 HOH A O   1 
HETATM 1154 O O   . HOH B 2 .   ? 9.343   11.387  4.410   1.00 34.21 ? 2089 HOH A O   1 
HETATM 1155 O O   . HOH B 2 .   ? -20.399 8.135   4.385   1.00 48.55 ? 2090 HOH A O   1 
HETATM 1156 O O   . HOH B 2 .   ? -14.226 3.618   -4.282  1.00 41.83 ? 2091 HOH A O   1 
HETATM 1157 O O   . HOH B 2 .   ? 12.721  5.434   11.229  1.00 51.27 ? 2092 HOH A O   1 
HETATM 1158 O O   . HOH B 2 .   ? 8.403   10.585  -1.162  1.00 46.94 ? 2093 HOH A O   1 
HETATM 1159 O O   . HOH B 2 .   ? -13.034 -8.914  10.162  1.00 42.38 ? 2094 HOH A O   1 
HETATM 1160 O O   . HOH B 2 .   ? -7.418  -3.211  17.508  1.00 39.59 ? 2095 HOH A O   1 
HETATM 1161 O O   . HOH B 2 .   ? 12.453  2.641   -1.961  1.00 57.41 ? 2096 HOH A O   1 
HETATM 1162 O O   . HOH B 2 .   ? -11.601 -16.212 10.090  1.00 59.15 ? 2097 HOH A O   1 
HETATM 1163 O O   . HOH B 2 .   ? 9.972   4.646   -5.249  1.00 45.51 ? 2098 HOH A O   1 
HETATM 1164 O O   . HOH B 2 .   ? -14.871 -11.740 7.138   1.00 42.18 ? 2099 HOH A O   1 
HETATM 1165 O O   . HOH B 2 .   ? 4.995   5.391   -12.763 1.00 40.11 ? 2100 HOH A O   1 
HETATM 1166 O O   . HOH B 2 .   ? 7.196   10.570  -7.789  1.00 38.90 ? 2101 HOH A O   1 
HETATM 1167 O O   . HOH B 2 .   ? -4.138  -13.993 -6.719  1.00 53.01 ? 2102 HOH A O   1 
HETATM 1168 O O   . HOH B 2 .   ? 12.095  2.219   -10.188 1.00 51.01 ? 2103 HOH A O   1 
HETATM 1169 O O   . HOH B 2 .   ? 9.756   -0.171  -7.062  1.00 32.79 ? 2104 HOH A O   1 
HETATM 1170 O O   . HOH B 2 .   ? 3.864   -3.897  -10.113 1.00 33.41 ? 2105 HOH A O   1 
HETATM 1171 O O   . HOH B 2 .   ? 7.351   -1.000  -15.509 1.00 48.28 ? 2106 HOH A O   1 
HETATM 1172 O O   . HOH B 2 .   ? 5.389   -8.403  -13.533 1.00 54.99 ? 2107 HOH A O   1 
HETATM 1173 O O   . HOH B 2 .   ? 0.314   6.269   -26.198 1.00 50.54 ? 2108 HOH A O   1 
HETATM 1174 O O   . HOH B 2 .   ? -4.669  0.968   14.845  1.00 27.69 ? 2109 HOH A O   1 
HETATM 1175 O O   . HOH B 2 .   ? 10.281  0.952   -26.570 1.00 52.97 ? 2110 HOH A O   1 
HETATM 1176 O O   . HOH B 2 .   ? -0.094  1.102   14.368  1.00 28.95 ? 2111 HOH A O   1 
HETATM 1177 O O   . HOH B 2 .   ? -9.996  7.814   19.940  1.00 48.73 ? 2112 HOH A O   1 
HETATM 1178 O O   . HOH B 2 .   ? -4.568  6.881   19.463  1.00 45.05 ? 2113 HOH A O   1 
HETATM 1179 O O   . HOH B 2 .   ? -1.056  10.300  15.826  1.00 30.72 ? 2114 HOH A O   1 
HETATM 1180 O O   . HOH B 2 .   ? -2.482  8.149   15.189  1.00 35.41 ? 2115 HOH A O   1 
HETATM 1181 O O   . HOH B 2 .   ? -0.598  5.425   17.413  1.00 42.39 ? 2116 HOH A O   1 
HETATM 1182 O O   . HOH B 2 .   ? -0.557  12.453  13.018  1.00 47.80 ? 2117 HOH A O   1 
HETATM 1183 O O   . HOH B 2 .   ? 4.874   6.835   14.485  1.00 27.96 ? 2118 HOH A O   1 
HETATM 1184 O O   . HOH B 2 .   ? 4.442   7.505   11.625  1.00 26.24 ? 2119 HOH A O   1 
HETATM 1185 O O   . HOH B 2 .   ? -0.755  14.306  4.688   1.00 29.66 ? 2120 HOH A O   1 
HETATM 1186 O O   . HOH B 2 .   ? -3.326  14.498  -1.441  1.00 30.26 ? 2121 HOH A O   1 
HETATM 1187 O O   . HOH B 2 .   ? -3.211  16.890  3.832   1.00 39.91 ? 2122 HOH A O   1 
HETATM 1188 O O   . HOH B 2 .   ? -0.502  15.810  6.973   1.00 47.23 ? 2123 HOH A O   1 
HETATM 1189 O O   . HOH B 2 .   ? -4.472  12.618  9.040   1.00 23.24 ? 2124 HOH A O   1 
HETATM 1190 O O   . HOH B 2 .   ? 1.170   17.837  5.761   1.00 50.25 ? 2125 HOH A O   1 
HETATM 1191 O O   . HOH B 2 .   ? 3.515   13.711  -1.541  1.00 31.39 ? 2126 HOH A O   1 
HETATM 1192 O O   . HOH B 2 .   ? 4.382   16.436  6.917   1.00 43.93 ? 2127 HOH A O   1 
HETATM 1193 O O   . HOH B 2 .   ? 7.391   18.128  4.225   1.00 59.98 ? 2128 HOH A O   1 
HETATM 1194 O O   . HOH B 2 .   ? -2.963  13.455  -6.681  1.00 45.63 ? 2129 HOH A O   1 
HETATM 1195 O O   . HOH B 2 .   ? 4.731   12.309  -8.403  1.00 36.30 ? 2130 HOH A O   1 
HETATM 1196 O O   . HOH B 2 .   ? -6.565  6.752   -5.585  1.00 22.69 ? 2131 HOH A O   1 
HETATM 1197 O O   . HOH B 2 .   ? -4.861  3.815   -14.028 1.00 47.52 ? 2132 HOH A O   1 
HETATM 1198 O O   . HOH B 2 .   ? -7.326  6.004   -11.054 1.00 44.02 ? 2133 HOH A O   1 
HETATM 1199 O O   . HOH B 2 .   ? -3.063  6.108   -3.739  1.00 24.65 ? 2134 HOH A O   1 
HETATM 1200 O O   . HOH B 2 .   ? -4.704  4.005   -2.628  1.00 18.00 ? 2135 HOH A O   1 
HETATM 1201 O O   . HOH B 2 .   ? -16.905 0.533   13.578  1.00 48.60 ? 2136 HOH A O   1 
HETATM 1202 O O   . HOH B 2 .   ? -11.059 -1.357  18.068  1.00 55.34 ? 2137 HOH A O   1 
HETATM 1203 O O   . HOH B 2 .   ? -13.638 5.643   17.531  1.00 49.08 ? 2138 HOH A O   1 
HETATM 1204 O O   . HOH B 2 .   ? -14.382 5.936   12.702  1.00 32.77 ? 2139 HOH A O   1 
HETATM 1205 O O   . HOH B 2 .   ? -16.805 3.535   15.411  1.00 51.73 ? 2140 HOH A O   1 
HETATM 1206 O O   . HOH B 2 .   ? -11.132 3.360   17.881  1.00 52.19 ? 2141 HOH A O   1 
HETATM 1207 O O   . HOH B 2 .   ? -12.710 6.632   15.063  1.00 35.33 ? 2142 HOH A O   1 
HETATM 1208 O O   . HOH B 2 .   ? -7.433  1.636   14.620  1.00 22.00 ? 2143 HOH A O   1 
HETATM 1209 O O   . HOH B 2 .   ? -17.493 6.289   6.683   1.00 29.20 ? 2144 HOH A O   1 
HETATM 1210 O O   . HOH B 2 .   ? -18.270 1.810   8.095   1.00 37.73 ? 2145 HOH A O   1 
HETATM 1211 O O   . HOH B 2 .   ? -17.336 10.221  6.848   1.00 43.68 ? 2146 HOH A O   1 
HETATM 1212 O O   . HOH B 2 .   ? -18.986 11.351  4.250   1.00 46.81 ? 2147 HOH A O   1 
HETATM 1213 O O   . HOH B 2 .   ? -10.831 4.102   -3.784  1.00 20.65 ? 2148 HOH A O   1 
HETATM 1214 O O   . HOH B 2 .   ? -12.257 9.233   -5.049  1.00 47.60 ? 2149 HOH A O   1 
HETATM 1215 O O   . HOH B 2 .   ? -14.678 7.380   -4.625  1.00 38.03 ? 2150 HOH A O   1 
HETATM 1216 O O   . HOH B 2 .   ? -17.724 7.238   4.223   1.00 39.38 ? 2151 HOH A O   1 
HETATM 1217 O O   . HOH B 2 .   ? -9.953  10.108  4.376   1.00 37.49 ? 2152 HOH A O   1 
HETATM 1218 O O   . HOH B 2 .   ? -8.487  12.476  2.581   1.00 30.99 ? 2153 HOH A O   1 
HETATM 1219 O O   . HOH B 2 .   ? -12.463 13.504  3.524   1.00 36.28 ? 2154 HOH A O   1 
HETATM 1220 O O   . HOH B 2 .   ? -9.149  12.629  -1.985  1.00 28.39 ? 2155 HOH A O   1 
HETATM 1221 O O   . HOH B 2 .   ? -15.097 13.157  0.507   1.00 44.61 ? 2156 HOH A O   1 
HETATM 1222 O O   . HOH B 2 .   ? -7.231  3.305   -4.831  1.00 30.52 ? 2157 HOH A O   1 
HETATM 1223 O O   . HOH B 2 .   ? -8.731  -2.602  -8.566  1.00 13.05 ? 2158 HOH A O   1 
HETATM 1224 O O   . HOH B 2 .   ? -10.609 1.119   -4.039  1.00 18.18 ? 2159 HOH A O   1 
HETATM 1225 O O   . HOH B 2 .   ? -7.927  -5.482  -1.604  1.00 20.01 ? 2160 HOH A O   1 
HETATM 1226 O O   . HOH B 2 .   ? -13.285 -3.425  2.255   1.00 44.13 ? 2161 HOH A O   1 
HETATM 1227 O O   . HOH B 2 .   ? -10.330 -8.748  8.981   1.00 28.69 ? 2162 HOH A O   1 
HETATM 1228 O O   . HOH B 2 .   ? -11.123 -6.712  7.029   1.00 31.50 ? 2163 HOH A O   1 
HETATM 1229 O O   . HOH B 2 .   ? -4.611  -2.856  17.541  1.00 49.74 ? 2164 HOH A O   1 
HETATM 1230 O O   . HOH B 2 .   ? -10.306 -4.209  16.493  1.00 33.55 ? 2165 HOH A O   1 
HETATM 1231 O O   . HOH B 2 .   ? -11.835 -8.430  12.501  1.00 38.42 ? 2166 HOH A O   1 
HETATM 1232 O O   . HOH B 2 .   ? -4.402  -8.994  12.893  1.00 46.00 ? 2167 HOH A O   1 
HETATM 1233 O O   . HOH B 2 .   ? -9.743  -12.003 8.931   1.00 30.70 ? 2168 HOH A O   1 
HETATM 1234 O O   . HOH B 2 .   ? -4.064  -16.711 10.573  1.00 37.12 ? 2169 HOH A O   1 
HETATM 1235 O O   . HOH B 2 .   ? -9.619  -19.814 5.571   1.00 49.60 ? 2170 HOH A O   1 
HETATM 1236 O O   . HOH B 2 .   ? -4.637  -16.354 1.242   1.00 34.77 ? 2171 HOH A O   1 
HETATM 1237 O O   . HOH B 2 .   ? -4.885  -17.480 7.435   1.00 36.25 ? 2172 HOH A O   1 
HETATM 1238 O O   . HOH B 2 .   ? -12.186 -11.717 5.315   1.00 51.28 ? 2173 HOH A O   1 
HETATM 1239 O O   . HOH B 2 .   ? -9.010  -10.152 2.569   1.00 40.59 ? 2174 HOH A O   1 
HETATM 1240 O O   . HOH B 2 .   ? -10.454 -11.450 0.023   1.00 22.98 ? 2175 HOH A O   1 
HETATM 1241 O O   . HOH B 2 .   ? -6.752  -11.634 -3.909  1.00 16.92 ? 2176 HOH A O   1 
HETATM 1242 O O   . HOH B 2 .   ? -9.084  -5.814  2.311   1.00 31.49 ? 2177 HOH A O   1 
HETATM 1243 O O   . HOH B 2 .   ? -5.190  -11.333 -6.730  1.00 52.33 ? 2178 HOH A O   1 
HETATM 1244 O O   . HOH B 2 .   ? 0.323   -18.120 -0.978  1.00 43.21 ? 2179 HOH A O   1 
HETATM 1245 O O   . HOH B 2 .   ? 1.144   -10.582 -6.013  1.00 41.53 ? 2180 HOH A O   1 
HETATM 1246 O O   . HOH B 2 .   ? 4.096   -6.293  -8.746  1.00 50.29 ? 2181 HOH A O   1 
HETATM 1247 O O   . HOH B 2 .   ? -1.403  -10.139 -7.274  1.00 28.96 ? 2182 HOH A O   1 
HETATM 1248 O O   . HOH B 2 .   ? -4.844  -9.574  -13.896 1.00 44.76 ? 2183 HOH A O   1 
HETATM 1249 O O   . HOH B 2 .   ? -7.249  -10.537 -8.122  1.00 28.57 ? 2184 HOH A O   1 
HETATM 1250 O O   . HOH B 2 .   ? -7.700  5.038   -7.838  1.00 37.75 ? 2185 HOH A O   1 
HETATM 1251 O O   . HOH B 2 .   ? -4.761  3.252   -5.771  1.00 27.51 ? 2186 HOH A O   1 
HETATM 1252 O O   . HOH B 2 .   ? 3.770   -4.302  -14.401 1.00 33.77 ? 2187 HOH A O   1 
HETATM 1253 O O   . HOH B 2 .   ? -3.607  -11.325 -11.210 1.00 51.72 ? 2188 HOH A O   1 
HETATM 1254 O O   . HOH B 2 .   ? 5.752   1.278   -15.968 1.00 29.33 ? 2189 HOH A O   1 
HETATM 1255 O O   . HOH B 2 .   ? -1.510  -8.604  -17.279 1.00 50.42 ? 2190 HOH A O   1 
HETATM 1256 O O   . HOH B 2 .   ? 4.159   -6.735  -15.207 1.00 46.75 ? 2191 HOH A O   1 
HETATM 1257 O O   . HOH B 2 .   ? -3.071  -1.438  -19.443 1.00 42.94 ? 2192 HOH A O   1 
HETATM 1258 O O   . HOH B 2 .   ? -1.505  3.329   -16.288 1.00 42.56 ? 2193 HOH A O   1 
HETATM 1259 O O   . HOH B 2 .   ? 8.155   0.843   -22.330 1.00 35.27 ? 2194 HOH A O   1 
HETATM 1260 O O   . HOH B 2 .   ? 6.304   -4.227  -17.734 1.00 58.82 ? 2195 HOH A O   1 
HETATM 1261 O O   . HOH B 2 .   ? -1.642  7.452   -24.308 1.00 45.27 ? 2196 HOH A O   1 
HETATM 1262 O O   . HOH B 2 .   ? 0.886   6.604   -18.787 1.00 42.92 ? 2197 HOH A O   1 
HETATM 1263 O O   . HOH B 2 .   ? 6.660   4.117   -17.766 1.00 41.38 ? 2198 HOH A O   1 
HETATM 1264 O O   . HOH B 2 .   ? 8.169   7.201   -24.383 1.00 51.49 ? 2199 HOH A O   1 
HETATM 1265 O O   . HOH B 2 .   ? 8.584   1.149   -28.628 1.00 37.66 ? 2200 HOH A O   1 
HETATM 1266 O O   . HOH B 2 .   ? 9.358   2.379   -24.348 1.00 48.90 ? 2201 HOH A O   1 
HETATM 1267 O O   . HOH B 2 .   ? 6.512   8.565   -22.799 1.00 56.09 ? 2202 HOH A O   1 
HETATM 1268 O O   . HOH B 2 .   ? 10.658  4.413   -33.269 1.00 42.24 ? 2203 HOH A O   1 
HETATM 1269 O O   . HOH B 2 .   ? 10.516  10.102  -41.144 1.00 43.03 ? 2204 HOH A O   1 
# 
